data_6K5X
# 
_entry.id   6K5X 
# 
_audit_conform.dict_name       mmcif_pdbx.dic 
_audit_conform.dict_version    5.387 
_audit_conform.dict_location   http://mmcif.pdb.org/dictionaries/ascii/mmcif_pdbx.dic 
# 
loop_
_database_2.database_id 
_database_2.database_code 
_database_2.pdbx_database_accession 
_database_2.pdbx_DOI 
PDB   6K5X         pdb_00006k5x 10.2210/pdb6k5x/pdb 
WWPDB D_1300012211 ?            ?                   
# 
loop_
_pdbx_audit_revision_history.ordinal 
_pdbx_audit_revision_history.data_content_type 
_pdbx_audit_revision_history.major_revision 
_pdbx_audit_revision_history.minor_revision 
_pdbx_audit_revision_history.revision_date 
1 'Structure model' 1 0 2020-06-03 
2 'Structure model' 1 1 2024-03-27 
# 
_pdbx_audit_revision_details.ordinal             1 
_pdbx_audit_revision_details.revision_ordinal    1 
_pdbx_audit_revision_details.data_content_type   'Structure model' 
_pdbx_audit_revision_details.provider            repository 
_pdbx_audit_revision_details.type                'Initial release' 
_pdbx_audit_revision_details.description         ? 
_pdbx_audit_revision_details.details             ? 
# 
loop_
_pdbx_audit_revision_group.ordinal 
_pdbx_audit_revision_group.revision_ordinal 
_pdbx_audit_revision_group.data_content_type 
_pdbx_audit_revision_group.group 
1 2 'Structure model' 'Data collection'     
2 2 'Structure model' 'Database references' 
# 
loop_
_pdbx_audit_revision_category.ordinal 
_pdbx_audit_revision_category.revision_ordinal 
_pdbx_audit_revision_category.data_content_type 
_pdbx_audit_revision_category.category 
1 2 'Structure model' chem_comp_atom 
2 2 'Structure model' chem_comp_bond 
3 2 'Structure model' database_2     
# 
loop_
_pdbx_audit_revision_item.ordinal 
_pdbx_audit_revision_item.revision_ordinal 
_pdbx_audit_revision_item.data_content_type 
_pdbx_audit_revision_item.item 
1 2 'Structure model' '_database_2.pdbx_DOI'                
2 2 'Structure model' '_database_2.pdbx_database_accession' 
# 
_pdbx_database_status.status_code                     REL 
_pdbx_database_status.status_code_sf                  REL 
_pdbx_database_status.status_code_mr                  ? 
_pdbx_database_status.entry_id                        6K5X 
_pdbx_database_status.recvd_initial_deposition_date   2019-05-31 
_pdbx_database_status.SG_entry                        N 
_pdbx_database_status.deposit_site                    PDBJ 
_pdbx_database_status.process_site                    PDBJ 
_pdbx_database_status.status_code_cs                  ? 
_pdbx_database_status.methods_development_category    ? 
_pdbx_database_status.pdb_format_compatible           Y 
_pdbx_database_status.status_code_nmr_data            ? 
# 
loop_
_audit_author.name 
_audit_author.pdbx_ordinal 
_audit_author.identifier_ORCID 
'Xia, B.'   1 0000-0002-2197-6403 
'Huang, Q.' 2 ?                   
# 
_citation.abstract                  ? 
_citation.abstract_id_CAS           ? 
_citation.book_id_ISBN              ? 
_citation.book_publisher            ? 
_citation.book_publisher_city       ? 
_citation.book_title                ? 
_citation.coordinate_linkage        ? 
_citation.country                   ? 
_citation.database_id_Medline       ? 
_citation.details                   ? 
_citation.id                        primary 
_citation.journal_abbrev            'To Be Published' 
_citation.journal_id_ASTM           ? 
_citation.journal_id_CSD            0353 
_citation.journal_id_ISSN           ? 
_citation.journal_full              ? 
_citation.journal_issue             ? 
_citation.journal_volume            ? 
_citation.language                  ? 
_citation.page_first                ? 
_citation.page_last                 ? 
_citation.title                     'Crystal Structure of the DNA-Binding Domain of GapR' 
_citation.year                      ? 
_citation.database_id_CSD           ? 
_citation.pdbx_database_id_DOI      ? 
_citation.pdbx_database_id_PubMed   ? 
_citation.unpublished_flag          ? 
# 
loop_
_citation_author.citation_id 
_citation_author.name 
_citation_author.ordinal 
_citation_author.identifier_ORCID 
primary 'Xia, B.'   1 0000-0002-2197-6403 
primary 'Huang, Q.' 2 ?                   
# 
loop_
_entity.id 
_entity.type 
_entity.src_method 
_entity.pdbx_description 
_entity.formula_weight 
_entity.pdbx_number_of_molecules 
_entity.pdbx_ec 
_entity.pdbx_mutation 
_entity.pdbx_fragment 
_entity.details 
1 polymer     man 'UPF0335 protein CCNA_03428' 9321.704 1  ? ? ? ? 
2 non-polymer syn 'SULFATE ION'                96.063   1  ? ? ? ? 
3 water       nat water                        18.015   13 ? ? ? ? 
# 
_entity_poly.entity_id                      1 
_entity_poly.type                           'polypeptide(L)' 
_entity_poly.nstd_linkage                   no 
_entity_poly.nstd_monomer                   no 
_entity_poly.pdbx_seq_one_letter_code       MADDAIPHTDVLNSTAQGQLKSIIERVERLEVEKAEIMEQIKEVYAEAKGNGFDVKVLKKVVRIRKQDRAKRLEHHHHHH 
_entity_poly.pdbx_seq_one_letter_code_can   MADDAIPHTDVLNSTAQGQLKSIIERVERLEVEKAEIMEQIKEVYAEAKGNGFDVKVLKKVVRIRKQDRAKRLEHHHHHH 
_entity_poly.pdbx_strand_id                 A 
_entity_poly.pdbx_target_identifier         ? 
# 
loop_
_pdbx_entity_nonpoly.entity_id 
_pdbx_entity_nonpoly.name 
_pdbx_entity_nonpoly.comp_id 
2 'SULFATE ION' SO4 
3 water         HOH 
# 
loop_
_entity_poly_seq.entity_id 
_entity_poly_seq.num 
_entity_poly_seq.mon_id 
_entity_poly_seq.hetero 
1 1  MET n 
1 2  ALA n 
1 3  ASP n 
1 4  ASP n 
1 5  ALA n 
1 6  ILE n 
1 7  PRO n 
1 8  HIS n 
1 9  THR n 
1 10 ASP n 
1 11 VAL n 
1 12 LEU n 
1 13 ASN n 
1 14 SER n 
1 15 THR n 
1 16 ALA n 
1 17 GLN n 
1 18 GLY n 
1 19 GLN n 
1 20 LEU n 
1 21 LYS n 
1 22 SER n 
1 23 ILE n 
1 24 ILE n 
1 25 GLU n 
1 26 ARG n 
1 27 VAL n 
1 28 GLU n 
1 29 ARG n 
1 30 LEU n 
1 31 GLU n 
1 32 VAL n 
1 33 GLU n 
1 34 LYS n 
1 35 ALA n 
1 36 GLU n 
1 37 ILE n 
1 38 MET n 
1 39 GLU n 
1 40 GLN n 
1 41 ILE n 
1 42 LYS n 
1 43 GLU n 
1 44 VAL n 
1 45 TYR n 
1 46 ALA n 
1 47 GLU n 
1 48 ALA n 
1 49 LYS n 
1 50 GLY n 
1 51 ASN n 
1 52 GLY n 
1 53 PHE n 
1 54 ASP n 
1 55 VAL n 
1 56 LYS n 
1 57 VAL n 
1 58 LEU n 
1 59 LYS n 
1 60 LYS n 
1 61 VAL n 
1 62 VAL n 
1 63 ARG n 
1 64 ILE n 
1 65 ARG n 
1 66 LYS n 
1 67 GLN n 
1 68 ASP n 
1 69 ARG n 
1 70 ALA n 
1 71 LYS n 
1 72 ARG n 
1 73 LEU n 
1 74 GLU n 
1 75 HIS n 
1 76 HIS n 
1 77 HIS n 
1 78 HIS n 
1 79 HIS n 
1 80 HIS n 
# 
_entity_src_gen.entity_id                          1 
_entity_src_gen.pdbx_src_id                        1 
_entity_src_gen.pdbx_alt_source_flag               sample 
_entity_src_gen.pdbx_seq_type                      'Biological sequence' 
_entity_src_gen.pdbx_beg_seq_num                   1 
_entity_src_gen.pdbx_end_seq_num                   80 
_entity_src_gen.gene_src_common_name               ? 
_entity_src_gen.gene_src_genus                     ? 
_entity_src_gen.pdbx_gene_src_gene                 CCNA_03428 
_entity_src_gen.gene_src_species                   ? 
_entity_src_gen.gene_src_strain                    'NA1000 / CB15N' 
_entity_src_gen.gene_src_tissue                    ? 
_entity_src_gen.gene_src_tissue_fraction           ? 
_entity_src_gen.gene_src_details                   ? 
_entity_src_gen.pdbx_gene_src_fragment             ? 
_entity_src_gen.pdbx_gene_src_scientific_name      'Caulobacter vibrioides (strain NA1000 / CB15N)' 
_entity_src_gen.pdbx_gene_src_ncbi_taxonomy_id     565050 
_entity_src_gen.pdbx_gene_src_variant              NA1000 
_entity_src_gen.pdbx_gene_src_cell_line            ? 
_entity_src_gen.pdbx_gene_src_atcc                 ? 
_entity_src_gen.pdbx_gene_src_organ                ? 
_entity_src_gen.pdbx_gene_src_organelle            ? 
_entity_src_gen.pdbx_gene_src_cell                 ? 
_entity_src_gen.pdbx_gene_src_cellular_location    ? 
_entity_src_gen.host_org_common_name               ? 
_entity_src_gen.pdbx_host_org_scientific_name      'Escherichia coli' 
_entity_src_gen.pdbx_host_org_ncbi_taxonomy_id     562 
_entity_src_gen.host_org_genus                     ? 
_entity_src_gen.pdbx_host_org_gene                 ? 
_entity_src_gen.pdbx_host_org_organ                ? 
_entity_src_gen.host_org_species                   ? 
_entity_src_gen.pdbx_host_org_tissue               ? 
_entity_src_gen.pdbx_host_org_tissue_fraction      ? 
_entity_src_gen.pdbx_host_org_strain               ? 
_entity_src_gen.pdbx_host_org_variant              ? 
_entity_src_gen.pdbx_host_org_cell_line            ? 
_entity_src_gen.pdbx_host_org_atcc                 ? 
_entity_src_gen.pdbx_host_org_culture_collection   ? 
_entity_src_gen.pdbx_host_org_cell                 ? 
_entity_src_gen.pdbx_host_org_organelle            ? 
_entity_src_gen.pdbx_host_org_cellular_location    ? 
_entity_src_gen.pdbx_host_org_vector_type          ? 
_entity_src_gen.pdbx_host_org_vector               ? 
_entity_src_gen.host_org_details                   ? 
_entity_src_gen.expression_system_id               ? 
_entity_src_gen.plasmid_name                       ? 
_entity_src_gen.plasmid_details                    ? 
_entity_src_gen.pdbx_description                   ? 
# 
loop_
_chem_comp.id 
_chem_comp.type 
_chem_comp.mon_nstd_flag 
_chem_comp.name 
_chem_comp.pdbx_synonyms 
_chem_comp.formula 
_chem_comp.formula_weight 
ALA 'L-peptide linking' y ALANINE         ? 'C3 H7 N O2'     89.093  
ARG 'L-peptide linking' y ARGININE        ? 'C6 H15 N4 O2 1' 175.209 
ASN 'L-peptide linking' y ASPARAGINE      ? 'C4 H8 N2 O3'    132.118 
ASP 'L-peptide linking' y 'ASPARTIC ACID' ? 'C4 H7 N O4'     133.103 
GLN 'L-peptide linking' y GLUTAMINE       ? 'C5 H10 N2 O3'   146.144 
GLU 'L-peptide linking' y 'GLUTAMIC ACID' ? 'C5 H9 N O4'     147.129 
GLY 'peptide linking'   y GLYCINE         ? 'C2 H5 N O2'     75.067  
HIS 'L-peptide linking' y HISTIDINE       ? 'C6 H10 N3 O2 1' 156.162 
HOH non-polymer         . WATER           ? 'H2 O'           18.015  
ILE 'L-peptide linking' y ISOLEUCINE      ? 'C6 H13 N O2'    131.173 
LEU 'L-peptide linking' y LEUCINE         ? 'C6 H13 N O2'    131.173 
LYS 'L-peptide linking' y LYSINE          ? 'C6 H15 N2 O2 1' 147.195 
MET 'L-peptide linking' y METHIONINE      ? 'C5 H11 N O2 S'  149.211 
PHE 'L-peptide linking' y PHENYLALANINE   ? 'C9 H11 N O2'    165.189 
PRO 'L-peptide linking' y PROLINE         ? 'C5 H9 N O2'     115.130 
SER 'L-peptide linking' y SERINE          ? 'C3 H7 N O3'     105.093 
SO4 non-polymer         . 'SULFATE ION'   ? 'O4 S -2'        96.063  
THR 'L-peptide linking' y THREONINE       ? 'C4 H9 N O3'     119.119 
TYR 'L-peptide linking' y TYROSINE        ? 'C9 H11 N O3'    181.189 
VAL 'L-peptide linking' y VALINE          ? 'C5 H11 N O2'    117.146 
# 
loop_
_pdbx_poly_seq_scheme.asym_id 
_pdbx_poly_seq_scheme.entity_id 
_pdbx_poly_seq_scheme.seq_id 
_pdbx_poly_seq_scheme.mon_id 
_pdbx_poly_seq_scheme.ndb_seq_num 
_pdbx_poly_seq_scheme.pdb_seq_num 
_pdbx_poly_seq_scheme.auth_seq_num 
_pdbx_poly_seq_scheme.pdb_mon_id 
_pdbx_poly_seq_scheme.auth_mon_id 
_pdbx_poly_seq_scheme.pdb_strand_id 
_pdbx_poly_seq_scheme.pdb_ins_code 
_pdbx_poly_seq_scheme.hetero 
A 1 1  MET 1  1  ?  ?   ?   A . n 
A 1 2  ALA 2  2  ?  ?   ?   A . n 
A 1 3  ASP 3  3  ?  ?   ?   A . n 
A 1 4  ASP 4  4  ?  ?   ?   A . n 
A 1 5  ALA 5  5  ?  ?   ?   A . n 
A 1 6  ILE 6  6  ?  ?   ?   A . n 
A 1 7  PRO 7  7  ?  ?   ?   A . n 
A 1 8  HIS 8  8  8  HIS HIS A . n 
A 1 9  THR 9  9  9  THR THR A . n 
A 1 10 ASP 10 10 10 ASP ASP A . n 
A 1 11 VAL 11 11 11 VAL VAL A . n 
A 1 12 LEU 12 12 12 LEU LEU A . n 
A 1 13 ASN 13 13 13 ASN ASN A . n 
A 1 14 SER 14 14 14 SER SER A . n 
A 1 15 THR 15 15 15 THR THR A . n 
A 1 16 ALA 16 16 16 ALA ALA A . n 
A 1 17 GLN 17 17 17 GLN GLN A . n 
A 1 18 GLY 18 18 18 GLY GLY A . n 
A 1 19 GLN 19 19 19 GLN GLN A . n 
A 1 20 LEU 20 20 20 LEU LEU A . n 
A 1 21 LYS 21 21 21 LYS LYS A . n 
A 1 22 SER 22 22 22 SER SER A . n 
A 1 23 ILE 23 23 23 ILE ILE A . n 
A 1 24 ILE 24 24 24 ILE ILE A . n 
A 1 25 GLU 25 25 25 GLU GLU A . n 
A 1 26 ARG 26 26 26 ARG ARG A . n 
A 1 27 VAL 27 27 27 VAL VAL A . n 
A 1 28 GLU 28 28 28 GLU GLU A . n 
A 1 29 ARG 29 29 29 ARG ARG A . n 
A 1 30 LEU 30 30 30 LEU LEU A . n 
A 1 31 GLU 31 31 31 GLU GLU A . n 
A 1 32 VAL 32 32 32 VAL VAL A . n 
A 1 33 GLU 33 33 33 GLU GLU A . n 
A 1 34 LYS 34 34 34 LYS LYS A . n 
A 1 35 ALA 35 35 35 ALA ALA A . n 
A 1 36 GLU 36 36 36 GLU GLU A . n 
A 1 37 ILE 37 37 37 ILE ILE A . n 
A 1 38 MET 38 38 38 MET MET A . n 
A 1 39 GLU 39 39 39 GLU GLU A . n 
A 1 40 GLN 40 40 40 GLN GLN A . n 
A 1 41 ILE 41 41 41 ILE ILE A . n 
A 1 42 LYS 42 42 42 LYS LYS A . n 
A 1 43 GLU 43 43 43 GLU GLU A . n 
A 1 44 VAL 44 44 44 VAL VAL A . n 
A 1 45 TYR 45 45 45 TYR TYR A . n 
A 1 46 ALA 46 46 46 ALA ALA A . n 
A 1 47 GLU 47 47 47 GLU GLU A . n 
A 1 48 ALA 48 48 48 ALA ALA A . n 
A 1 49 LYS 49 49 49 LYS LYS A . n 
A 1 50 GLY 50 50 50 GLY GLY A . n 
A 1 51 ASN 51 51 51 ASN ASN A . n 
A 1 52 GLY 52 52 52 GLY GLY A . n 
A 1 53 PHE 53 53 53 PHE PHE A . n 
A 1 54 ASP 54 54 54 ASP ASP A . n 
A 1 55 VAL 55 55 55 VAL VAL A . n 
A 1 56 LYS 56 56 56 LYS LYS A . n 
A 1 57 VAL 57 57 57 VAL VAL A . n 
A 1 58 LEU 58 58 58 LEU LEU A . n 
A 1 59 LYS 59 59 59 LYS LYS A . n 
A 1 60 LYS 60 60 60 LYS LYS A . n 
A 1 61 VAL 61 61 61 VAL VAL A . n 
A 1 62 VAL 62 62 62 VAL VAL A . n 
A 1 63 ARG 63 63 63 ARG ARG A . n 
A 1 64 ILE 64 64 64 ILE ILE A . n 
A 1 65 ARG 65 65 65 ARG ARG A . n 
A 1 66 LYS 66 66 66 LYS LYS A . n 
A 1 67 GLN 67 67 67 GLN GLN A . n 
A 1 68 ASP 68 68 68 ASP ASP A . n 
A 1 69 ARG 69 69 69 ARG ARG A . n 
A 1 70 ALA 70 70 70 ALA ALA A . n 
A 1 71 LYS 71 71 71 LYS LYS A . n 
A 1 72 ARG 72 72 72 ARG ARG A . n 
A 1 73 LEU 73 73 ?  ?   ?   A . n 
A 1 74 GLU 74 74 ?  ?   ?   A . n 
A 1 75 HIS 75 75 ?  ?   ?   A . n 
A 1 76 HIS 76 76 ?  ?   ?   A . n 
A 1 77 HIS 77 77 ?  ?   ?   A . n 
A 1 78 HIS 78 78 ?  ?   ?   A . n 
A 1 79 HIS 79 79 ?  ?   ?   A . n 
A 1 80 HIS 80 80 ?  ?   ?   A . n 
# 
loop_
_pdbx_nonpoly_scheme.asym_id 
_pdbx_nonpoly_scheme.entity_id 
_pdbx_nonpoly_scheme.mon_id 
_pdbx_nonpoly_scheme.ndb_seq_num 
_pdbx_nonpoly_scheme.pdb_seq_num 
_pdbx_nonpoly_scheme.auth_seq_num 
_pdbx_nonpoly_scheme.pdb_mon_id 
_pdbx_nonpoly_scheme.auth_mon_id 
_pdbx_nonpoly_scheme.pdb_strand_id 
_pdbx_nonpoly_scheme.pdb_ins_code 
B 2 SO4 1  101 1  SO4 SO4 A . 
C 3 HOH 1  201 6  HOH HOH A . 
C 3 HOH 2  202 1  HOH HOH A . 
C 3 HOH 3  203 9  HOH HOH A . 
C 3 HOH 4  204 4  HOH HOH A . 
C 3 HOH 5  205 13 HOH HOH A . 
C 3 HOH 6  206 10 HOH HOH A . 
C 3 HOH 7  207 3  HOH HOH A . 
C 3 HOH 8  208 11 HOH HOH A . 
C 3 HOH 9  209 2  HOH HOH A . 
C 3 HOH 10 210 7  HOH HOH A . 
C 3 HOH 11 211 12 HOH HOH A . 
C 3 HOH 12 212 5  HOH HOH A . 
C 3 HOH 13 213 8  HOH HOH A . 
# 
loop_
_software.citation_id 
_software.classification 
_software.compiler_name 
_software.compiler_version 
_software.contact_author 
_software.contact_author_email 
_software.date 
_software.description 
_software.dependencies 
_software.hardware 
_software.language 
_software.location 
_software.mods 
_software.name 
_software.os 
_software.os_version 
_software.type 
_software.version 
_software.pdbx_ordinal 
? refinement       ? ? ? ? ? ? ? ? ? ? ? PHENIX   ? ? ? '(1.12_2829: ???)' 1 
? 'data reduction' ? ? ? ? ? ? ? ? ? ? ? HKL-2000 ? ? ? .                  2 
? 'data scaling'   ? ? ? ? ? ? ? ? ? ? ? HKL-2000 ? ? ? .                  3 
? phasing          ? ? ? ? ? ? ? ? ? ? ? PHENIX   ? ? ? .                  4 
# 
_cell.angle_alpha                  90.00 
_cell.angle_alpha_esd              ? 
_cell.angle_beta                   90.00 
_cell.angle_beta_esd               ? 
_cell.angle_gamma                  90.00 
_cell.angle_gamma_esd              ? 
_cell.entry_id                     6K5X 
_cell.details                      ? 
_cell.formula_units_Z              ? 
_cell.length_a                     47.422 
_cell.length_a_esd                 ? 
_cell.length_b                     47.422 
_cell.length_b_esd                 ? 
_cell.length_c                     225.502 
_cell.length_c_esd                 ? 
_cell.volume                       ? 
_cell.volume_esd                   ? 
_cell.Z_PDB                        16 
_cell.reciprocal_angle_alpha       ? 
_cell.reciprocal_angle_beta        ? 
_cell.reciprocal_angle_gamma       ? 
_cell.reciprocal_angle_alpha_esd   ? 
_cell.reciprocal_angle_beta_esd    ? 
_cell.reciprocal_angle_gamma_esd   ? 
_cell.reciprocal_length_a          ? 
_cell.reciprocal_length_b          ? 
_cell.reciprocal_length_c          ? 
_cell.reciprocal_length_a_esd      ? 
_cell.reciprocal_length_b_esd      ? 
_cell.reciprocal_length_c_esd      ? 
_cell.pdbx_unique_axis             ? 
# 
_symmetry.entry_id                         6K5X 
_symmetry.cell_setting                     ? 
_symmetry.Int_Tables_number                98 
_symmetry.space_group_name_Hall            ? 
_symmetry.space_group_name_H-M             'I 41 2 2' 
_symmetry.pdbx_full_space_group_name_H-M   ? 
# 
_exptl.absorpt_coefficient_mu     ? 
_exptl.absorpt_correction_T_max   ? 
_exptl.absorpt_correction_T_min   ? 
_exptl.absorpt_correction_type    ? 
_exptl.absorpt_process_details    ? 
_exptl.entry_id                   6K5X 
_exptl.crystals_number            1 
_exptl.details                    ? 
_exptl.method                     'X-RAY DIFFRACTION' 
_exptl.method_details             ? 
# 
_exptl_crystal.colour                      ? 
_exptl_crystal.density_diffrn              ? 
_exptl_crystal.density_Matthews            3.40 
_exptl_crystal.density_method              ? 
_exptl_crystal.density_percent_sol         63.82 
_exptl_crystal.description                 ? 
_exptl_crystal.F_000                       ? 
_exptl_crystal.id                          1 
_exptl_crystal.preparation                 ? 
_exptl_crystal.size_max                    ? 
_exptl_crystal.size_mid                    ? 
_exptl_crystal.size_min                    ? 
_exptl_crystal.size_rad                    ? 
_exptl_crystal.colour_lustre               ? 
_exptl_crystal.colour_modifier             ? 
_exptl_crystal.colour_primary              ? 
_exptl_crystal.density_meas                ? 
_exptl_crystal.density_meas_esd            ? 
_exptl_crystal.density_meas_gt             ? 
_exptl_crystal.density_meas_lt             ? 
_exptl_crystal.density_meas_temp           ? 
_exptl_crystal.density_meas_temp_esd       ? 
_exptl_crystal.density_meas_temp_gt        ? 
_exptl_crystal.density_meas_temp_lt        ? 
_exptl_crystal.pdbx_crystal_image_url      ? 
_exptl_crystal.pdbx_crystal_image_format   ? 
_exptl_crystal.pdbx_mosaicity              ? 
_exptl_crystal.pdbx_mosaicity_esd          ? 
# 
_exptl_crystal_grow.apparatus       ? 
_exptl_crystal_grow.atmosphere      ? 
_exptl_crystal_grow.crystal_id      1 
_exptl_crystal_grow.details         ? 
_exptl_crystal_grow.method          'VAPOR DIFFUSION, SITTING DROP' 
_exptl_crystal_grow.method_ref      ? 
_exptl_crystal_grow.pH              ? 
_exptl_crystal_grow.pressure        ? 
_exptl_crystal_grow.pressure_esd    ? 
_exptl_crystal_grow.seeding         ? 
_exptl_crystal_grow.seeding_ref     ? 
_exptl_crystal_grow.temp            289 
_exptl_crystal_grow.temp_details    ? 
_exptl_crystal_grow.temp_esd        ? 
_exptl_crystal_grow.time            ? 
_exptl_crystal_grow.pdbx_details    '15% PEG4000, 0.1M sodium cacodylate,0.001M GGH, 0.001GSSG, PH6.0' 
_exptl_crystal_grow.pdbx_pH_range   6.0-7.0 
# 
_diffrn.ambient_environment              ? 
_diffrn.ambient_temp                     100 
_diffrn.ambient_temp_details             ? 
_diffrn.ambient_temp_esd                 ? 
_diffrn.crystal_id                       1 
_diffrn.crystal_support                  ? 
_diffrn.crystal_treatment                ? 
_diffrn.details                          ? 
_diffrn.id                               1 
_diffrn.ambient_pressure                 ? 
_diffrn.ambient_pressure_esd             ? 
_diffrn.ambient_pressure_gt              ? 
_diffrn.ambient_pressure_lt              ? 
_diffrn.ambient_temp_gt                  ? 
_diffrn.ambient_temp_lt                  ? 
_diffrn.pdbx_serial_crystal_experiment   N 
# 
_diffrn_detector.details                      ? 
_diffrn_detector.detector                     PIXEL 
_diffrn_detector.diffrn_id                    1 
_diffrn_detector.type                         'DECTRIS PILATUS 6M' 
_diffrn_detector.area_resol_mean              ? 
_diffrn_detector.dtime                        ? 
_diffrn_detector.pdbx_frames_total            ? 
_diffrn_detector.pdbx_collection_time_total   ? 
_diffrn_detector.pdbx_collection_date         2017-11-30 
_diffrn_detector.pdbx_frequency               ? 
# 
_diffrn_radiation.collimation                      ? 
_diffrn_radiation.diffrn_id                        1 
_diffrn_radiation.filter_edge                      ? 
_diffrn_radiation.inhomogeneity                    ? 
_diffrn_radiation.monochromator                    ? 
_diffrn_radiation.polarisn_norm                    ? 
_diffrn_radiation.polarisn_ratio                   ? 
_diffrn_radiation.probe                            ? 
_diffrn_radiation.type                             ? 
_diffrn_radiation.xray_symbol                      ? 
_diffrn_radiation.wavelength_id                    1 
_diffrn_radiation.pdbx_monochromatic_or_laue_m_l   M 
_diffrn_radiation.pdbx_wavelength_list             ? 
_diffrn_radiation.pdbx_wavelength                  ? 
_diffrn_radiation.pdbx_diffrn_protocol             'SINGLE WAVELENGTH' 
_diffrn_radiation.pdbx_analyzer                    ? 
_diffrn_radiation.pdbx_scattering_type             x-ray 
# 
_diffrn_radiation_wavelength.id           1 
_diffrn_radiation_wavelength.wavelength   0.979 
_diffrn_radiation_wavelength.wt           1.0 
# 
_diffrn_source.current                     ? 
_diffrn_source.details                     ? 
_diffrn_source.diffrn_id                   1 
_diffrn_source.power                       ? 
_diffrn_source.size                        ? 
_diffrn_source.source                      SYNCHROTRON 
_diffrn_source.target                      ? 
_diffrn_source.type                        'SSRF BEAMLINE BL17U1' 
_diffrn_source.voltage                     ? 
_diffrn_source.take-off_angle              ? 
_diffrn_source.pdbx_wavelength_list        0.979 
_diffrn_source.pdbx_wavelength             ? 
_diffrn_source.pdbx_synchrotron_beamline   BL17U1 
_diffrn_source.pdbx_synchrotron_site       SSRF 
# 
_reflns.B_iso_Wilson_estimate            ? 
_reflns.entry_id                         6K5X 
_reflns.data_reduction_details           ? 
_reflns.data_reduction_method            ? 
_reflns.d_resolution_high                2.08 
_reflns.d_resolution_low                 47.72 
_reflns.details                          ? 
_reflns.limit_h_max                      ? 
_reflns.limit_h_min                      ? 
_reflns.limit_k_max                      ? 
_reflns.limit_k_min                      ? 
_reflns.limit_l_max                      ? 
_reflns.limit_l_min                      ? 
_reflns.number_all                       ? 
_reflns.number_obs                       8095 
_reflns.observed_criterion               ? 
_reflns.observed_criterion_F_max         ? 
_reflns.observed_criterion_F_min         ? 
_reflns.observed_criterion_I_max         ? 
_reflns.observed_criterion_I_min         ? 
_reflns.observed_criterion_sigma_F       ? 
_reflns.observed_criterion_sigma_I       ? 
_reflns.percent_possible_obs             98.1 
_reflns.R_free_details                   ? 
_reflns.Rmerge_F_all                     ? 
_reflns.Rmerge_F_obs                     ? 
_reflns.Friedel_coverage                 ? 
_reflns.number_gt                        ? 
_reflns.threshold_expression             ? 
_reflns.pdbx_redundancy                  22.2 
_reflns.pdbx_Rmerge_I_obs                0.10 
_reflns.pdbx_Rmerge_I_all                ? 
_reflns.pdbx_Rsym_value                  ? 
_reflns.pdbx_netI_over_av_sigmaI         ? 
_reflns.pdbx_netI_over_sigmaI            48.8 
_reflns.pdbx_res_netI_over_av_sigmaI_2   ? 
_reflns.pdbx_res_netI_over_sigmaI_2      ? 
_reflns.pdbx_chi_squared                 ? 
_reflns.pdbx_scaling_rejects             ? 
_reflns.pdbx_d_res_high_opt              ? 
_reflns.pdbx_d_res_low_opt               ? 
_reflns.pdbx_d_res_opt_method            ? 
_reflns.phase_calculation_details        ? 
_reflns.pdbx_Rrim_I_all                  ? 
_reflns.pdbx_Rpim_I_all                  ? 
_reflns.pdbx_d_opt                       ? 
_reflns.pdbx_number_measured_all         ? 
_reflns.pdbx_diffrn_id                   1 
_reflns.pdbx_ordinal                     1 
_reflns.pdbx_CC_half                     ? 
_reflns.pdbx_R_split                     ? 
# 
_reflns_shell.d_res_high                  2.08 
_reflns_shell.d_res_low                   2.12 
_reflns_shell.meanI_over_sigI_all         ? 
_reflns_shell.meanI_over_sigI_obs         ? 
_reflns_shell.number_measured_all         ? 
_reflns_shell.number_measured_obs         ? 
_reflns_shell.number_possible             ? 
_reflns_shell.number_unique_all           ? 
_reflns_shell.number_unique_obs           363 
_reflns_shell.percent_possible_all        95 
_reflns_shell.percent_possible_obs        ? 
_reflns_shell.Rmerge_F_all                ? 
_reflns_shell.Rmerge_F_obs                ? 
_reflns_shell.Rmerge_I_all                ? 
_reflns_shell.Rmerge_I_obs                0.53 
_reflns_shell.meanI_over_sigI_gt          ? 
_reflns_shell.meanI_over_uI_all           ? 
_reflns_shell.meanI_over_uI_gt            ? 
_reflns_shell.number_measured_gt          ? 
_reflns_shell.number_unique_gt            ? 
_reflns_shell.percent_possible_gt         ? 
_reflns_shell.Rmerge_F_gt                 ? 
_reflns_shell.Rmerge_I_gt                 ? 
_reflns_shell.pdbx_redundancy             12.7 
_reflns_shell.pdbx_Rsym_value             ? 
_reflns_shell.pdbx_chi_squared            ? 
_reflns_shell.pdbx_netI_over_sigmaI_all   ? 
_reflns_shell.pdbx_netI_over_sigmaI_obs   ? 
_reflns_shell.pdbx_Rrim_I_all             ? 
_reflns_shell.pdbx_Rpim_I_all             ? 
_reflns_shell.pdbx_rejects                ? 
_reflns_shell.pdbx_ordinal                1 
_reflns_shell.pdbx_diffrn_id              1 
_reflns_shell.pdbx_CC_half                ? 
_reflns_shell.pdbx_R_split                ? 
# 
_refine.aniso_B[1][1]                            ? 
_refine.aniso_B[1][2]                            ? 
_refine.aniso_B[1][3]                            ? 
_refine.aniso_B[2][2]                            ? 
_refine.aniso_B[2][3]                            ? 
_refine.aniso_B[3][3]                            ? 
_refine.B_iso_max                                ? 
_refine.B_iso_mean                               ? 
_refine.B_iso_min                                ? 
_refine.correlation_coeff_Fo_to_Fc               ? 
_refine.correlation_coeff_Fo_to_Fc_free          ? 
_refine.details                                  ? 
_refine.diff_density_max                         ? 
_refine.diff_density_max_esd                     ? 
_refine.diff_density_min                         ? 
_refine.diff_density_min_esd                     ? 
_refine.diff_density_rms                         ? 
_refine.diff_density_rms_esd                     ? 
_refine.entry_id                                 6K5X 
_refine.pdbx_refine_id                           'X-RAY DIFFRACTION' 
_refine.ls_abs_structure_details                 ? 
_refine.ls_abs_structure_Flack                   ? 
_refine.ls_abs_structure_Flack_esd               ? 
_refine.ls_abs_structure_Rogers                  ? 
_refine.ls_abs_structure_Rogers_esd              ? 
_refine.ls_d_res_high                            2.086 
_refine.ls_d_res_low                             33.532 
_refine.ls_extinction_coef                       ? 
_refine.ls_extinction_coef_esd                   ? 
_refine.ls_extinction_expression                 ? 
_refine.ls_extinction_method                     ? 
_refine.ls_goodness_of_fit_all                   ? 
_refine.ls_goodness_of_fit_all_esd               ? 
_refine.ls_goodness_of_fit_obs                   ? 
_refine.ls_goodness_of_fit_obs_esd               ? 
_refine.ls_hydrogen_treatment                    ? 
_refine.ls_matrix_type                           ? 
_refine.ls_number_constraints                    ? 
_refine.ls_number_parameters                     ? 
_refine.ls_number_reflns_all                     ? 
_refine.ls_number_reflns_obs                     8021 
_refine.ls_number_reflns_R_free                  393 
_refine.ls_number_reflns_R_work                  ? 
_refine.ls_number_restraints                     ? 
_refine.ls_percent_reflns_obs                    98.06 
_refine.ls_percent_reflns_R_free                 4.90 
_refine.ls_R_factor_all                          ? 
_refine.ls_R_factor_obs                          0.2510 
_refine.ls_R_factor_R_free                       0.2585 
_refine.ls_R_factor_R_free_error                 ? 
_refine.ls_R_factor_R_free_error_details         ? 
_refine.ls_R_factor_R_work                       0.2506 
_refine.ls_R_Fsqd_factor_obs                     ? 
_refine.ls_R_I_factor_obs                        ? 
_refine.ls_redundancy_reflns_all                 ? 
_refine.ls_redundancy_reflns_obs                 ? 
_refine.ls_restrained_S_all                      ? 
_refine.ls_restrained_S_obs                      ? 
_refine.ls_shift_over_esd_max                    ? 
_refine.ls_shift_over_esd_mean                   ? 
_refine.ls_structure_factor_coef                 ? 
_refine.ls_weighting_details                     ? 
_refine.ls_weighting_scheme                      ? 
_refine.ls_wR_factor_all                         ? 
_refine.ls_wR_factor_obs                         ? 
_refine.ls_wR_factor_R_free                      ? 
_refine.ls_wR_factor_R_work                      ? 
_refine.occupancy_max                            ? 
_refine.occupancy_min                            ? 
_refine.solvent_model_details                    ? 
_refine.solvent_model_param_bsol                 ? 
_refine.solvent_model_param_ksol                 ? 
_refine.ls_R_factor_gt                           ? 
_refine.ls_goodness_of_fit_gt                    ? 
_refine.ls_goodness_of_fit_ref                   ? 
_refine.ls_shift_over_su_max                     ? 
_refine.ls_shift_over_su_max_lt                  ? 
_refine.ls_shift_over_su_mean                    ? 
_refine.ls_shift_over_su_mean_lt                 ? 
_refine.pdbx_ls_sigma_I                          ? 
_refine.pdbx_ls_sigma_F                          1.39 
_refine.pdbx_ls_sigma_Fsqd                       ? 
_refine.pdbx_data_cutoff_high_absF               ? 
_refine.pdbx_data_cutoff_high_rms_absF           ? 
_refine.pdbx_data_cutoff_low_absF                ? 
_refine.pdbx_isotropic_thermal_model             ? 
_refine.pdbx_ls_cross_valid_method               'FREE R-VALUE' 
_refine.pdbx_method_to_determine_struct          SAD 
_refine.pdbx_starting_model                      ? 
_refine.pdbx_stereochemistry_target_values       ? 
_refine.pdbx_R_Free_selection_details            ? 
_refine.pdbx_stereochem_target_val_spec_case     ? 
_refine.pdbx_overall_ESU_R                       ? 
_refine.pdbx_overall_ESU_R_Free                  ? 
_refine.pdbx_solvent_vdw_probe_radii             1.11 
_refine.pdbx_solvent_ion_probe_radii             ? 
_refine.pdbx_solvent_shrinkage_radii             0.90 
_refine.pdbx_real_space_R                        ? 
_refine.pdbx_density_correlation                 ? 
_refine.pdbx_pd_number_of_powder_patterns        ? 
_refine.pdbx_pd_number_of_points                 ? 
_refine.pdbx_pd_meas_number_of_points            ? 
_refine.pdbx_pd_proc_ls_prof_R_factor            ? 
_refine.pdbx_pd_proc_ls_prof_wR_factor           ? 
_refine.pdbx_pd_Marquardt_correlation_coeff      ? 
_refine.pdbx_pd_Fsqrd_R_factor                   ? 
_refine.pdbx_pd_ls_matrix_band_width             ? 
_refine.pdbx_overall_phase_error                 41.77 
_refine.pdbx_overall_SU_R_free_Cruickshank_DPI   ? 
_refine.pdbx_overall_SU_R_free_Blow_DPI          ? 
_refine.pdbx_overall_SU_R_Blow_DPI               ? 
_refine.pdbx_TLS_residual_ADP_flag               ? 
_refine.pdbx_diffrn_id                           1 
_refine.overall_SU_B                             ? 
_refine.overall_SU_ML                            0.32 
_refine.overall_SU_R_Cruickshank_DPI             ? 
_refine.overall_SU_R_free                        ? 
_refine.overall_FOM_free_R_set                   ? 
_refine.overall_FOM_work_R_set                   ? 
_refine.pdbx_average_fsc_overall                 ? 
_refine.pdbx_average_fsc_work                    ? 
_refine.pdbx_average_fsc_free                    ? 
# 
_refine_hist.pdbx_refine_id                   'X-RAY DIFFRACTION' 
_refine_hist.cycle_id                         LAST 
_refine_hist.pdbx_number_atoms_protein        527 
_refine_hist.pdbx_number_atoms_nucleic_acid   0 
_refine_hist.pdbx_number_atoms_ligand         5 
_refine_hist.number_atoms_solvent             13 
_refine_hist.number_atoms_total               545 
_refine_hist.d_res_high                       2.086 
_refine_hist.d_res_low                        33.532 
# 
loop_
_refine_ls_restr.pdbx_refine_id 
_refine_ls_restr.criterion 
_refine_ls_restr.dev_ideal 
_refine_ls_restr.dev_ideal_target 
_refine_ls_restr.number 
_refine_ls_restr.rejects 
_refine_ls_restr.type 
_refine_ls_restr.weight 
_refine_ls_restr.pdbx_restraint_function 
'X-RAY DIFFRACTION' ? 0.006  ? 543 ? f_bond_d           ? ? 
'X-RAY DIFFRACTION' ? 0.742  ? 723 ? f_angle_d          ? ? 
'X-RAY DIFFRACTION' ? 17.181 ? 346 ? f_dihedral_angle_d ? ? 
'X-RAY DIFFRACTION' ? 0.038  ? 84  ? f_chiral_restr     ? ? 
'X-RAY DIFFRACTION' ? 0.003  ? 92  ? f_plane_restr      ? ? 
# 
loop_
_refine_ls_shell.pdbx_refine_id 
_refine_ls_shell.d_res_high 
_refine_ls_shell.d_res_low 
_refine_ls_shell.number_reflns_all 
_refine_ls_shell.number_reflns_obs 
_refine_ls_shell.number_reflns_R_free 
_refine_ls_shell.number_reflns_R_work 
_refine_ls_shell.percent_reflns_obs 
_refine_ls_shell.percent_reflns_R_free 
_refine_ls_shell.R_factor_all 
_refine_ls_shell.R_factor_obs 
_refine_ls_shell.R_factor_R_free 
_refine_ls_shell.R_factor_R_free_error 
_refine_ls_shell.R_factor_R_work 
_refine_ls_shell.redundancy_reflns_all 
_refine_ls_shell.redundancy_reflns_obs 
_refine_ls_shell.wR_factor_all 
_refine_ls_shell.wR_factor_obs 
_refine_ls_shell.wR_factor_R_free 
_refine_ls_shell.wR_factor_R_work 
_refine_ls_shell.pdbx_total_number_of_bins_used 
_refine_ls_shell.pdbx_phase_error 
_refine_ls_shell.pdbx_fsc_work 
_refine_ls_shell.pdbx_fsc_free 
'X-RAY DIFFRACTION' 2.0865 2.3883  . . 121 2403 95.00  . . . 0.3078 . 0.2731 . . . . . . . . . . 
'X-RAY DIFFRACTION' 2.3883 3.0087  . . 140 2513 99.00  . . . 0.3049 . 0.2756 . . . . . . . . . . 
'X-RAY DIFFRACTION' 3.0087 33.5367 . . 132 2712 100.00 . . . 0.2403 . 0.2400 . . . . . . . . . . 
# 
_struct.entry_id                     6K5X 
_struct.title                        'Crystal Structure of the DNA-Binding Domain of GapR' 
_struct.pdbx_model_details           ? 
_struct.pdbx_formula_weight          ? 
_struct.pdbx_formula_weight_method   ? 
_struct.pdbx_model_type_details      ? 
_struct.pdbx_CASP_flag               N 
# 
_struct_keywords.entry_id        6K5X 
_struct_keywords.text            'C. crescentus, NAPs, DNA BINDING Domain, DNA BINDING PROTEIN' 
_struct_keywords.pdbx_keywords   'DNA BINDING PROTEIN' 
# 
loop_
_struct_asym.id 
_struct_asym.pdbx_blank_PDB_chainid_flag 
_struct_asym.pdbx_modified 
_struct_asym.entity_id 
_struct_asym.details 
A N N 1 ? 
B N N 2 ? 
C N N 3 ? 
# 
_struct_ref.id                         1 
_struct_ref.db_name                    UNP 
_struct_ref.db_code                    Y3428_CAUVN 
_struct_ref.pdbx_db_accession          B8H4R9 
_struct_ref.pdbx_db_isoform            ? 
_struct_ref.entity_id                  1 
_struct_ref.pdbx_seq_one_letter_code   MADDAIPHTDVLNSTAQGQLKSIIERVERLEVEKAEIMEQIKEVYAEAKGNGFDVKVLKKVVRIRKQDRAKR 
_struct_ref.pdbx_align_begin           1 
# 
_struct_ref_seq.align_id                      1 
_struct_ref_seq.ref_id                        1 
_struct_ref_seq.pdbx_PDB_id_code              6K5X 
_struct_ref_seq.pdbx_strand_id                A 
_struct_ref_seq.seq_align_beg                 1 
_struct_ref_seq.pdbx_seq_align_beg_ins_code   ? 
_struct_ref_seq.seq_align_end                 72 
_struct_ref_seq.pdbx_seq_align_end_ins_code   ? 
_struct_ref_seq.pdbx_db_accession             B8H4R9 
_struct_ref_seq.db_align_beg                  1 
_struct_ref_seq.pdbx_db_align_beg_ins_code    ? 
_struct_ref_seq.db_align_end                  72 
_struct_ref_seq.pdbx_db_align_end_ins_code    ? 
_struct_ref_seq.pdbx_auth_seq_align_beg       1 
_struct_ref_seq.pdbx_auth_seq_align_end       72 
# 
loop_
_struct_ref_seq_dif.align_id 
_struct_ref_seq_dif.pdbx_pdb_id_code 
_struct_ref_seq_dif.mon_id 
_struct_ref_seq_dif.pdbx_pdb_strand_id 
_struct_ref_seq_dif.seq_num 
_struct_ref_seq_dif.pdbx_pdb_ins_code 
_struct_ref_seq_dif.pdbx_seq_db_name 
_struct_ref_seq_dif.pdbx_seq_db_accession_code 
_struct_ref_seq_dif.db_mon_id 
_struct_ref_seq_dif.pdbx_seq_db_seq_num 
_struct_ref_seq_dif.details 
_struct_ref_seq_dif.pdbx_auth_seq_num 
_struct_ref_seq_dif.pdbx_ordinal 
1 6K5X LEU A 73 ? UNP B8H4R9 ? ? 'expression tag' 73 1 
1 6K5X GLU A 74 ? UNP B8H4R9 ? ? 'expression tag' 74 2 
1 6K5X HIS A 75 ? UNP B8H4R9 ? ? 'expression tag' 75 3 
1 6K5X HIS A 76 ? UNP B8H4R9 ? ? 'expression tag' 76 4 
1 6K5X HIS A 77 ? UNP B8H4R9 ? ? 'expression tag' 77 5 
1 6K5X HIS A 78 ? UNP B8H4R9 ? ? 'expression tag' 78 6 
1 6K5X HIS A 79 ? UNP B8H4R9 ? ? 'expression tag' 79 7 
1 6K5X HIS A 80 ? UNP B8H4R9 ? ? 'expression tag' 80 8 
# 
_pdbx_struct_assembly.id                   1 
_pdbx_struct_assembly.details              author_and_software_defined_assembly 
_pdbx_struct_assembly.method_details       PISA 
_pdbx_struct_assembly.oligomeric_details   dimeric 
_pdbx_struct_assembly.oligomeric_count     2 
# 
loop_
_pdbx_struct_assembly_prop.biol_id 
_pdbx_struct_assembly_prop.type 
_pdbx_struct_assembly_prop.value 
_pdbx_struct_assembly_prop.details 
1 'ABSA (A^2)' 3220 ? 
1 MORE         -41  ? 
1 'SSA (A^2)'  9740 ? 
# 
_pdbx_struct_assembly_gen.assembly_id       1 
_pdbx_struct_assembly_gen.oper_expression   1,2 
_pdbx_struct_assembly_gen.asym_id_list      A,B,C 
# 
_pdbx_struct_assembly_auth_evidence.id                     1 
_pdbx_struct_assembly_auth_evidence.assembly_id            1 
_pdbx_struct_assembly_auth_evidence.experimental_support   'assay for oligomerization' 
_pdbx_struct_assembly_auth_evidence.details                ? 
# 
loop_
_pdbx_struct_oper_list.id 
_pdbx_struct_oper_list.type 
_pdbx_struct_oper_list.name 
_pdbx_struct_oper_list.symmetry_operation 
_pdbx_struct_oper_list.matrix[1][1] 
_pdbx_struct_oper_list.matrix[1][2] 
_pdbx_struct_oper_list.matrix[1][3] 
_pdbx_struct_oper_list.vector[1] 
_pdbx_struct_oper_list.matrix[2][1] 
_pdbx_struct_oper_list.matrix[2][2] 
_pdbx_struct_oper_list.matrix[2][3] 
_pdbx_struct_oper_list.vector[2] 
_pdbx_struct_oper_list.matrix[3][1] 
_pdbx_struct_oper_list.matrix[3][2] 
_pdbx_struct_oper_list.matrix[3][3] 
_pdbx_struct_oper_list.vector[3] 
1 'identity operation'         1_555 x,y,z           1.0000000000  0.0000000000 0.0000000000  0.0000000000  0.0000000000 1.0000000000 0.0000000000  0.0000000000 0.0000000000  0.0000000000  1.0000000000  0.0000000000 
2 'crystal symmetry operation' 6_555 x,-y+1/2,-z+1/4 -0.5827356366 0.7301048551 -0.3568838443 -0.2173130061 0.7301048551 0.2774949079 -0.6244545433 1.2534442964 -0.3568838443 -0.6244545433 -0.6947592713 2.3101880523 
# 
loop_
_struct_conf.conf_type_id 
_struct_conf.id 
_struct_conf.pdbx_PDB_helix_id 
_struct_conf.beg_label_comp_id 
_struct_conf.beg_label_asym_id 
_struct_conf.beg_label_seq_id 
_struct_conf.pdbx_beg_PDB_ins_code 
_struct_conf.end_label_comp_id 
_struct_conf.end_label_asym_id 
_struct_conf.end_label_seq_id 
_struct_conf.pdbx_end_PDB_ins_code 
_struct_conf.beg_auth_comp_id 
_struct_conf.beg_auth_asym_id 
_struct_conf.beg_auth_seq_id 
_struct_conf.end_auth_comp_id 
_struct_conf.end_auth_asym_id 
_struct_conf.end_auth_seq_id 
_struct_conf.pdbx_PDB_helix_class 
_struct_conf.details 
_struct_conf.pdbx_PDB_helix_length 
HELX_P HELX_P1 AA1 ASN A 13 ? ASN A 51 ? ASN A 13 ASN A 51 1 ? 39 
HELX_P HELX_P2 AA2 ASP A 54 ? LYS A 71 ? ASP A 54 LYS A 71 1 ? 18 
# 
_struct_conf_type.id          HELX_P 
_struct_conf_type.criteria    ? 
_struct_conf_type.reference   ? 
# 
_struct_site.id                   AC1 
_struct_site.pdbx_evidence_code   Software 
_struct_site.pdbx_auth_asym_id    A 
_struct_site.pdbx_auth_comp_id    SO4 
_struct_site.pdbx_auth_seq_id     101 
_struct_site.pdbx_auth_ins_code   ? 
_struct_site.pdbx_num_residues    5 
_struct_site.details              'binding site for residue SO4 A 101' 
# 
loop_
_struct_site_gen.id 
_struct_site_gen.site_id 
_struct_site_gen.pdbx_num_res 
_struct_site_gen.label_comp_id 
_struct_site_gen.label_asym_id 
_struct_site_gen.label_seq_id 
_struct_site_gen.pdbx_auth_ins_code 
_struct_site_gen.auth_comp_id 
_struct_site_gen.auth_asym_id 
_struct_site_gen.auth_seq_id 
_struct_site_gen.label_atom_id 
_struct_site_gen.label_alt_id 
_struct_site_gen.symmetry 
_struct_site_gen.details 
1 AC1 5 ASN A 13 ? ASN A 13 . ? 11_554 ? 
2 AC1 5 GLU A 47 ? GLU A 47 . ? 10_555 ? 
3 AC1 5 LYS A 49 ? LYS A 49 . ? 1_555  ? 
4 AC1 5 GLY A 50 ? GLY A 50 . ? 1_555  ? 
5 AC1 5 ASN A 51 ? ASN A 51 . ? 10_555 ? 
# 
_pdbx_struct_special_symmetry.id              1 
_pdbx_struct_special_symmetry.PDB_model_num   1 
_pdbx_struct_special_symmetry.auth_asym_id    A 
_pdbx_struct_special_symmetry.auth_comp_id    HOH 
_pdbx_struct_special_symmetry.auth_seq_id     212 
_pdbx_struct_special_symmetry.PDB_ins_code    ? 
_pdbx_struct_special_symmetry.label_asym_id   C 
_pdbx_struct_special_symmetry.label_comp_id   HOH 
_pdbx_struct_special_symmetry.label_seq_id    . 
# 
loop_
_pdbx_refine_tls.id 
_pdbx_refine_tls.pdbx_refine_id 
_pdbx_refine_tls.details 
_pdbx_refine_tls.method 
_pdbx_refine_tls.origin_x 
_pdbx_refine_tls.origin_y 
_pdbx_refine_tls.origin_z 
_pdbx_refine_tls.T[1][1] 
_pdbx_refine_tls.T[1][1]_esd 
_pdbx_refine_tls.T[1][2] 
_pdbx_refine_tls.T[1][2]_esd 
_pdbx_refine_tls.T[1][3] 
_pdbx_refine_tls.T[1][3]_esd 
_pdbx_refine_tls.T[2][2] 
_pdbx_refine_tls.T[2][2]_esd 
_pdbx_refine_tls.T[2][3] 
_pdbx_refine_tls.T[2][3]_esd 
_pdbx_refine_tls.T[3][3] 
_pdbx_refine_tls.T[3][3]_esd 
_pdbx_refine_tls.L[1][1] 
_pdbx_refine_tls.L[1][1]_esd 
_pdbx_refine_tls.L[1][2] 
_pdbx_refine_tls.L[1][2]_esd 
_pdbx_refine_tls.L[1][3] 
_pdbx_refine_tls.L[1][3]_esd 
_pdbx_refine_tls.L[2][2] 
_pdbx_refine_tls.L[2][2]_esd 
_pdbx_refine_tls.L[2][3] 
_pdbx_refine_tls.L[2][3]_esd 
_pdbx_refine_tls.L[3][3] 
_pdbx_refine_tls.L[3][3]_esd 
_pdbx_refine_tls.S[1][1] 
_pdbx_refine_tls.S[1][1]_esd 
_pdbx_refine_tls.S[1][2] 
_pdbx_refine_tls.S[1][2]_esd 
_pdbx_refine_tls.S[1][3] 
_pdbx_refine_tls.S[1][3]_esd 
_pdbx_refine_tls.S[2][1] 
_pdbx_refine_tls.S[2][1]_esd 
_pdbx_refine_tls.S[2][2] 
_pdbx_refine_tls.S[2][2]_esd 
_pdbx_refine_tls.S[2][3] 
_pdbx_refine_tls.S[2][3]_esd 
_pdbx_refine_tls.S[3][1] 
_pdbx_refine_tls.S[3][1]_esd 
_pdbx_refine_tls.S[3][2] 
_pdbx_refine_tls.S[3][2]_esd 
_pdbx_refine_tls.S[3][3] 
_pdbx_refine_tls.S[3][3]_esd 
1 'X-RAY DIFFRACTION' ? refined -3.5402 1.5899  -8.0061 0.4356 ? 0.1185 ? -0.0191 ? 0.5284 ? -0.1355 ? 0.4187 ? 1.1199 ? -0.2682 ? 0.1284 ? 0.0559 ? -0.9154 ? -0.0871 ? 0.2963 ? 0.7378  ? -0.2449 ? -0.0328 ? -0.0921 ? 0.0688 ? 0.1632  ? 0.4592  ? -0.0940 ? 
2 'X-RAY DIFFRACTION' ? refined 5.4185  -2.1765 16.0303 0.3785 ? 0.0290 ? 0.0306  ? 0.7835 ? 0.0168  ? 0.4211 ? 0.7280 ? 1.2333  ? 0.3574 ? 2.8774 ? 0.3119  ? 1.7775  ? 0.0786 ? -0.1551 ? -0.1261 ? 0.0054  ? -0.1237 ? 0.6236 ? -0.1029 ? -0.5564 ? 0.1460  ? 
# 
loop_
_pdbx_refine_tls_group.id 
_pdbx_refine_tls_group.pdbx_refine_id 
_pdbx_refine_tls_group.refine_tls_id 
_pdbx_refine_tls_group.beg_label_asym_id 
_pdbx_refine_tls_group.beg_label_seq_id 
_pdbx_refine_tls_group.beg_auth_asym_id 
_pdbx_refine_tls_group.beg_auth_seq_id 
_pdbx_refine_tls_group.end_label_asym_id 
_pdbx_refine_tls_group.end_label_seq_id 
_pdbx_refine_tls_group.end_auth_asym_id 
_pdbx_refine_tls_group.end_auth_seq_id 
_pdbx_refine_tls_group.selection 
_pdbx_refine_tls_group.selection_details 
1 'X-RAY DIFFRACTION' 1 ? ? ? ? ? ? ? ? ? 
;chain 'A' and (resid 8 through 50 )
;
2 'X-RAY DIFFRACTION' 2 ? ? ? ? ? ? ? ? ? 
;chain 'A' and (resid 51 through 72 )
;
# 
loop_
_pdbx_unobs_or_zero_occ_residues.id 
_pdbx_unobs_or_zero_occ_residues.PDB_model_num 
_pdbx_unobs_or_zero_occ_residues.polymer_flag 
_pdbx_unobs_or_zero_occ_residues.occupancy_flag 
_pdbx_unobs_or_zero_occ_residues.auth_asym_id 
_pdbx_unobs_or_zero_occ_residues.auth_comp_id 
_pdbx_unobs_or_zero_occ_residues.auth_seq_id 
_pdbx_unobs_or_zero_occ_residues.PDB_ins_code 
_pdbx_unobs_or_zero_occ_residues.label_asym_id 
_pdbx_unobs_or_zero_occ_residues.label_comp_id 
_pdbx_unobs_or_zero_occ_residues.label_seq_id 
1  1 Y 1 A MET 1  ? A MET 1  
2  1 Y 1 A ALA 2  ? A ALA 2  
3  1 Y 1 A ASP 3  ? A ASP 3  
4  1 Y 1 A ASP 4  ? A ASP 4  
5  1 Y 1 A ALA 5  ? A ALA 5  
6  1 Y 1 A ILE 6  ? A ILE 6  
7  1 Y 1 A PRO 7  ? A PRO 7  
8  1 Y 1 A LEU 73 ? A LEU 73 
9  1 Y 1 A GLU 74 ? A GLU 74 
10 1 Y 1 A HIS 75 ? A HIS 75 
11 1 Y 1 A HIS 76 ? A HIS 76 
12 1 Y 1 A HIS 77 ? A HIS 77 
13 1 Y 1 A HIS 78 ? A HIS 78 
14 1 Y 1 A HIS 79 ? A HIS 79 
15 1 Y 1 A HIS 80 ? A HIS 80 
# 
loop_
_chem_comp_atom.comp_id 
_chem_comp_atom.atom_id 
_chem_comp_atom.type_symbol 
_chem_comp_atom.pdbx_aromatic_flag 
_chem_comp_atom.pdbx_stereo_config 
_chem_comp_atom.pdbx_ordinal 
ALA N    N N N 1   
ALA CA   C N S 2   
ALA C    C N N 3   
ALA O    O N N 4   
ALA CB   C N N 5   
ALA OXT  O N N 6   
ALA H    H N N 7   
ALA H2   H N N 8   
ALA HA   H N N 9   
ALA HB1  H N N 10  
ALA HB2  H N N 11  
ALA HB3  H N N 12  
ALA HXT  H N N 13  
ARG N    N N N 14  
ARG CA   C N S 15  
ARG C    C N N 16  
ARG O    O N N 17  
ARG CB   C N N 18  
ARG CG   C N N 19  
ARG CD   C N N 20  
ARG NE   N N N 21  
ARG CZ   C N N 22  
ARG NH1  N N N 23  
ARG NH2  N N N 24  
ARG OXT  O N N 25  
ARG H    H N N 26  
ARG H2   H N N 27  
ARG HA   H N N 28  
ARG HB2  H N N 29  
ARG HB3  H N N 30  
ARG HG2  H N N 31  
ARG HG3  H N N 32  
ARG HD2  H N N 33  
ARG HD3  H N N 34  
ARG HE   H N N 35  
ARG HH11 H N N 36  
ARG HH12 H N N 37  
ARG HH21 H N N 38  
ARG HH22 H N N 39  
ARG HXT  H N N 40  
ASN N    N N N 41  
ASN CA   C N S 42  
ASN C    C N N 43  
ASN O    O N N 44  
ASN CB   C N N 45  
ASN CG   C N N 46  
ASN OD1  O N N 47  
ASN ND2  N N N 48  
ASN OXT  O N N 49  
ASN H    H N N 50  
ASN H2   H N N 51  
ASN HA   H N N 52  
ASN HB2  H N N 53  
ASN HB3  H N N 54  
ASN HD21 H N N 55  
ASN HD22 H N N 56  
ASN HXT  H N N 57  
ASP N    N N N 58  
ASP CA   C N S 59  
ASP C    C N N 60  
ASP O    O N N 61  
ASP CB   C N N 62  
ASP CG   C N N 63  
ASP OD1  O N N 64  
ASP OD2  O N N 65  
ASP OXT  O N N 66  
ASP H    H N N 67  
ASP H2   H N N 68  
ASP HA   H N N 69  
ASP HB2  H N N 70  
ASP HB3  H N N 71  
ASP HD2  H N N 72  
ASP HXT  H N N 73  
GLN N    N N N 74  
GLN CA   C N S 75  
GLN C    C N N 76  
GLN O    O N N 77  
GLN CB   C N N 78  
GLN CG   C N N 79  
GLN CD   C N N 80  
GLN OE1  O N N 81  
GLN NE2  N N N 82  
GLN OXT  O N N 83  
GLN H    H N N 84  
GLN H2   H N N 85  
GLN HA   H N N 86  
GLN HB2  H N N 87  
GLN HB3  H N N 88  
GLN HG2  H N N 89  
GLN HG3  H N N 90  
GLN HE21 H N N 91  
GLN HE22 H N N 92  
GLN HXT  H N N 93  
GLU N    N N N 94  
GLU CA   C N S 95  
GLU C    C N N 96  
GLU O    O N N 97  
GLU CB   C N N 98  
GLU CG   C N N 99  
GLU CD   C N N 100 
GLU OE1  O N N 101 
GLU OE2  O N N 102 
GLU OXT  O N N 103 
GLU H    H N N 104 
GLU H2   H N N 105 
GLU HA   H N N 106 
GLU HB2  H N N 107 
GLU HB3  H N N 108 
GLU HG2  H N N 109 
GLU HG3  H N N 110 
GLU HE2  H N N 111 
GLU HXT  H N N 112 
GLY N    N N N 113 
GLY CA   C N N 114 
GLY C    C N N 115 
GLY O    O N N 116 
GLY OXT  O N N 117 
GLY H    H N N 118 
GLY H2   H N N 119 
GLY HA2  H N N 120 
GLY HA3  H N N 121 
GLY HXT  H N N 122 
HIS N    N N N 123 
HIS CA   C N S 124 
HIS C    C N N 125 
HIS O    O N N 126 
HIS CB   C N N 127 
HIS CG   C Y N 128 
HIS ND1  N Y N 129 
HIS CD2  C Y N 130 
HIS CE1  C Y N 131 
HIS NE2  N Y N 132 
HIS OXT  O N N 133 
HIS H    H N N 134 
HIS H2   H N N 135 
HIS HA   H N N 136 
HIS HB2  H N N 137 
HIS HB3  H N N 138 
HIS HD1  H N N 139 
HIS HD2  H N N 140 
HIS HE1  H N N 141 
HIS HE2  H N N 142 
HIS HXT  H N N 143 
HOH O    O N N 144 
HOH H1   H N N 145 
HOH H2   H N N 146 
ILE N    N N N 147 
ILE CA   C N S 148 
ILE C    C N N 149 
ILE O    O N N 150 
ILE CB   C N S 151 
ILE CG1  C N N 152 
ILE CG2  C N N 153 
ILE CD1  C N N 154 
ILE OXT  O N N 155 
ILE H    H N N 156 
ILE H2   H N N 157 
ILE HA   H N N 158 
ILE HB   H N N 159 
ILE HG12 H N N 160 
ILE HG13 H N N 161 
ILE HG21 H N N 162 
ILE HG22 H N N 163 
ILE HG23 H N N 164 
ILE HD11 H N N 165 
ILE HD12 H N N 166 
ILE HD13 H N N 167 
ILE HXT  H N N 168 
LEU N    N N N 169 
LEU CA   C N S 170 
LEU C    C N N 171 
LEU O    O N N 172 
LEU CB   C N N 173 
LEU CG   C N N 174 
LEU CD1  C N N 175 
LEU CD2  C N N 176 
LEU OXT  O N N 177 
LEU H    H N N 178 
LEU H2   H N N 179 
LEU HA   H N N 180 
LEU HB2  H N N 181 
LEU HB3  H N N 182 
LEU HG   H N N 183 
LEU HD11 H N N 184 
LEU HD12 H N N 185 
LEU HD13 H N N 186 
LEU HD21 H N N 187 
LEU HD22 H N N 188 
LEU HD23 H N N 189 
LEU HXT  H N N 190 
LYS N    N N N 191 
LYS CA   C N S 192 
LYS C    C N N 193 
LYS O    O N N 194 
LYS CB   C N N 195 
LYS CG   C N N 196 
LYS CD   C N N 197 
LYS CE   C N N 198 
LYS NZ   N N N 199 
LYS OXT  O N N 200 
LYS H    H N N 201 
LYS H2   H N N 202 
LYS HA   H N N 203 
LYS HB2  H N N 204 
LYS HB3  H N N 205 
LYS HG2  H N N 206 
LYS HG3  H N N 207 
LYS HD2  H N N 208 
LYS HD3  H N N 209 
LYS HE2  H N N 210 
LYS HE3  H N N 211 
LYS HZ1  H N N 212 
LYS HZ2  H N N 213 
LYS HZ3  H N N 214 
LYS HXT  H N N 215 
MET N    N N N 216 
MET CA   C N S 217 
MET C    C N N 218 
MET O    O N N 219 
MET CB   C N N 220 
MET CG   C N N 221 
MET SD   S N N 222 
MET CE   C N N 223 
MET OXT  O N N 224 
MET H    H N N 225 
MET H2   H N N 226 
MET HA   H N N 227 
MET HB2  H N N 228 
MET HB3  H N N 229 
MET HG2  H N N 230 
MET HG3  H N N 231 
MET HE1  H N N 232 
MET HE2  H N N 233 
MET HE3  H N N 234 
MET HXT  H N N 235 
PHE N    N N N 236 
PHE CA   C N S 237 
PHE C    C N N 238 
PHE O    O N N 239 
PHE CB   C N N 240 
PHE CG   C Y N 241 
PHE CD1  C Y N 242 
PHE CD2  C Y N 243 
PHE CE1  C Y N 244 
PHE CE2  C Y N 245 
PHE CZ   C Y N 246 
PHE OXT  O N N 247 
PHE H    H N N 248 
PHE H2   H N N 249 
PHE HA   H N N 250 
PHE HB2  H N N 251 
PHE HB3  H N N 252 
PHE HD1  H N N 253 
PHE HD2  H N N 254 
PHE HE1  H N N 255 
PHE HE2  H N N 256 
PHE HZ   H N N 257 
PHE HXT  H N N 258 
PRO N    N N N 259 
PRO CA   C N S 260 
PRO C    C N N 261 
PRO O    O N N 262 
PRO CB   C N N 263 
PRO CG   C N N 264 
PRO CD   C N N 265 
PRO OXT  O N N 266 
PRO H    H N N 267 
PRO HA   H N N 268 
PRO HB2  H N N 269 
PRO HB3  H N N 270 
PRO HG2  H N N 271 
PRO HG3  H N N 272 
PRO HD2  H N N 273 
PRO HD3  H N N 274 
PRO HXT  H N N 275 
SER N    N N N 276 
SER CA   C N S 277 
SER C    C N N 278 
SER O    O N N 279 
SER CB   C N N 280 
SER OG   O N N 281 
SER OXT  O N N 282 
SER H    H N N 283 
SER H2   H N N 284 
SER HA   H N N 285 
SER HB2  H N N 286 
SER HB3  H N N 287 
SER HG   H N N 288 
SER HXT  H N N 289 
SO4 S    S N N 290 
SO4 O1   O N N 291 
SO4 O2   O N N 292 
SO4 O3   O N N 293 
SO4 O4   O N N 294 
THR N    N N N 295 
THR CA   C N S 296 
THR C    C N N 297 
THR O    O N N 298 
THR CB   C N R 299 
THR OG1  O N N 300 
THR CG2  C N N 301 
THR OXT  O N N 302 
THR H    H N N 303 
THR H2   H N N 304 
THR HA   H N N 305 
THR HB   H N N 306 
THR HG1  H N N 307 
THR HG21 H N N 308 
THR HG22 H N N 309 
THR HG23 H N N 310 
THR HXT  H N N 311 
TYR N    N N N 312 
TYR CA   C N S 313 
TYR C    C N N 314 
TYR O    O N N 315 
TYR CB   C N N 316 
TYR CG   C Y N 317 
TYR CD1  C Y N 318 
TYR CD2  C Y N 319 
TYR CE1  C Y N 320 
TYR CE2  C Y N 321 
TYR CZ   C Y N 322 
TYR OH   O N N 323 
TYR OXT  O N N 324 
TYR H    H N N 325 
TYR H2   H N N 326 
TYR HA   H N N 327 
TYR HB2  H N N 328 
TYR HB3  H N N 329 
TYR HD1  H N N 330 
TYR HD2  H N N 331 
TYR HE1  H N N 332 
TYR HE2  H N N 333 
TYR HH   H N N 334 
TYR HXT  H N N 335 
VAL N    N N N 336 
VAL CA   C N S 337 
VAL C    C N N 338 
VAL O    O N N 339 
VAL CB   C N N 340 
VAL CG1  C N N 341 
VAL CG2  C N N 342 
VAL OXT  O N N 343 
VAL H    H N N 344 
VAL H2   H N N 345 
VAL HA   H N N 346 
VAL HB   H N N 347 
VAL HG11 H N N 348 
VAL HG12 H N N 349 
VAL HG13 H N N 350 
VAL HG21 H N N 351 
VAL HG22 H N N 352 
VAL HG23 H N N 353 
VAL HXT  H N N 354 
# 
loop_
_chem_comp_bond.comp_id 
_chem_comp_bond.atom_id_1 
_chem_comp_bond.atom_id_2 
_chem_comp_bond.value_order 
_chem_comp_bond.pdbx_aromatic_flag 
_chem_comp_bond.pdbx_stereo_config 
_chem_comp_bond.pdbx_ordinal 
ALA N   CA   sing N N 1   
ALA N   H    sing N N 2   
ALA N   H2   sing N N 3   
ALA CA  C    sing N N 4   
ALA CA  CB   sing N N 5   
ALA CA  HA   sing N N 6   
ALA C   O    doub N N 7   
ALA C   OXT  sing N N 8   
ALA CB  HB1  sing N N 9   
ALA CB  HB2  sing N N 10  
ALA CB  HB3  sing N N 11  
ALA OXT HXT  sing N N 12  
ARG N   CA   sing N N 13  
ARG N   H    sing N N 14  
ARG N   H2   sing N N 15  
ARG CA  C    sing N N 16  
ARG CA  CB   sing N N 17  
ARG CA  HA   sing N N 18  
ARG C   O    doub N N 19  
ARG C   OXT  sing N N 20  
ARG CB  CG   sing N N 21  
ARG CB  HB2  sing N N 22  
ARG CB  HB3  sing N N 23  
ARG CG  CD   sing N N 24  
ARG CG  HG2  sing N N 25  
ARG CG  HG3  sing N N 26  
ARG CD  NE   sing N N 27  
ARG CD  HD2  sing N N 28  
ARG CD  HD3  sing N N 29  
ARG NE  CZ   sing N N 30  
ARG NE  HE   sing N N 31  
ARG CZ  NH1  sing N N 32  
ARG CZ  NH2  doub N N 33  
ARG NH1 HH11 sing N N 34  
ARG NH1 HH12 sing N N 35  
ARG NH2 HH21 sing N N 36  
ARG NH2 HH22 sing N N 37  
ARG OXT HXT  sing N N 38  
ASN N   CA   sing N N 39  
ASN N   H    sing N N 40  
ASN N   H2   sing N N 41  
ASN CA  C    sing N N 42  
ASN CA  CB   sing N N 43  
ASN CA  HA   sing N N 44  
ASN C   O    doub N N 45  
ASN C   OXT  sing N N 46  
ASN CB  CG   sing N N 47  
ASN CB  HB2  sing N N 48  
ASN CB  HB3  sing N N 49  
ASN CG  OD1  doub N N 50  
ASN CG  ND2  sing N N 51  
ASN ND2 HD21 sing N N 52  
ASN ND2 HD22 sing N N 53  
ASN OXT HXT  sing N N 54  
ASP N   CA   sing N N 55  
ASP N   H    sing N N 56  
ASP N   H2   sing N N 57  
ASP CA  C    sing N N 58  
ASP CA  CB   sing N N 59  
ASP CA  HA   sing N N 60  
ASP C   O    doub N N 61  
ASP C   OXT  sing N N 62  
ASP CB  CG   sing N N 63  
ASP CB  HB2  sing N N 64  
ASP CB  HB3  sing N N 65  
ASP CG  OD1  doub N N 66  
ASP CG  OD2  sing N N 67  
ASP OD2 HD2  sing N N 68  
ASP OXT HXT  sing N N 69  
GLN N   CA   sing N N 70  
GLN N   H    sing N N 71  
GLN N   H2   sing N N 72  
GLN CA  C    sing N N 73  
GLN CA  CB   sing N N 74  
GLN CA  HA   sing N N 75  
GLN C   O    doub N N 76  
GLN C   OXT  sing N N 77  
GLN CB  CG   sing N N 78  
GLN CB  HB2  sing N N 79  
GLN CB  HB3  sing N N 80  
GLN CG  CD   sing N N 81  
GLN CG  HG2  sing N N 82  
GLN CG  HG3  sing N N 83  
GLN CD  OE1  doub N N 84  
GLN CD  NE2  sing N N 85  
GLN NE2 HE21 sing N N 86  
GLN NE2 HE22 sing N N 87  
GLN OXT HXT  sing N N 88  
GLU N   CA   sing N N 89  
GLU N   H    sing N N 90  
GLU N   H2   sing N N 91  
GLU CA  C    sing N N 92  
GLU CA  CB   sing N N 93  
GLU CA  HA   sing N N 94  
GLU C   O    doub N N 95  
GLU C   OXT  sing N N 96  
GLU CB  CG   sing N N 97  
GLU CB  HB2  sing N N 98  
GLU CB  HB3  sing N N 99  
GLU CG  CD   sing N N 100 
GLU CG  HG2  sing N N 101 
GLU CG  HG3  sing N N 102 
GLU CD  OE1  doub N N 103 
GLU CD  OE2  sing N N 104 
GLU OE2 HE2  sing N N 105 
GLU OXT HXT  sing N N 106 
GLY N   CA   sing N N 107 
GLY N   H    sing N N 108 
GLY N   H2   sing N N 109 
GLY CA  C    sing N N 110 
GLY CA  HA2  sing N N 111 
GLY CA  HA3  sing N N 112 
GLY C   O    doub N N 113 
GLY C   OXT  sing N N 114 
GLY OXT HXT  sing N N 115 
HIS N   CA   sing N N 116 
HIS N   H    sing N N 117 
HIS N   H2   sing N N 118 
HIS CA  C    sing N N 119 
HIS CA  CB   sing N N 120 
HIS CA  HA   sing N N 121 
HIS C   O    doub N N 122 
HIS C   OXT  sing N N 123 
HIS CB  CG   sing N N 124 
HIS CB  HB2  sing N N 125 
HIS CB  HB3  sing N N 126 
HIS CG  ND1  sing Y N 127 
HIS CG  CD2  doub Y N 128 
HIS ND1 CE1  doub Y N 129 
HIS ND1 HD1  sing N N 130 
HIS CD2 NE2  sing Y N 131 
HIS CD2 HD2  sing N N 132 
HIS CE1 NE2  sing Y N 133 
HIS CE1 HE1  sing N N 134 
HIS NE2 HE2  sing N N 135 
HIS OXT HXT  sing N N 136 
HOH O   H1   sing N N 137 
HOH O   H2   sing N N 138 
ILE N   CA   sing N N 139 
ILE N   H    sing N N 140 
ILE N   H2   sing N N 141 
ILE CA  C    sing N N 142 
ILE CA  CB   sing N N 143 
ILE CA  HA   sing N N 144 
ILE C   O    doub N N 145 
ILE C   OXT  sing N N 146 
ILE CB  CG1  sing N N 147 
ILE CB  CG2  sing N N 148 
ILE CB  HB   sing N N 149 
ILE CG1 CD1  sing N N 150 
ILE CG1 HG12 sing N N 151 
ILE CG1 HG13 sing N N 152 
ILE CG2 HG21 sing N N 153 
ILE CG2 HG22 sing N N 154 
ILE CG2 HG23 sing N N 155 
ILE CD1 HD11 sing N N 156 
ILE CD1 HD12 sing N N 157 
ILE CD1 HD13 sing N N 158 
ILE OXT HXT  sing N N 159 
LEU N   CA   sing N N 160 
LEU N   H    sing N N 161 
LEU N   H2   sing N N 162 
LEU CA  C    sing N N 163 
LEU CA  CB   sing N N 164 
LEU CA  HA   sing N N 165 
LEU C   O    doub N N 166 
LEU C   OXT  sing N N 167 
LEU CB  CG   sing N N 168 
LEU CB  HB2  sing N N 169 
LEU CB  HB3  sing N N 170 
LEU CG  CD1  sing N N 171 
LEU CG  CD2  sing N N 172 
LEU CG  HG   sing N N 173 
LEU CD1 HD11 sing N N 174 
LEU CD1 HD12 sing N N 175 
LEU CD1 HD13 sing N N 176 
LEU CD2 HD21 sing N N 177 
LEU CD2 HD22 sing N N 178 
LEU CD2 HD23 sing N N 179 
LEU OXT HXT  sing N N 180 
LYS N   CA   sing N N 181 
LYS N   H    sing N N 182 
LYS N   H2   sing N N 183 
LYS CA  C    sing N N 184 
LYS CA  CB   sing N N 185 
LYS CA  HA   sing N N 186 
LYS C   O    doub N N 187 
LYS C   OXT  sing N N 188 
LYS CB  CG   sing N N 189 
LYS CB  HB2  sing N N 190 
LYS CB  HB3  sing N N 191 
LYS CG  CD   sing N N 192 
LYS CG  HG2  sing N N 193 
LYS CG  HG3  sing N N 194 
LYS CD  CE   sing N N 195 
LYS CD  HD2  sing N N 196 
LYS CD  HD3  sing N N 197 
LYS CE  NZ   sing N N 198 
LYS CE  HE2  sing N N 199 
LYS CE  HE3  sing N N 200 
LYS NZ  HZ1  sing N N 201 
LYS NZ  HZ2  sing N N 202 
LYS NZ  HZ3  sing N N 203 
LYS OXT HXT  sing N N 204 
MET N   CA   sing N N 205 
MET N   H    sing N N 206 
MET N   H2   sing N N 207 
MET CA  C    sing N N 208 
MET CA  CB   sing N N 209 
MET CA  HA   sing N N 210 
MET C   O    doub N N 211 
MET C   OXT  sing N N 212 
MET CB  CG   sing N N 213 
MET CB  HB2  sing N N 214 
MET CB  HB3  sing N N 215 
MET CG  SD   sing N N 216 
MET CG  HG2  sing N N 217 
MET CG  HG3  sing N N 218 
MET SD  CE   sing N N 219 
MET CE  HE1  sing N N 220 
MET CE  HE2  sing N N 221 
MET CE  HE3  sing N N 222 
MET OXT HXT  sing N N 223 
PHE N   CA   sing N N 224 
PHE N   H    sing N N 225 
PHE N   H2   sing N N 226 
PHE CA  C    sing N N 227 
PHE CA  CB   sing N N 228 
PHE CA  HA   sing N N 229 
PHE C   O    doub N N 230 
PHE C   OXT  sing N N 231 
PHE CB  CG   sing N N 232 
PHE CB  HB2  sing N N 233 
PHE CB  HB3  sing N N 234 
PHE CG  CD1  doub Y N 235 
PHE CG  CD2  sing Y N 236 
PHE CD1 CE1  sing Y N 237 
PHE CD1 HD1  sing N N 238 
PHE CD2 CE2  doub Y N 239 
PHE CD2 HD2  sing N N 240 
PHE CE1 CZ   doub Y N 241 
PHE CE1 HE1  sing N N 242 
PHE CE2 CZ   sing Y N 243 
PHE CE2 HE2  sing N N 244 
PHE CZ  HZ   sing N N 245 
PHE OXT HXT  sing N N 246 
PRO N   CA   sing N N 247 
PRO N   CD   sing N N 248 
PRO N   H    sing N N 249 
PRO CA  C    sing N N 250 
PRO CA  CB   sing N N 251 
PRO CA  HA   sing N N 252 
PRO C   O    doub N N 253 
PRO C   OXT  sing N N 254 
PRO CB  CG   sing N N 255 
PRO CB  HB2  sing N N 256 
PRO CB  HB3  sing N N 257 
PRO CG  CD   sing N N 258 
PRO CG  HG2  sing N N 259 
PRO CG  HG3  sing N N 260 
PRO CD  HD2  sing N N 261 
PRO CD  HD3  sing N N 262 
PRO OXT HXT  sing N N 263 
SER N   CA   sing N N 264 
SER N   H    sing N N 265 
SER N   H2   sing N N 266 
SER CA  C    sing N N 267 
SER CA  CB   sing N N 268 
SER CA  HA   sing N N 269 
SER C   O    doub N N 270 
SER C   OXT  sing N N 271 
SER CB  OG   sing N N 272 
SER CB  HB2  sing N N 273 
SER CB  HB3  sing N N 274 
SER OG  HG   sing N N 275 
SER OXT HXT  sing N N 276 
SO4 S   O1   doub N N 277 
SO4 S   O2   doub N N 278 
SO4 S   O3   sing N N 279 
SO4 S   O4   sing N N 280 
THR N   CA   sing N N 281 
THR N   H    sing N N 282 
THR N   H2   sing N N 283 
THR CA  C    sing N N 284 
THR CA  CB   sing N N 285 
THR CA  HA   sing N N 286 
THR C   O    doub N N 287 
THR C   OXT  sing N N 288 
THR CB  OG1  sing N N 289 
THR CB  CG2  sing N N 290 
THR CB  HB   sing N N 291 
THR OG1 HG1  sing N N 292 
THR CG2 HG21 sing N N 293 
THR CG2 HG22 sing N N 294 
THR CG2 HG23 sing N N 295 
THR OXT HXT  sing N N 296 
TYR N   CA   sing N N 297 
TYR N   H    sing N N 298 
TYR N   H2   sing N N 299 
TYR CA  C    sing N N 300 
TYR CA  CB   sing N N 301 
TYR CA  HA   sing N N 302 
TYR C   O    doub N N 303 
TYR C   OXT  sing N N 304 
TYR CB  CG   sing N N 305 
TYR CB  HB2  sing N N 306 
TYR CB  HB3  sing N N 307 
TYR CG  CD1  doub Y N 308 
TYR CG  CD2  sing Y N 309 
TYR CD1 CE1  sing Y N 310 
TYR CD1 HD1  sing N N 311 
TYR CD2 CE2  doub Y N 312 
TYR CD2 HD2  sing N N 313 
TYR CE1 CZ   doub Y N 314 
TYR CE1 HE1  sing N N 315 
TYR CE2 CZ   sing Y N 316 
TYR CE2 HE2  sing N N 317 
TYR CZ  OH   sing N N 318 
TYR OH  HH   sing N N 319 
TYR OXT HXT  sing N N 320 
VAL N   CA   sing N N 321 
VAL N   H    sing N N 322 
VAL N   H2   sing N N 323 
VAL CA  C    sing N N 324 
VAL CA  CB   sing N N 325 
VAL CA  HA   sing N N 326 
VAL C   O    doub N N 327 
VAL C   OXT  sing N N 328 
VAL CB  CG1  sing N N 329 
VAL CB  CG2  sing N N 330 
VAL CB  HB   sing N N 331 
VAL CG1 HG11 sing N N 332 
VAL CG1 HG12 sing N N 333 
VAL CG1 HG13 sing N N 334 
VAL CG2 HG21 sing N N 335 
VAL CG2 HG22 sing N N 336 
VAL CG2 HG23 sing N N 337 
VAL OXT HXT  sing N N 338 
# 
_atom_sites.entry_id                    6K5X 
_atom_sites.fract_transf_matrix[1][1]   -0.00963176 
_atom_sites.fract_transf_matrix[1][2]   -0.01685308 
_atom_sites.fract_transf_matrix[1][3]   0.00823799 
_atom_sites.fract_transf_matrix[2][1]   -0.01077210 
_atom_sites.fract_transf_matrix[2][2]   0.01255047 
_atom_sites.fract_transf_matrix[2][3]   0.01308087 
_atom_sites.fract_transf_matrix[3][1]   -0.00322998 
_atom_sites.fract_transf_matrix[3][2]   0.00037154 
_atom_sites.fract_transf_matrix[3][3]   -0.00301636 
_atom_sites.fract_transf_vector[1]      0.080239 
_atom_sites.fract_transf_vector[2]      0.225851 
_atom_sites.fract_transf_vector[3]      0.127913 
# 
loop_
_atom_type.symbol 
C 
N 
O 
S 
# 
loop_
_atom_site.group_PDB 
_atom_site.id 
_atom_site.type_symbol 
_atom_site.label_atom_id 
_atom_site.label_alt_id 
_atom_site.label_comp_id 
_atom_site.label_asym_id 
_atom_site.label_entity_id 
_atom_site.label_seq_id 
_atom_site.pdbx_PDB_ins_code 
_atom_site.Cartn_x 
_atom_site.Cartn_y 
_atom_site.Cartn_z 
_atom_site.occupancy 
_atom_site.B_iso_or_equiv 
_atom_site.pdbx_formal_charge 
_atom_site.auth_seq_id 
_atom_site.auth_comp_id 
_atom_site.auth_asym_id 
_atom_site.auth_atom_id 
_atom_site.pdbx_PDB_model_num 
ATOM   1   N N   . HIS A 1 8  ? -20.741 -6.111  -16.834 1.00 92.21  ? 8   HIS A N   1 
ATOM   2   C CA  . HIS A 1 8  ? -22.006 -5.828  -16.157 1.00 92.85  ? 8   HIS A CA  1 
ATOM   3   C C   . HIS A 1 8  ? -22.291 -4.327  -16.011 1.00 87.25  ? 8   HIS A C   1 
ATOM   4   O O   . HIS A 1 8  ? -22.892 -3.900  -15.022 1.00 88.13  ? 8   HIS A O   1 
ATOM   5   C CB  . HIS A 1 8  ? -22.049 -6.507  -14.765 1.00 94.82  ? 8   HIS A CB  1 
ATOM   6   C CG  . HIS A 1 8  ? -20.967 -6.076  -13.811 1.00 93.87  ? 8   HIS A CG  1 
ATOM   7   N ND1 . HIS A 1 8  ? -19.654 -6.486  -13.910 1.00 94.32  ? 8   HIS A ND1 1 
ATOM   8   C CD2 . HIS A 1 8  ? -21.020 -5.268  -12.721 1.00 94.73  ? 8   HIS A CD2 1 
ATOM   9   C CE1 . HIS A 1 8  ? -18.948 -5.953  -12.925 1.00 94.12  ? 8   HIS A CE1 1 
ATOM   10  N NE2 . HIS A 1 8  ? -19.754 -5.208  -12.190 1.00 89.58  ? 8   HIS A NE2 1 
ATOM   11  N N   . THR A 1 9  ? -21.879 -3.522  -17.001 1.00 78.24  ? 9   THR A N   1 
ATOM   12  C CA  . THR A 1 9  ? -22.100 -2.078  -16.947 1.00 70.25  ? 9   THR A CA  1 
ATOM   13  C C   . THR A 1 9  ? -22.706 -1.524  -18.238 1.00 69.77  ? 9   THR A C   1 
ATOM   14  O O   . THR A 1 9  ? -22.557 -0.329  -18.526 1.00 70.10  ? 9   THR A O   1 
ATOM   15  C CB  . THR A 1 9  ? -20.798 -1.337  -16.616 1.00 69.53  ? 9   THR A CB  1 
ATOM   16  O OG1 . THR A 1 9  ? -19.776 -1.707  -17.550 1.00 76.12  ? 9   THR A OG1 1 
ATOM   17  C CG2 . THR A 1 9  ? -20.338 -1.672  -15.202 1.00 63.62  ? 9   THR A CG2 1 
ATOM   18  N N   . ASP A 1 10 ? -23.404 -2.356  -19.021 1.00 55.70  ? 10  ASP A N   1 
ATOM   19  C CA  . ASP A 1 10 ? -23.984 -1.863  -20.269 1.00 72.24  ? 10  ASP A CA  1 
ATOM   20  C C   . ASP A 1 10 ? -25.084 -0.833  -20.034 1.00 69.44  ? 10  ASP A C   1 
ATOM   21  O O   . ASP A 1 10 ? -25.438 -0.101  -20.967 1.00 69.59  ? 10  ASP A O   1 
ATOM   22  C CB  . ASP A 1 10 ? -24.525 -3.028  -21.103 1.00 80.57  ? 10  ASP A CB  1 
ATOM   23  C CG  . ASP A 1 10 ? -25.361 -3.994  -20.287 1.00 89.75  ? 10  ASP A CG  1 
ATOM   24  O OD1 . ASP A 1 10 ? -24.922 -4.363  -19.172 1.00 95.11  ? 10  ASP A OD1 1 
ATOM   25  O OD2 . ASP A 1 10 ? -26.448 -4.391  -20.766 1.00 88.82  ? 10  ASP A OD2 1 
ATOM   26  N N   . VAL A 1 11 ? -25.611 -0.745  -18.808 1.00 64.95  ? 11  VAL A N   1 
ATOM   27  C CA  . VAL A 1 11 ? -26.651 0.224   -18.474 1.00 58.80  ? 11  VAL A CA  1 
ATOM   28  C C   . VAL A 1 11 ? -26.138 1.663   -18.525 1.00 57.52  ? 11  VAL A C   1 
ATOM   29  O O   . VAL A 1 11 ? -26.937 2.599   -18.643 1.00 53.31  ? 11  VAL A O   1 
ATOM   30  C CB  . VAL A 1 11 ? -27.242 -0.109  -17.083 1.00 55.60  ? 11  VAL A CB  1 
ATOM   31  C CG1 . VAL A 1 11 ? -26.241 0.229   -15.976 1.00 54.53  ? 11  VAL A CG1 1 
ATOM   32  C CG2 . VAL A 1 11 ? -28.557 0.620   -16.849 1.00 54.85  ? 11  VAL A CG2 1 
ATOM   33  N N   . LEU A 1 12 ? -24.820 1.866   -18.429 1.00 55.58  ? 12  LEU A N   1 
ATOM   34  C CA  . LEU A 1 12 ? -24.247 3.207   -18.456 1.00 49.00  ? 12  LEU A CA  1 
ATOM   35  C C   . LEU A 1 12 ? -24.093 3.685   -19.895 1.00 47.93  ? 12  LEU A C   1 
ATOM   36  O O   . LEU A 1 12 ? -23.684 2.920   -20.771 1.00 53.59  ? 12  LEU A O   1 
ATOM   37  C CB  . LEU A 1 12 ? -22.874 3.231   -17.775 1.00 41.79  ? 12  LEU A CB  1 
ATOM   38  C CG  . LEU A 1 12 ? -22.739 2.786   -16.316 1.00 45.59  ? 12  LEU A CG  1 
ATOM   39  C CD1 . LEU A 1 12 ? -21.266 2.862   -15.852 1.00 45.25  ? 12  LEU A CD1 1 
ATOM   40  C CD2 . LEU A 1 12 ? -23.605 3.641   -15.433 1.00 46.83  ? 12  LEU A CD2 1 
ATOM   41  N N   . ASN A 1 13 ? -24.382 4.964   -20.133 1.00 45.48  ? 13  ASN A N   1 
ATOM   42  C CA  . ASN A 1 13 ? -24.069 5.522   -21.442 1.00 54.73  ? 13  ASN A CA  1 
ATOM   43  C C   . ASN A 1 13 ? -22.573 5.829   -21.542 1.00 62.01  ? 13  ASN A C   1 
ATOM   44  O O   . ASN A 1 13 ? -21.794 5.603   -20.604 1.00 51.85  ? 13  ASN A O   1 
ATOM   45  C CB  . ASN A 1 13 ? -24.941 6.744   -21.742 1.00 54.58  ? 13  ASN A CB  1 
ATOM   46  C CG  . ASN A 1 13 ? -24.633 7.959   -20.871 1.00 52.07  ? 13  ASN A CG  1 
ATOM   47  O OD1 . ASN A 1 13 ? -23.501 8.179   -20.427 1.00 52.94  ? 13  ASN A OD1 1 
ATOM   48  N ND2 . ASN A 1 13 ? -25.654 8.794   -20.663 1.00 45.78  ? 13  ASN A ND2 1 
ATOM   49  N N   . SER A 1 14 ? -22.170 6.372   -22.693 1.00 59.03  ? 14  SER A N   1 
ATOM   50  C CA  . SER A 1 14 ? -20.749 6.565   -22.973 1.00 57.41  ? 14  SER A CA  1 
ATOM   51  C C   . SER A 1 14 ? -20.106 7.543   -21.998 1.00 55.21  ? 14  SER A C   1 
ATOM   52  O O   . SER A 1 14 ? -18.945 7.362   -21.605 1.00 54.29  ? 14  SER A O   1 
ATOM   53  C CB  . SER A 1 14 ? -20.568 7.040   -24.416 1.00 65.01  ? 14  SER A CB  1 
ATOM   54  O OG  . SER A 1 14 ? -21.203 8.288   -24.623 1.00 66.62  ? 14  SER A OG  1 
ATOM   55  N N   . THR A 1 15 ? -20.836 8.583   -21.586 1.00 50.43  ? 15  THR A N   1 
ATOM   56  C CA  . THR A 1 15 ? -20.273 9.541   -20.635 1.00 56.68  ? 15  THR A CA  1 
ATOM   57  C C   . THR A 1 15 ? -20.036 8.896   -19.273 1.00 49.93  ? 15  THR A C   1 
ATOM   58  O O   . THR A 1 15 ? -18.967 9.062   -18.668 1.00 46.56  ? 15  THR A O   1 
ATOM   59  C CB  . THR A 1 15 ? -21.201 10.745  -20.489 1.00 56.23  ? 15  THR A CB  1 
ATOM   60  O OG1 . THR A 1 15 ? -21.451 11.309  -21.780 1.00 52.92  ? 15  THR A OG1 1 
ATOM   61  C CG2 . THR A 1 15 ? -20.552 11.798  -19.595 1.00 51.49  ? 15  THR A CG2 1 
ATOM   62  N N   . ALA A 1 16 ? -21.037 8.169   -18.769 1.00 47.58  ? 16  ALA A N   1 
ATOM   63  C CA  . ALA A 1 16 ? -20.899 7.485   -17.488 1.00 47.53  ? 16  ALA A CA  1 
ATOM   64  C C   . ALA A 1 16 ? -19.817 6.415   -17.545 1.00 55.69  ? 16  ALA A C   1 
ATOM   65  O O   . ALA A 1 16 ? -19.056 6.232   -16.578 1.00 52.70  ? 16  ALA A O   1 
ATOM   66  C CB  . ALA A 1 16 ? -22.246 6.882   -17.081 1.00 45.30  ? 16  ALA A CB  1 
ATOM   67  N N   . GLN A 1 17 ? -19.737 5.692   -18.666 1.00 52.55  ? 17  GLN A N   1 
ATOM   68  C CA  . GLN A 1 17 ? -18.655 4.734   -18.862 1.00 55.43  ? 17  GLN A CA  1 
ATOM   69  C C   . GLN A 1 17 ? -17.297 5.416   -18.787 1.00 57.00  ? 17  GLN A C   1 
ATOM   70  O O   . GLN A 1 17 ? -16.358 4.883   -18.174 1.00 50.76  ? 17  GLN A O   1 
ATOM   71  C CB  . GLN A 1 17 ? -18.815 4.022   -20.205 1.00 66.15  ? 17  GLN A CB  1 
ATOM   72  C CG  . GLN A 1 17 ? -19.720 2.808   -20.163 1.00 76.70  ? 17  GLN A CG  1 
ATOM   73  C CD  . GLN A 1 17 ? -19.060 1.629   -19.480 1.00 85.59  ? 17  GLN A CD  1 
ATOM   74  O OE1 . GLN A 1 17 ? -17.848 1.622   -19.263 1.00 95.43  ? 17  GLN A OE1 1 
ATOM   75  N NE2 . GLN A 1 17 ? -19.855 0.621   -19.138 1.00 88.79  ? 17  GLN A NE2 1 
ATOM   76  N N   . GLY A 1 18 ? -17.170 6.591   -19.411 1.00 50.87  ? 18  GLY A N   1 
ATOM   77  C CA  . GLY A 1 18 ? -15.926 7.334   -19.314 1.00 56.61  ? 18  GLY A CA  1 
ATOM   78  C C   . GLY A 1 18 ? -15.577 7.697   -17.883 1.00 55.03  ? 18  GLY A C   1 
ATOM   79  O O   . GLY A 1 18 ? -14.431 7.540   -17.456 1.00 61.82  ? 18  GLY A O   1 
ATOM   80  N N   . GLN A 1 19 ? -16.563 8.185   -17.119 1.00 50.78  ? 19  GLN A N   1 
ATOM   81  C CA  . GLN A 1 19 ? -16.297 8.541   -15.719 1.00 55.73  ? 19  GLN A CA  1 
ATOM   82  C C   . GLN A 1 19 ? -15.873 7.321   -14.903 1.00 55.02  ? 19  GLN A C   1 
ATOM   83  O O   . GLN A 1 19 ? -14.964 7.402   -14.057 1.00 57.37  ? 19  GLN A O   1 
ATOM   84  C CB  . GLN A 1 19 ? -17.530 9.211   -15.099 1.00 55.38  ? 19  GLN A CB  1 
ATOM   85  C CG  . GLN A 1 19 ? -17.844 10.601  -15.688 1.00 56.54  ? 19  GLN A CG  1 
ATOM   86  C CD  . GLN A 1 19 ? -19.218 11.166  -15.288 1.00 61.97  ? 19  GLN A CD  1 
ATOM   87  O OE1 . GLN A 1 19 ? -20.085 10.451  -14.776 1.00 60.16  ? 19  GLN A OE1 1 
ATOM   88  N NE2 . GLN A 1 19 ? -19.415 12.461  -15.535 1.00 59.37  ? 19  GLN A NE2 1 
ATOM   89  N N   . LEU A 1 20 ? -16.508 6.175   -15.151 1.00 49.58  ? 20  LEU A N   1 
ATOM   90  C CA  . LEU A 1 20 ? -16.162 4.951   -14.431 1.00 51.06  ? 20  LEU A CA  1 
ATOM   91  C C   . LEU A 1 20 ? -14.752 4.476   -14.783 1.00 54.72  ? 20  LEU A C   1 
ATOM   92  O O   . LEU A 1 20 ? -13.968 4.095   -13.900 1.00 45.71  ? 20  LEU A O   1 
ATOM   93  C CB  . LEU A 1 20 ? -17.199 3.869   -14.738 1.00 46.12  ? 20  LEU A CB  1 
ATOM   94  C CG  . LEU A 1 20 ? -16.989 2.483   -14.133 1.00 51.90  ? 20  LEU A CG  1 
ATOM   95  C CD1 . LEU A 1 20 ? -17.003 2.608   -12.635 1.00 49.11  ? 20  LEU A CD1 1 
ATOM   96  C CD2 . LEU A 1 20 ? -18.077 1.526   -14.601 1.00 48.03  ? 20  LEU A CD2 1 
ATOM   97  N N   . LYS A 1 21 ? -14.421 4.484   -16.081 1.00 49.63  ? 21  LYS A N   1 
ATOM   98  C CA  . LYS A 1 21 ? -13.065 4.167   -16.522 1.00 49.87  ? 21  LYS A CA  1 
ATOM   99  C C   . LYS A 1 21 ? -12.044 5.093   -15.879 1.00 48.41  ? 21  LYS A C   1 
ATOM   100 O O   . LYS A 1 21 ? -10.941 4.664   -15.530 1.00 49.37  ? 21  LYS A O   1 
ATOM   101 C CB  . LYS A 1 21 ? -12.969 4.263   -18.046 1.00 60.37  ? 21  LYS A CB  1 
ATOM   102 C CG  . LYS A 1 21 ? -13.766 3.216   -18.817 1.00 79.89  ? 21  LYS A CG  1 
ATOM   103 C CD  . LYS A 1 21 ? -13.627 3.409   -20.330 1.00 89.73  ? 21  LYS A CD  1 
ATOM   104 C CE  . LYS A 1 21 ? -14.396 2.359   -21.129 1.00 95.70  ? 21  LYS A CE  1 
ATOM   105 N NZ  . LYS A 1 21 ? -14.265 2.581   -22.597 1.00 100.69 ? 21  LYS A NZ  1 
ATOM   106 N N   . SER A 1 22 ? -12.378 6.374   -15.746 1.00 48.29  ? 22  SER A N   1 
ATOM   107 C CA  . SER A 1 22 ? -11.461 7.322   -15.129 1.00 48.86  ? 22  SER A CA  1 
ATOM   108 C C   . SER A 1 22 ? -11.215 6.964   -13.669 1.00 51.73  ? 22  SER A C   1 
ATOM   109 O O   . SER A 1 22 ? -10.069 6.924   -13.209 1.00 52.32  ? 22  SER A O   1 
ATOM   110 C CB  . SER A 1 22 ? -12.025 8.737   -15.252 1.00 48.95  ? 22  SER A CB  1 
ATOM   111 O OG  . SER A 1 22 ? -11.284 9.647   -14.452 1.00 57.87  ? 22  SER A OG  1 
ATOM   112 N N   . ILE A 1 23 ? -12.295 6.717   -12.921 1.00 46.47  ? 23  ILE A N   1 
ATOM   113 C CA  . ILE A 1 23 ? -12.158 6.315   -11.528 1.00 52.49  ? 23  ILE A CA  1 
ATOM   114 C C   . ILE A 1 23 ? -11.230 5.115   -11.418 1.00 54.62  ? 23  ILE A C   1 
ATOM   115 O O   . ILE A 1 23 ? -10.280 5.108   -10.625 1.00 48.68  ? 23  ILE A O   1 
ATOM   116 C CB  . ILE A 1 23 ? -13.539 6.021   -10.918 1.00 51.73  ? 23  ILE A CB  1 
ATOM   117 C CG1 . ILE A 1 23 ? -14.366 7.303   -10.882 1.00 53.43  ? 23  ILE A CG1 1 
ATOM   118 C CG2 . ILE A 1 23 ? -13.389 5.473   -9.517  1.00 51.37  ? 23  ILE A CG2 1 
ATOM   119 C CD1 . ILE A 1 23 ? -13.619 8.489   -10.277 1.00 56.75  ? 23  ILE A CD1 1 
ATOM   120 N N   . ILE A 1 24 ? -11.483 4.091   -12.236 1.00 52.33  ? 24  ILE A N   1 
ATOM   121 C CA  . ILE A 1 24 ? -10.727 2.851   -12.105 1.00 52.29  ? 24  ILE A CA  1 
ATOM   122 C C   . ILE A 1 24 ? -9.262  3.066   -12.457 1.00 61.42  ? 24  ILE A C   1 
ATOM   123 O O   . ILE A 1 24 ? -8.356  2.599   -11.737 1.00 55.14  ? 24  ILE A O   1 
ATOM   124 C CB  . ILE A 1 24 ? -11.366 1.745   -12.957 1.00 52.60  ? 24  ILE A CB  1 
ATOM   125 C CG1 . ILE A 1 24 ? -12.537 1.126   -12.191 1.00 49.55  ? 24  ILE A CG1 1 
ATOM   126 C CG2 . ILE A 1 24 ? -10.317 0.689   -13.338 1.00 53.50  ? 24  ILE A CG2 1 
ATOM   127 C CD1 . ILE A 1 24 ? -13.385 0.208   -13.023 1.00 58.10  ? 24  ILE A CD1 1 
ATOM   128 N N   . GLU A 1 25 ? -8.993  3.784   -13.550 1.00 51.39  ? 25  GLU A N   1 
ATOM   129 C CA  . GLU A 1 25 ? -7.605  4.066   -13.902 1.00 59.61  ? 25  GLU A CA  1 
ATOM   130 C C   . GLU A 1 25 ? -6.885  4.839   -12.796 1.00 56.91  ? 25  GLU A C   1 
ATOM   131 O O   . GLU A 1 25 ? -5.719  4.555   -12.487 1.00 56.37  ? 25  GLU A O   1 
ATOM   132 C CB  . GLU A 1 25 ? -7.550  4.817   -15.230 1.00 57.92  ? 25  GLU A CB  1 
ATOM   133 C CG  . GLU A 1 25 ? -7.772  3.906   -16.427 1.00 74.79  ? 25  GLU A CG  1 
ATOM   134 C CD  . GLU A 1 25 ? -8.081  4.658   -17.712 1.00 83.99  ? 25  GLU A CD  1 
ATOM   135 O OE1 . GLU A 1 25 ? -8.273  5.894   -17.663 1.00 84.80  ? 25  GLU A OE1 1 
ATOM   136 O OE2 . GLU A 1 25 ? -8.140  4.004   -18.777 1.00 88.00  ? 25  GLU A OE2 1 
ATOM   137 N N   . ARG A 1 26 ? -7.558  5.815   -12.174 1.00 48.95  ? 26  ARG A N   1 
ATOM   138 C CA  . ARG A 1 26 ? -6.883  6.603   -11.148 1.00 49.87  ? 26  ARG A CA  1 
ATOM   139 C C   . ARG A 1 26 ? -6.582  5.756   -9.915  1.00 55.13  ? 26  ARG A C   1 
ATOM   140 O O   . ARG A 1 26 ? -5.494  5.867   -9.325  1.00 55.63  ? 26  ARG A O   1 
ATOM   141 C CB  . ARG A 1 26 ? -7.718  7.825   -10.776 1.00 40.74  ? 26  ARG A CB  1 
ATOM   142 C CG  . ARG A 1 26 ? -7.695  8.928   -11.827 1.00 50.64  ? 26  ARG A CG  1 
ATOM   143 C CD  . ARG A 1 26 ? -8.904  9.867   -11.659 1.00 60.67  ? 26  ARG A CD  1 
ATOM   144 N NE  . ARG A 1 26 ? -8.799  10.652  -10.428 1.00 76.64  ? 26  ARG A NE  1 
ATOM   145 C CZ  . ARG A 1 26 ? -9.790  11.349  -9.881  1.00 77.52  ? 26  ARG A CZ  1 
ATOM   146 N NH1 . ARG A 1 26 ? -10.990 11.364  -10.445 1.00 70.02  ? 26  ARG A NH1 1 
ATOM   147 N NH2 . ARG A 1 26 ? -9.578  12.026  -8.759  1.00 81.45  ? 26  ARG A NH2 1 
ATOM   148 N N   . VAL A 1 27 ? -7.535  4.907   -9.514  1.00 48.33  ? 27  VAL A N   1 
ATOM   149 C CA  . VAL A 1 27 ? -7.302  4.024   -8.375  1.00 46.43  ? 27  VAL A CA  1 
ATOM   150 C C   . VAL A 1 27 ? -6.135  3.094   -8.659  1.00 54.16  ? 27  VAL A C   1 
ATOM   151 O O   . VAL A 1 27 ? -5.271  2.879   -7.794  1.00 50.02  ? 27  VAL A O   1 
ATOM   152 C CB  . VAL A 1 27 ? -8.577  3.247   -8.011  1.00 48.26  ? 27  VAL A CB  1 
ATOM   153 C CG1 . VAL A 1 27 ? -8.254  2.139   -7.023  1.00 49.75  ? 27  VAL A CG1 1 
ATOM   154 C CG2 . VAL A 1 27 ? -9.600  4.188   -7.404  1.00 42.70  ? 27  VAL A CG2 1 
ATOM   155 N N   . GLU A 1 28 ? -6.067  2.548   -9.874  1.00 45.81  ? 28  GLU A N   1 
ATOM   156 C CA  . GLU A 1 28 ? -4.991  1.621   -10.191 1.00 52.66  ? 28  GLU A CA  1 
ATOM   157 C C   . GLU A 1 28 ? -3.638  2.327   -10.195 1.00 59.95  ? 28  GLU A C   1 
ATOM   158 O O   . GLU A 1 28 ? -2.618  1.750   -9.781  1.00 59.53  ? 28  GLU A O   1 
ATOM   159 C CB  . GLU A 1 28 ? -5.271  0.945   -11.524 1.00 51.45  ? 28  GLU A CB  1 
ATOM   160 C CG  . GLU A 1 28 ? -6.484  0.042   -11.456 1.00 60.73  ? 28  GLU A CG  1 
ATOM   161 C CD  . GLU A 1 28 ? -6.722  -0.718  -12.746 1.00 59.99  ? 28  GLU A CD  1 
ATOM   162 O OE1 . GLU A 1 28 ? -6.412  -0.184  -13.842 1.00 53.92  ? 28  GLU A OE1 1 
ATOM   163 O OE2 . GLU A 1 28 ? -7.196  -1.870  -12.658 1.00 52.23  ? 28  GLU A OE2 1 
ATOM   164 N N   . ARG A 1 29 ? -3.610  3.582   -10.644 1.00 54.43  ? 29  ARG A N   1 
ATOM   165 C CA  . ARG A 1 29 ? -2.364  4.339   -10.598 1.00 57.60  ? 29  ARG A CA  1 
ATOM   166 C C   . ARG A 1 29 ? -1.904  4.566   -9.157  1.00 53.21  ? 29  ARG A C   1 
ATOM   167 O O   . ARG A 1 29 ? -0.716  4.408   -8.830  1.00 60.32  ? 29  ARG A O   1 
ATOM   168 C CB  . ARG A 1 29 ? -2.541  5.663   -11.323 1.00 59.22  ? 29  ARG A CB  1 
ATOM   169 C CG  . ARG A 1 29 ? -2.773  5.476   -12.789 1.00 78.04  ? 29  ARG A CG  1 
ATOM   170 C CD  . ARG A 1 29 ? -2.883  6.765   -13.563 1.00 82.30  ? 29  ARG A CD  1 
ATOM   171 N NE  . ARG A 1 29 ? -3.131  6.510   -14.980 1.00 92.02  ? 29  ARG A NE  1 
ATOM   172 C CZ  . ARG A 1 29 ? -2.180  6.229   -15.867 1.00 96.25  ? 29  ARG A CZ  1 
ATOM   173 N NH1 . ARG A 1 29 ? -0.912  6.178   -15.491 1.00 94.72  ? 29  ARG A NH1 1 
ATOM   174 N NH2 . ARG A 1 29 ? -2.499  6.010   -17.134 1.00 101.95 ? 29  ARG A NH2 1 
ATOM   175 N N   . LEU A 1 30 ? -2.837  4.943   -8.281  1.00 48.70  ? 30  LEU A N   1 
ATOM   176 C CA  . LEU A 1 30 ? -2.467  5.116   -6.881  1.00 55.97  ? 30  LEU A CA  1 
ATOM   177 C C   . LEU A 1 30 ? -2.046  3.792   -6.240  1.00 53.34  ? 30  LEU A C   1 
ATOM   178 O O   . LEU A 1 30 ? -1.173  3.780   -5.361  1.00 51.46  ? 30  LEU A O   1 
ATOM   179 C CB  . LEU A 1 30 ? -3.621  5.767   -6.120  1.00 56.65  ? 30  LEU A CB  1 
ATOM   180 C CG  . LEU A 1 30 ? -3.845  7.249   -6.439  1.00 54.17  ? 30  LEU A CG  1 
ATOM   181 C CD1 . LEU A 1 30 ? -5.179  7.714   -5.889  1.00 46.43  ? 30  LEU A CD1 1 
ATOM   182 C CD2 . LEU A 1 30 ? -2.709  8.073   -5.830  1.00 55.87  ? 30  LEU A CD2 1 
ATOM   183 N N   . GLU A 1 31 ? -2.650  2.674   -6.664  1.00 38.74  ? 31  GLU A N   1 
ATOM   184 C CA  . GLU A 1 31 ? -2.196  1.364   -6.202  1.00 40.74  ? 31  GLU A CA  1 
ATOM   185 C C   . GLU A 1 31 ? -0.751  1.106   -6.602  1.00 54.67  ? 31  GLU A C   1 
ATOM   186 O O   . GLU A 1 31 ? 0.019   0.504   -5.837  1.00 50.03  ? 31  GLU A O   1 
ATOM   187 C CB  . GLU A 1 31 ? -3.078  0.247   -6.753  1.00 46.32  ? 31  GLU A CB  1 
ATOM   188 C CG  . GLU A 1 31 ? -4.533  0.274   -6.300  1.00 59.34  ? 31  GLU A CG  1 
ATOM   189 C CD  . GLU A 1 31 ? -4.726  -0.139  -4.855  1.00 73.53  ? 31  GLU A CD  1 
ATOM   190 O OE1 . GLU A 1 31 ? -3.717  -0.387  -4.147  1.00 74.39  ? 31  GLU A OE1 1 
ATOM   191 O OE2 . GLU A 1 31 ? -5.897  -0.222  -4.428  1.00 73.41  ? 31  GLU A OE2 1 
ATOM   192 N N   . VAL A 1 32 ? -0.376  1.530   -7.814  1.00 47.29  ? 32  VAL A N   1 
ATOM   193 C CA  . VAL A 1 32 ? 1.018   1.396   -8.235  1.00 50.21  ? 32  VAL A CA  1 
ATOM   194 C C   . VAL A 1 32 ? 1.936   2.191   -7.305  1.00 53.07  ? 32  VAL A C   1 
ATOM   195 O O   . VAL A 1 32 ? 2.967   1.682   -6.837  1.00 48.35  ? 32  VAL A O   1 
ATOM   196 C CB  . VAL A 1 32 ? 1.187   1.825   -9.703  1.00 50.75  ? 32  VAL A CB  1 
ATOM   197 C CG1 . VAL A 1 32 ? 2.659   1.831   -10.068 1.00 51.18  ? 32  VAL A CG1 1 
ATOM   198 C CG2 . VAL A 1 32 ? 0.418   0.881   -10.621 1.00 42.71  ? 32  VAL A CG2 1 
ATOM   199 N N   . GLU A 1 33 ? 1.587   3.454   -7.031  1.00 53.70  ? 33  GLU A N   1 
ATOM   200 C CA  . GLU A 1 33 ? 2.404   4.243   -6.104  1.00 48.95  ? 33  GLU A CA  1 
ATOM   201 C C   . GLU A 1 33 ? 2.517   3.546   -4.754  1.00 50.86  ? 33  GLU A C   1 
ATOM   202 O O   . GLU A 1 33 ? 3.599   3.493   -4.140  1.00 53.30  ? 33  GLU A O   1 
ATOM   203 C CB  . GLU A 1 33 ? 1.810   5.638   -5.902  1.00 59.87  ? 33  GLU A CB  1 
ATOM   204 C CG  . GLU A 1 33 ? 1.696   6.494   -7.137  1.00 75.86  ? 33  GLU A CG  1 
ATOM   205 C CD  . GLU A 1 33 ? 1.512   7.956   -6.783  1.00 85.05  ? 33  GLU A CD  1 
ATOM   206 O OE1 . GLU A 1 33 ? 1.903   8.334   -5.658  1.00 81.67  ? 33  GLU A OE1 1 
ATOM   207 O OE2 . GLU A 1 33 ? 0.973   8.719   -7.616  1.00 91.30  ? 33  GLU A OE2 1 
ATOM   208 N N   . LYS A 1 34 ? 1.388   3.030   -4.265  1.00 48.74  ? 34  LYS A N   1 
ATOM   209 C CA  . LYS A 1 34 ? 1.354   2.299   -3.005  1.00 54.09  ? 34  LYS A CA  1 
ATOM   210 C C   . LYS A 1 34 ? 2.348   1.140   -3.019  1.00 56.59  ? 34  LYS A C   1 
ATOM   211 O O   . LYS A 1 34 ? 3.140   0.962   -2.079  1.00 50.58  ? 34  LYS A O   1 
ATOM   212 C CB  . LYS A 1 34 ? -0.070  1.799   -2.752  1.00 51.28  ? 34  LYS A CB  1 
ATOM   213 C CG  . LYS A 1 34 ? -0.329  1.272   -1.354  1.00 49.27  ? 34  LYS A CG  1 
ATOM   214 C CD  . LYS A 1 34 ? -1.634  0.487   -1.324  1.00 55.16  ? 34  LYS A CD  1 
ATOM   215 C CE  . LYS A 1 34 ? -1.915  -0.008  0.074   1.00 62.63  ? 34  LYS A CE  1 
ATOM   216 N NZ  . LYS A 1 34 ? -3.185  -0.761  0.177   1.00 58.46  ? 34  LYS A NZ  1 
ATOM   217 N N   . ALA A 1 35 ? 2.322   0.345   -4.092  1.00 51.85  ? 35  ALA A N   1 
ATOM   218 C CA  . ALA A 1 35 ? 3.246   -0.777  -4.202  1.00 56.43  ? 35  ALA A CA  1 
ATOM   219 C C   . ALA A 1 35 ? 4.695   -0.311  -4.215  1.00 56.09  ? 35  ALA A C   1 
ATOM   220 O O   . ALA A 1 35 ? 5.582   -1.006  -3.703  1.00 46.16  ? 35  ALA A O   1 
ATOM   221 C CB  . ALA A 1 35 ? 2.949   -1.586  -5.456  1.00 60.98  ? 35  ALA A CB  1 
ATOM   222 N N   . GLU A 1 36 ? 4.959   0.848   -4.816  1.00 48.46  ? 36  GLU A N   1 
ATOM   223 C CA  . GLU A 1 36 ? 6.331   1.328   -4.865  1.00 46.16  ? 36  GLU A CA  1 
ATOM   224 C C   . GLU A 1 36 ? 6.825   1.675   -3.469  1.00 54.02  ? 36  GLU A C   1 
ATOM   225 O O   . GLU A 1 36 ? 7.954   1.332   -3.100  1.00 53.34  ? 36  GLU A O   1 
ATOM   226 C CB  . GLU A 1 36 ? 6.435   2.516   -5.812  1.00 52.71  ? 36  GLU A CB  1 
ATOM   227 C CG  . GLU A 1 36 ? 6.509   2.079   -7.267  1.00 60.94  ? 36  GLU A CG  1 
ATOM   228 C CD  . GLU A 1 36 ? 6.202   3.193   -8.243  1.00 72.73  ? 36  GLU A CD  1 
ATOM   229 O OE1 . GLU A 1 36 ? 6.028   2.897   -9.447  1.00 82.31  ? 36  GLU A OE1 1 
ATOM   230 O OE2 . GLU A 1 36 ? 6.128   4.362   -7.813  1.00 77.99  ? 36  GLU A OE2 1 
ATOM   231 N N   . ILE A 1 37 ? 5.970   2.306   -2.663  1.00 53.44  ? 37  ILE A N   1 
ATOM   232 C CA  . ILE A 1 37 ? 6.341   2.591   -1.279  1.00 51.90  ? 37  ILE A CA  1 
ATOM   233 C C   . ILE A 1 37 ? 6.533   1.303   -0.486  1.00 54.55  ? 37  ILE A C   1 
ATOM   234 O O   . ILE A 1 37 ? 7.472   1.178   0.317   1.00 47.65  ? 37  ILE A O   1 
ATOM   235 C CB  . ILE A 1 37 ? 5.291   3.505   -0.637  1.00 50.79  ? 37  ILE A CB  1 
ATOM   236 C CG1 . ILE A 1 37 ? 5.237   4.809   -1.419  1.00 44.59  ? 37  ILE A CG1 1 
ATOM   237 C CG2 . ILE A 1 37 ? 5.632   3.756   0.825   1.00 55.28  ? 37  ILE A CG2 1 
ATOM   238 C CD1 . ILE A 1 37 ? 4.529   5.888   -0.690  1.00 50.51  ? 37  ILE A CD1 1 
ATOM   239 N N   . MET A 1 38 ? 5.652   0.325   -0.690  1.00 46.29  ? 38  MET A N   1 
ATOM   240 C CA  . MET A 1 38 ? 5.825   -0.944  0.005   1.00 50.07  ? 38  MET A CA  1 
ATOM   241 C C   . MET A 1 38 ? 7.148   -1.615  -0.371  1.00 56.66  ? 38  MET A C   1 
ATOM   242 O O   . MET A 1 38 ? 7.802   -2.227  0.480   1.00 50.08  ? 38  MET A O   1 
ATOM   243 C CB  . MET A 1 38 ? 4.654   -1.861  -0.294  1.00 45.67  ? 38  MET A CB  1 
ATOM   244 C CG  . MET A 1 38 ? 3.323   -1.269  0.136   1.00 54.01  ? 38  MET A CG  1 
ATOM   245 S SD  . MET A 1 38 ? 1.969   -2.333  -0.384  1.00 65.86  ? 38  MET A SD  1 
ATOM   246 C CE  . MET A 1 38 ? 1.734   -3.290  1.112   1.00 68.15  ? 38  MET A CE  1 
ATOM   247 N N   . GLU A 1 39 ? 7.549   -1.522  -1.643  1.00 54.46  ? 39  GLU A N   1 
ATOM   248 C CA  . GLU A 1 39 ? 8.854   -2.064  -2.025  1.00 53.30  ? 39  GLU A CA  1 
ATOM   249 C C   . GLU A 1 39 ? 9.983   -1.308  -1.334  1.00 48.25  ? 39  GLU A C   1 
ATOM   250 O O   . GLU A 1 39 ? 10.975  -1.915  -0.903  1.00 47.18  ? 39  GLU A O   1 
ATOM   251 C CB  . GLU A 1 39 ? 9.023   -2.036  -3.544  1.00 62.45  ? 39  GLU A CB  1 
ATOM   252 C CG  . GLU A 1 39 ? 8.146   -3.055  -4.260  1.00 81.03  ? 39  GLU A CG  1 
ATOM   253 C CD  . GLU A 1 39 ? 7.827   -2.670  -5.701  1.00 96.42  ? 39  GLU A CD  1 
ATOM   254 O OE1 . GLU A 1 39 ? 8.526   -1.796  -6.266  1.00 94.83  ? 39  GLU A OE1 1 
ATOM   255 O OE2 . GLU A 1 39 ? 6.869   -3.245  -6.272  1.00 106.87 ? 39  GLU A OE2 1 
ATOM   256 N N   . GLN A 1 40 ? 9.857   0.015   -1.206  1.00 43.26  ? 40  GLN A N   1 
ATOM   257 C CA  . GLN A 1 40 ? 10.880  0.739   -0.438  1.00 50.66  ? 40  GLN A CA  1 
ATOM   258 C C   . GLN A 1 40 ? 10.945  0.252   1.014   1.00 48.75  ? 40  GLN A C   1 
ATOM   259 O O   . GLN A 1 40 ? 12.038  0.134   1.598   1.00 48.73  ? 40  GLN A O   1 
ATOM   260 C CB  . GLN A 1 40 ? 10.623  2.242   -0.494  1.00 51.77  ? 40  GLN A CB  1 
ATOM   261 C CG  . GLN A 1 40 ? 10.643  2.774   -1.908  1.00 62.21  ? 40  GLN A CG  1 
ATOM   262 C CD  . GLN A 1 40 ? 10.563  4.284   -1.977  1.00 69.67  ? 40  GLN A CD  1 
ATOM   263 O OE1 . GLN A 1 40 ? 11.114  4.987   -1.126  1.00 69.94  ? 40  GLN A OE1 1 
ATOM   264 N NE2 . GLN A 1 40 ? 9.879   4.794   -3.005  1.00 66.58  ? 40  GLN A NE2 1 
ATOM   265 N N   . ILE A 1 41 ? 9.788   -0.036  1.613   1.00 45.89  ? 41  ILE A N   1 
ATOM   266 C CA  . ILE A 1 41 ? 9.768   -0.608  2.961   1.00 50.39  ? 41  ILE A CA  1 
ATOM   267 C C   . ILE A 1 41 ? 10.494  -1.948  2.982   1.00 54.50  ? 41  ILE A C   1 
ATOM   268 O O   . ILE A 1 41 ? 11.257  -2.251  3.909   1.00 45.03  ? 41  ILE A O   1 
ATOM   269 C CB  . ILE A 1 41 ? 8.327   -0.750  3.467   1.00 51.01  ? 41  ILE A CB  1 
ATOM   270 C CG1 . ILE A 1 41 ? 7.697   0.631   3.640   1.00 50.85  ? 41  ILE A CG1 1 
ATOM   271 C CG2 . ILE A 1 41 ? 8.299   -1.555  4.774   1.00 42.24  ? 41  ILE A CG2 1 
ATOM   272 C CD1 . ILE A 1 41 ? 6.283   0.602   4.164   1.00 52.76  ? 41  ILE A CD1 1 
ATOM   273 N N   . LYS A 1 42 ? 10.237  -2.785  1.971   1.00 46.97  ? 42  LYS A N   1 
ATOM   274 C CA  . LYS A 1 42 ? 10.941  -4.062  1.882   1.00 46.34  ? 42  LYS A CA  1 
ATOM   275 C C   . LYS A 1 42 ? 12.454  -3.863  1.835   1.00 45.60  ? 42  LYS A C   1 
ATOM   276 O O   . LYS A 1 42 ? 13.207  -4.675  2.380   1.00 39.82  ? 42  LYS A O   1 
ATOM   277 C CB  . LYS A 1 42 ? 10.498  -4.855  0.653   1.00 42.91  ? 42  LYS A CB  1 
ATOM   278 C CG  . LYS A 1 42 ? 9.078   -5.374  0.711   1.00 54.07  ? 42  LYS A CG  1 
ATOM   279 C CD  . LYS A 1 42 ? 8.872   -6.474  -0.340  1.00 64.06  ? 42  LYS A CD  1 
ATOM   280 C CE  . LYS A 1 42 ? 8.846   -5.917  -1.770  1.00 76.59  ? 42  LYS A CE  1 
ATOM   281 N NZ  . LYS A 1 42 ? 8.294   -6.902  -2.759  1.00 73.51  ? 42  LYS A NZ  1 
ATOM   282 N N   . GLU A 1 43 ? 12.905  -2.801  1.154   1.00 38.03  ? 43  GLU A N   1 
ATOM   283 C CA  . GLU A 1 43 ? 14.338  -2.548  1.038   1.00 38.83  ? 43  GLU A CA  1 
ATOM   284 C C   . GLU A 1 43 ? 14.923  -2.126  2.383   1.00 38.20  ? 43  GLU A C   1 
ATOM   285 O O   . GLU A 1 43 ? 16.026  -2.548  2.746   1.00 42.71  ? 43  GLU A O   1 
ATOM   286 C CB  . GLU A 1 43 ? 14.597  -1.488  -0.029  1.00 38.10  ? 43  GLU A CB  1 
ATOM   287 C CG  . GLU A 1 43 ? 14.586  -2.056  -1.466  1.00 49.98  ? 43  GLU A CG  1 
ATOM   288 C CD  . GLU A 1 43 ? 14.295  -1.007  -2.536  1.00 63.10  ? 43  GLU A CD  1 
ATOM   289 O OE1 . GLU A 1 43 ? 13.502  -1.304  -3.463  1.00 72.66  ? 43  GLU A OE1 1 
ATOM   290 O OE2 . GLU A 1 43 ? 14.860  0.105   -2.457  1.00 62.66  ? 43  GLU A OE2 1 
ATOM   291 N N   . VAL A 1 44 ? 14.190  -1.298  3.132   1.00 41.22  ? 44  VAL A N   1 
ATOM   292 C CA  . VAL A 1 44 ? 14.630  -0.925  4.468   1.00 48.96  ? 44  VAL A CA  1 
ATOM   293 C C   . VAL A 1 44 ? 14.724  -2.157  5.359   1.00 52.08  ? 44  VAL A C   1 
ATOM   294 O O   . VAL A 1 44 ? 15.687  -2.320  6.112   1.00 42.58  ? 44  VAL A O   1 
ATOM   295 C CB  . VAL A 1 44 ? 13.702  0.138   5.080   1.00 48.54  ? 44  VAL A CB  1 
ATOM   296 C CG1 . VAL A 1 44 ? 14.168  0.451   6.512   1.00 42.43  ? 44  VAL A CG1 1 
ATOM   297 C CG2 . VAL A 1 44 ? 13.698  1.391   4.237   1.00 42.58  ? 44  VAL A CG2 1 
ATOM   298 N N   . TYR A 1 45 ? 13.725  -3.045  5.290   1.00 42.18  ? 45  TYR A N   1 
ATOM   299 C CA  . TYR A 1 45 ? 13.800  -4.252  6.114   1.00 44.30  ? 45  TYR A CA  1 
ATOM   300 C C   . TYR A 1 45 ? 14.960  -5.145  5.684   1.00 50.05  ? 45  TYR A C   1 
ATOM   301 O O   . TYR A 1 45 ? 15.597  -5.793  6.524   1.00 49.35  ? 45  TYR A O   1 
ATOM   302 C CB  . TYR A 1 45 ? 12.481  -5.018  6.070   1.00 44.07  ? 45  TYR A CB  1 
ATOM   303 C CG  . TYR A 1 45 ? 11.424  -4.478  7.010   1.00 49.28  ? 45  TYR A CG  1 
ATOM   304 C CD1 . TYR A 1 45 ? 11.712  -4.220  8.341   1.00 48.43  ? 45  TYR A CD1 1 
ATOM   305 C CD2 . TYR A 1 45 ? 10.114  -4.254  6.565   1.00 43.56  ? 45  TYR A CD2 1 
ATOM   306 C CE1 . TYR A 1 45 ? 10.735  -3.729  9.217   1.00 47.93  ? 45  TYR A CE1 1 
ATOM   307 C CE2 . TYR A 1 45 ? 9.141   -3.766  7.426   1.00 39.68  ? 45  TYR A CE2 1 
ATOM   308 C CZ  . TYR A 1 45 ? 9.448   -3.507  8.744   1.00 53.62  ? 45  TYR A CZ  1 
ATOM   309 O OH  . TYR A 1 45 ? 8.463   -3.025  9.585   1.00 52.40  ? 45  TYR A OH  1 
ATOM   310 N N   . ALA A 1 46 ? 15.242  -5.201  4.375   1.00 44.40  ? 46  ALA A N   1 
ATOM   311 C CA  . ALA A 1 46 ? 16.411  -5.934  3.893   1.00 41.52  ? 46  ALA A CA  1 
ATOM   312 C C   . ALA A 1 46 ? 17.696  -5.375  4.492   1.00 46.70  ? 46  ALA A C   1 
ATOM   313 O O   . ALA A 1 46 ? 18.601  -6.130  4.879   1.00 42.07  ? 46  ALA A O   1 
ATOM   314 C CB  . ALA A 1 46 ? 16.483  -5.874  2.369   1.00 42.76  ? 46  ALA A CB  1 
ATOM   315 N N   . GLU A 1 47 ? 17.818  -4.049  4.524   1.00 49.06  ? 47  GLU A N   1 
ATOM   316 C CA  . GLU A 1 47 ? 18.997  -3.445  5.127   1.00 46.16  ? 47  GLU A CA  1 
ATOM   317 C C   . GLU A 1 47 ? 19.071  -3.782  6.601   1.00 47.99  ? 47  GLU A C   1 
ATOM   318 O O   . GLU A 1 47 ? 20.153  -4.091  7.122   1.00 46.64  ? 47  GLU A O   1 
ATOM   319 C CB  . GLU A 1 47 ? 18.990  -1.929  4.919   1.00 49.16  ? 47  GLU A CB  1 
ATOM   320 C CG  . GLU A 1 47 ? 20.155  -1.231  5.601   1.00 54.94  ? 47  GLU A CG  1 
ATOM   321 C CD  . GLU A 1 47 ? 20.168  0.260   5.353   1.00 56.25  ? 47  GLU A CD  1 
ATOM   322 O OE1 . GLU A 1 47 ? 19.412  0.738   4.494   1.00 48.01  ? 47  GLU A OE1 1 
ATOM   323 O OE2 . GLU A 1 47 ? 20.934  0.968   6.020   1.00 52.37  ? 47  GLU A OE2 1 
ATOM   324 N N   . ALA A 1 48 ? 17.931  -3.734  7.296   1.00 41.26  ? 48  ALA A N   1 
ATOM   325 C CA  . ALA A 1 48 ? 17.902  -4.147  8.699   1.00 48.21  ? 48  ALA A CA  1 
ATOM   326 C C   . ALA A 1 48 ? 18.426  -5.568  8.879   1.00 51.72  ? 48  ALA A C   1 
ATOM   327 O O   . ALA A 1 48 ? 19.138  -5.855  9.846   1.00 46.81  ? 48  ALA A O   1 
ATOM   328 C CB  . ALA A 1 48 ? 16.487  -4.047  9.254   1.00 33.82  ? 48  ALA A CB  1 
ATOM   329 N N   . LYS A 1 49 ? 18.038  -6.477  7.980   1.00 46.14  ? 49  LYS A N   1 
ATOM   330 C CA  . LYS A 1 49 ? 18.536  -7.849  8.025   1.00 41.11  ? 49  LYS A CA  1 
ATOM   331 C C   . LYS A 1 49 ? 20.041  -7.887  7.826   1.00 44.41  ? 49  LYS A C   1 
ATOM   332 O O   . LYS A 1 49 ? 20.746  -8.659  8.479   1.00 45.28  ? 49  LYS A O   1 
ATOM   333 C CB  . LYS A 1 49 ? 17.856  -8.704  6.953   1.00 39.67  ? 49  LYS A CB  1 
ATOM   334 C CG  . LYS A 1 49 ? 18.277  -10.160 6.995   1.00 46.92  ? 49  LYS A CG  1 
ATOM   335 C CD  . LYS A 1 49 ? 18.065  -10.917 5.685   1.00 49.23  ? 49  LYS A CD  1 
ATOM   336 C CE  . LYS A 1 49 ? 16.601  -11.119 5.366   1.00 64.20  ? 49  LYS A CE  1 
ATOM   337 N NZ  . LYS A 1 49 ? 16.425  -12.016 4.184   1.00 74.17  ? 49  LYS A NZ  1 
ATOM   338 N N   . GLY A 1 50 ? 20.542  -7.090  6.887   1.00 46.56  ? 50  GLY A N   1 
ATOM   339 C CA  . GLY A 1 50 ? 21.980  -6.992  6.737   1.00 37.25  ? 50  GLY A CA  1 
ATOM   340 C C   . GLY A 1 50 ? 22.646  -6.532  8.020   1.00 39.55  ? 50  GLY A C   1 
ATOM   341 O O   . GLY A 1 50 ? 23.738  -6.995  8.367   1.00 37.72  ? 50  GLY A O   1 
ATOM   342 N N   . ASN A 1 51 ? 21.970  -5.644  8.762   1.00 36.42  ? 51  ASN A N   1 
ATOM   343 C CA  . ASN A 1 51 ? 22.477  -5.124  10.027  1.00 44.37  ? 51  ASN A CA  1 
ATOM   344 C C   . ASN A 1 51 ? 22.547  -6.187  11.106  1.00 44.09  ? 51  ASN A C   1 
ATOM   345 O O   . ASN A 1 51 ? 23.166  -5.945  12.146  1.00 49.17  ? 51  ASN A O   1 
ATOM   346 C CB  . ASN A 1 51 ? 21.590  -3.974  10.530  1.00 43.50  ? 51  ASN A CB  1 
ATOM   347 C CG  . ASN A 1 51 ? 21.828  -2.670  9.781   1.00 41.96  ? 51  ASN A CG  1 
ATOM   348 O OD1 . ASN A 1 51 ? 22.771  -2.557  9.003   1.00 53.32  ? 51  ASN A OD1 1 
ATOM   349 N ND2 . ASN A 1 51 ? 20.993  -1.670  10.044  1.00 44.71  ? 51  ASN A ND2 1 
ATOM   350 N N   . GLY A 1 52 ? 21.899  -7.328  10.901  1.00 48.53  ? 52  GLY A N   1 
ATOM   351 C CA  . GLY A 1 52 ? 21.852  -8.378  11.888  1.00 38.39  ? 52  GLY A CA  1 
ATOM   352 C C   . GLY A 1 52 ? 20.559  -8.478  12.662  1.00 47.31  ? 52  GLY A C   1 
ATOM   353 O O   . GLY A 1 52 ? 20.514  -9.219  13.648  1.00 43.06  ? 52  GLY A O   1 
ATOM   354 N N   . PHE A 1 53 ? 19.506  -7.776  12.250  1.00 43.08  ? 53  PHE A N   1 
ATOM   355 C CA  . PHE A 1 53 ? 18.239  -7.816  12.970  1.00 47.34  ? 53  PHE A CA  1 
ATOM   356 C C   . PHE A 1 53 ? 17.260  -8.801  12.324  1.00 46.39  ? 53  PHE A C   1 
ATOM   357 O O   . PHE A 1 53 ? 17.415  -9.214  11.172  1.00 42.80  ? 53  PHE A O   1 
ATOM   358 C CB  . PHE A 1 53 ? 17.604  -6.423  13.051  1.00 46.03  ? 53  PHE A CB  1 
ATOM   359 C CG  . PHE A 1 53 ? 18.508  -5.393  13.634  1.00 41.99  ? 53  PHE A CG  1 
ATOM   360 C CD1 . PHE A 1 53 ? 18.925  -5.493  14.952  1.00 47.94  ? 53  PHE A CD1 1 
ATOM   361 C CD2 . PHE A 1 53 ? 18.951  -4.329  12.871  1.00 45.39  ? 53  PHE A CD2 1 
ATOM   362 C CE1 . PHE A 1 53 ? 19.781  -4.540  15.491  1.00 47.75  ? 53  PHE A CE1 1 
ATOM   363 C CE2 . PHE A 1 53 ? 19.795  -3.370  13.406  1.00 53.83  ? 53  PHE A CE2 1 
ATOM   364 C CZ  . PHE A 1 53 ? 20.222  -3.479  14.710  1.00 46.02  ? 53  PHE A CZ  1 
ATOM   365 N N   . ASP A 1 54 ? 16.264  -9.195  13.110  1.00 44.93  ? 54  ASP A N   1 
ATOM   366 C CA  . ASP A 1 54 ? 15.257  -10.157 12.683  1.00 49.28  ? 54  ASP A CA  1 
ATOM   367 C C   . ASP A 1 54 ? 14.079  -9.385  12.095  1.00 47.01  ? 54  ASP A C   1 
ATOM   368 O O   . ASP A 1 54 ? 13.321  -8.734  12.824  1.00 47.89  ? 54  ASP A O   1 
ATOM   369 C CB  . ASP A 1 54 ? 14.818  -11.051 13.842  1.00 52.72  ? 54  ASP A CB  1 
ATOM   370 C CG  . ASP A 1 54 ? 13.844  -12.140 13.396  1.00 64.85  ? 54  ASP A CG  1 
ATOM   371 O OD1 . ASP A 1 54 ? 12.733  -11.802 12.940  1.00 70.12  ? 54  ASP A OD1 1 
ATOM   372 O OD2 . ASP A 1 54 ? 14.200  -13.333 13.475  1.00 72.91  ? 54  ASP A OD2 1 
ATOM   373 N N   . VAL A 1 55 ? 13.931  -9.457  10.774  1.00 46.98  ? 55  VAL A N   1 
ATOM   374 C CA  . VAL A 1 55 ? 12.892  -8.686  10.092  1.00 41.94  ? 55  VAL A CA  1 
ATOM   375 C C   . VAL A 1 55 ? 11.519  -8.983  10.684  1.00 51.60  ? 55  VAL A C   1 
ATOM   376 O O   . VAL A 1 55 ? 10.718  -8.070  10.909  1.00 62.86  ? 55  VAL A O   1 
ATOM   377 C CB  . VAL A 1 55 ? 12.954  -8.963  8.585   1.00 43.83  ? 55  VAL A CB  1 
ATOM   378 C CG1 . VAL A 1 55 ? 11.730  -8.347  7.831   1.00 38.75  ? 55  VAL A CG1 1 
ATOM   379 C CG2 . VAL A 1 55 ? 14.265  -8.427  8.027   1.00 44.61  ? 55  VAL A CG2 1 
ATOM   380 N N   . LYS A 1 56 ? 11.240  -10.256 10.984  1.00 45.76  ? 56  LYS A N   1 
ATOM   381 C CA  . LYS A 1 56 ? 9.933   -10.616 11.535  1.00 47.10  ? 56  LYS A CA  1 
ATOM   382 C C   . LYS A 1 56 ? 9.668   -9.892  12.850  1.00 51.23  ? 56  LYS A C   1 
ATOM   383 O O   . LYS A 1 56 ? 8.606   -9.275  13.039  1.00 51.98  ? 56  LYS A O   1 
ATOM   384 C CB  . LYS A 1 56 ? 9.847   -12.135 11.714  1.00 59.40  ? 56  LYS A CB  1 
ATOM   385 C CG  . LYS A 1 56 ? 8.529   -12.647 12.296  1.00 75.58  ? 56  LYS A CG  1 
ATOM   386 C CD  . LYS A 1 56 ? 8.424   -14.171 12.155  1.00 84.12  ? 56  LYS A CD  1 
ATOM   387 C CE  . LYS A 1 56 ? 7.506   -14.789 13.213  1.00 89.47  ? 56  LYS A CE  1 
ATOM   388 N NZ  . LYS A 1 56 ? 7.419   -16.277 13.084  1.00 90.22  ? 56  LYS A NZ  1 
ATOM   389 N N   . VAL A 1 57 ? 10.640  -9.956  13.769  1.00 46.01  ? 57  VAL A N   1 
ATOM   390 C CA  . VAL A 1 57 ? 10.513  -9.270  15.046  1.00 48.60  ? 57  VAL A CA  1 
ATOM   391 C C   . VAL A 1 57 ? 10.424  -7.766  14.833  1.00 52.48  ? 57  VAL A C   1 
ATOM   392 O O   . VAL A 1 57 ? 9.716   -7.067  15.567  1.00 55.56  ? 57  VAL A O   1 
ATOM   393 C CB  . VAL A 1 57 ? 11.697  -9.645  15.961  1.00 49.21  ? 57  VAL A CB  1 
ATOM   394 C CG1 . VAL A 1 57 ? 11.516  -9.044  17.346  1.00 52.07  ? 57  VAL A CG1 1 
ATOM   395 C CG2 . VAL A 1 57 ? 11.829  -11.156 16.050  1.00 54.45  ? 57  VAL A CG2 1 
ATOM   396 N N   . LEU A 1 58 ? 11.164  -7.231  13.862  1.00 48.95  ? 58  LEU A N   1 
ATOM   397 C CA  . LEU A 1 58 ? 11.105  -5.790  13.624  1.00 43.70  ? 58  LEU A CA  1 
ATOM   398 C C   . LEU A 1 58 ? 9.704   -5.363  13.185  1.00 55.48  ? 58  LEU A C   1 
ATOM   399 O O   . LEU A 1 58 ? 9.162   -4.361  13.666  1.00 56.86  ? 58  LEU A O   1 
ATOM   400 C CB  . LEU A 1 58 ? 12.141  -5.387  12.579  1.00 37.66  ? 58  LEU A CB  1 
ATOM   401 C CG  . LEU A 1 58 ? 13.587  -5.391  13.093  1.00 42.86  ? 58  LEU A CG  1 
ATOM   402 C CD1 . LEU A 1 58 ? 14.522  -4.759  12.097  1.00 46.27  ? 58  LEU A CD1 1 
ATOM   403 C CD2 . LEU A 1 58 ? 13.622  -4.638  14.389  1.00 46.15  ? 58  LEU A CD2 1 
ATOM   404 N N   . LYS A 1 59 ? 9.119   -6.094  12.237  1.00 56.10  ? 59  LYS A N   1 
ATOM   405 C CA  . LYS A 1 59 ? 7.739   -5.838  11.849  1.00 55.94  ? 59  LYS A CA  1 
ATOM   406 C C   . LYS A 1 59 ? 6.807   -5.899  13.053  1.00 61.37  ? 59  LYS A C   1 
ATOM   407 O O   . LYS A 1 59 ? 5.906   -5.061  13.192  1.00 64.64  ? 59  LYS A O   1 
ATOM   408 C CB  . LYS A 1 59 ? 7.314   -6.840  10.781  1.00 55.14  ? 59  LYS A CB  1 
ATOM   409 C CG  . LYS A 1 59 ? 8.128   -6.751  9.505   1.00 52.42  ? 59  LYS A CG  1 
ATOM   410 C CD  . LYS A 1 59 ? 7.735   -7.865  8.568   1.00 58.24  ? 59  LYS A CD  1 
ATOM   411 C CE  . LYS A 1 59 ? 8.268   -7.637  7.176   1.00 56.36  ? 59  LYS A CE  1 
ATOM   412 N NZ  . LYS A 1 59 ? 7.804   -8.733  6.291   1.00 52.69  ? 59  LYS A NZ  1 
ATOM   413 N N   . LYS A 1 60 ? 7.016   -6.876  13.944  1.00 68.76  ? 60  LYS A N   1 
ATOM   414 C CA  . LYS A 1 60 ? 6.192   -6.932  15.153  1.00 69.64  ? 60  LYS A CA  1 
ATOM   415 C C   . LYS A 1 60 ? 6.388   -5.691  16.020  1.00 64.64  ? 60  LYS A C   1 
ATOM   416 O O   . LYS A 1 60 ? 5.427   -5.156  16.587  1.00 72.80  ? 60  LYS A O   1 
ATOM   417 C CB  . LYS A 1 60 ? 6.502   -8.192  15.956  1.00 63.28  ? 60  LYS A CB  1 
ATOM   418 C CG  . LYS A 1 60 ? 5.619   -8.332  17.187  1.00 70.18  ? 60  LYS A CG  1 
ATOM   419 C CD  . LYS A 1 60 ? 6.028   -9.502  18.068  1.00 77.48  ? 60  LYS A CD  1 
ATOM   420 C CE  . LYS A 1 60 ? 5.151   -9.560  19.312  1.00 85.34  ? 60  LYS A CE  1 
ATOM   421 N NZ  . LYS A 1 60 ? 5.687   -10.499 20.341  1.00 90.82  ? 60  LYS A NZ  1 
ATOM   422 N N   . VAL A 1 61 ? 7.628   -5.218  16.128  1.00 66.13  ? 61  VAL A N   1 
ATOM   423 C CA  . VAL A 1 61 ? 7.918   -4.014  16.903  1.00 62.23  ? 61  VAL A CA  1 
ATOM   424 C C   . VAL A 1 61 ? 7.196   -2.815  16.313  1.00 65.78  ? 61  VAL A C   1 
ATOM   425 O O   . VAL A 1 61 ? 6.588   -2.023  17.036  1.00 59.71  ? 61  VAL A O   1 
ATOM   426 C CB  . VAL A 1 61 ? 9.438   -3.778  16.972  1.00 62.40  ? 61  VAL A CB  1 
ATOM   427 C CG1 . VAL A 1 61 ? 9.745   -2.307  17.199  1.00 64.33  ? 61  VAL A CG1 1 
ATOM   428 C CG2 . VAL A 1 61 ? 10.048  -4.625  18.069  1.00 55.67  ? 61  VAL A CG2 1 
ATOM   429 N N   . VAL A 1 62 ? 7.234   -2.682  14.984  1.00 66.78  ? 62  VAL A N   1 
ATOM   430 C CA  . VAL A 1 62 ? 6.621   -1.537  14.319  1.00 61.84  ? 62  VAL A CA  1 
ATOM   431 C C   . VAL A 1 62 ? 5.108   -1.577  14.484  1.00 62.84  ? 62  VAL A C   1 
ATOM   432 O O   . VAL A 1 62 ? 4.461   -0.540  14.676  1.00 59.38  ? 62  VAL A O   1 
ATOM   433 C CB  . VAL A 1 62 ? 7.044   -1.496  12.837  1.00 59.25  ? 62  VAL A CB  1 
ATOM   434 C CG1 . VAL A 1 62 ? 6.275   -0.428  12.084  1.00 57.44  ? 62  VAL A CG1 1 
ATOM   435 C CG2 . VAL A 1 62 ? 8.561   -1.260  12.715  1.00 51.84  ? 62  VAL A CG2 1 
ATOM   436 N N   . ARG A 1 63 ? 4.521   -2.778  14.442  1.00 63.46  ? 63  ARG A N   1 
ATOM   437 C CA  . ARG A 1 63 ? 3.083   -2.906  14.656  1.00 64.62  ? 63  ARG A CA  1 
ATOM   438 C C   . ARG A 1 63 ? 2.700   -2.518  16.080  1.00 67.81  ? 63  ARG A C   1 
ATOM   439 O O   . ARG A 1 63 ? 1.694   -1.831  16.289  1.00 64.38  ? 63  ARG A O   1 
ATOM   440 C CB  . ARG A 1 63 ? 2.630   -4.334  14.340  1.00 59.63  ? 63  ARG A CB  1 
ATOM   441 C CG  . ARG A 1 63 ? 2.716   -4.721  12.871  1.00 66.73  ? 63  ARG A CG  1 
ATOM   442 C CD  . ARG A 1 63 ? 2.227   -6.154  12.614  1.00 72.55  ? 63  ARG A CD  1 
ATOM   443 N NE  . ARG A 1 63 ? 3.073   -7.162  13.254  1.00 73.45  ? 63  ARG A NE  1 
ATOM   444 C CZ  . ARG A 1 63 ? 2.762   -7.813  14.374  1.00 78.20  ? 63  ARG A CZ  1 
ATOM   445 N NH1 . ARG A 1 63 ? 1.607   -7.578  14.991  1.00 81.98  ? 63  ARG A NH1 1 
ATOM   446 N NH2 . ARG A 1 63 ? 3.610   -8.706  14.878  1.00 68.83  ? 63  ARG A NH2 1 
ATOM   447 N N   . ILE A 1 64 ? 3.498   -2.932  17.069  1.00 64.93  ? 64  ILE A N   1 
ATOM   448 C CA  . ILE A 1 64 ? 3.211   -2.564  18.456  1.00 66.70  ? 64  ILE A CA  1 
ATOM   449 C C   . ILE A 1 64 ? 3.241   -1.050  18.629  1.00 64.59  ? 64  ILE A C   1 
ATOM   450 O O   . ILE A 1 64 ? 2.394   -0.473  19.320  1.00 69.83  ? 64  ILE A O   1 
ATOM   451 C CB  . ILE A 1 64 ? 4.197   -3.255  19.419  1.00 70.69  ? 64  ILE A CB  1 
ATOM   452 C CG1 . ILE A 1 64 ? 4.051   -4.778  19.349  1.00 76.62  ? 64  ILE A CG1 1 
ATOM   453 C CG2 . ILE A 1 64 ? 3.984   -2.764  20.837  1.00 71.98  ? 64  ILE A CG2 1 
ATOM   454 C CD1 . ILE A 1 64 ? 2.618   -5.252  19.326  1.00 82.72  ? 64  ILE A CD1 1 
ATOM   455 N N   . ARG A 1 65 ? 4.219   -0.382  18.010  1.00 61.15  ? 65  ARG A N   1 
ATOM   456 C CA  . ARG A 1 65 ? 4.308   1.068   18.142  1.00 58.99  ? 65  ARG A CA  1 
ATOM   457 C C   . ARG A 1 65 ? 3.112   1.767   17.500  1.00 65.93  ? 65  ARG A C   1 
ATOM   458 O O   . ARG A 1 65 ? 2.642   2.780   18.029  1.00 71.85  ? 65  ARG A O   1 
ATOM   459 C CB  . ARG A 1 65 ? 5.617   1.576   17.537  1.00 56.19  ? 65  ARG A CB  1 
ATOM   460 C CG  . ARG A 1 65 ? 6.806   0.686   17.843  1.00 59.05  ? 65  ARG A CG  1 
ATOM   461 C CD  . ARG A 1 65 ? 8.039   1.463   18.192  1.00 52.34  ? 65  ARG A CD  1 
ATOM   462 N NE  . ARG A 1 65 ? 8.278   2.560   17.259  1.00 52.70  ? 65  ARG A NE  1 
ATOM   463 C CZ  . ARG A 1 65 ? 9.097   3.566   17.531  1.00 59.29  ? 65  ARG A CZ  1 
ATOM   464 N NH1 . ARG A 1 65 ? 9.730   3.584   18.698  1.00 65.46  ? 65  ARG A NH1 1 
ATOM   465 N NH2 . ARG A 1 65 ? 9.285   4.542   16.657  1.00 57.27  ? 65  ARG A NH2 1 
ATOM   466 N N   . LYS A 1 66 ? 2.608   1.250   16.372  1.00 72.46  ? 66  LYS A N   1 
ATOM   467 C CA  . LYS A 1 66 ? 1.359   1.772   15.814  1.00 79.97  ? 66  LYS A CA  1 
ATOM   468 C C   . LYS A 1 66 ? 0.220   1.635   16.818  1.00 80.87  ? 66  LYS A C   1 
ATOM   469 O O   . LYS A 1 66 ? -0.535  2.585   17.051  1.00 83.88  ? 66  LYS A O   1 
ATOM   470 C CB  . LYS A 1 66 ? 0.999   1.049   14.511  1.00 86.69  ? 66  LYS A CB  1 
ATOM   471 C CG  . LYS A 1 66 ? 1.748   1.512   13.264  1.00 96.30  ? 66  LYS A CG  1 
ATOM   472 C CD  . LYS A 1 66 ? 1.497   0.570   12.073  1.00 99.17  ? 66  LYS A CD  1 
ATOM   473 C CE  . LYS A 1 66 ? 2.688   0.542   11.106  1.00 91.37  ? 66  LYS A CE  1 
ATOM   474 N NZ  . LYS A 1 66 ? 2.766   -0.736  10.334  1.00 84.02  ? 66  LYS A NZ  1 
ATOM   475 N N   . GLN A 1 67 ? 0.091   0.454   17.430  1.00 80.50  ? 67  GLN A N   1 
ATOM   476 C CA  . GLN A 1 67 ? -0.993  0.203   18.375  1.00 84.67  ? 67  GLN A CA  1 
ATOM   477 C C   . GLN A 1 67 ? -0.881  1.101   19.601  1.00 89.84  ? 67  GLN A C   1 
ATOM   478 O O   . GLN A 1 67 ? -1.852  1.762   19.991  1.00 94.34  ? 67  GLN A O   1 
ATOM   479 C CB  . GLN A 1 67 ? -0.990  -1.270  18.786  1.00 84.42  ? 67  GLN A CB  1 
ATOM   480 C CG  . GLN A 1 67 ? -1.209  -2.225  17.627  1.00 85.16  ? 67  GLN A CG  1 
ATOM   481 C CD  . GLN A 1 67 ? -0.902  -3.664  17.997  1.00 88.30  ? 67  GLN A CD  1 
ATOM   482 O OE1 . GLN A 1 67 ? -0.358  -3.940  19.068  1.00 82.64  ? 67  GLN A OE1 1 
ATOM   483 N NE2 . GLN A 1 67 ? -1.250  -4.591  17.109  1.00 90.94  ? 67  GLN A NE2 1 
ATOM   484 N N   . ASP A 1 68 ? 0.292   1.127   20.238  1.00 92.81  ? 68  ASP A N   1 
ATOM   485 C CA  . ASP A 1 68 ? 0.478   2.002   21.394  1.00 98.62  ? 68  ASP A CA  1 
ATOM   486 C C   . ASP A 1 68 ? 0.256   3.464   21.027  1.00 105.49 ? 68  ASP A C   1 
ATOM   487 O O   . ASP A 1 68 ? -0.163  4.262   21.873  1.00 111.37 ? 68  ASP A O   1 
ATOM   488 C CB  . ASP A 1 68 ? 1.871   1.808   21.992  1.00 92.63  ? 68  ASP A CB  1 
ATOM   489 C CG  . ASP A 1 68 ? 2.015   0.482   22.709  1.00 91.47  ? 68  ASP A CG  1 
ATOM   490 O OD1 . ASP A 1 68 ? 1.022   -0.278  22.764  1.00 92.24  ? 68  ASP A OD1 1 
ATOM   491 O OD2 . ASP A 1 68 ? 3.119   0.200   23.218  1.00 91.70  ? 68  ASP A OD2 1 
ATOM   492 N N   . ARG A 1 69 ? 0.533   3.835   19.775  1.00 101.52 ? 69  ARG A N   1 
ATOM   493 C CA  . ARG A 1 69 ? 0.175   5.166   19.297  1.00 96.74  ? 69  ARG A CA  1 
ATOM   494 C C   . ARG A 1 69 ? -1.325  5.261   19.066  1.00 96.61  ? 69  ARG A C   1 
ATOM   495 O O   . ARG A 1 69 ? -1.945  6.288   19.363  1.00 96.17  ? 69  ARG A O   1 
ATOM   496 C CB  . ARG A 1 69 ? 0.933   5.482   18.007  1.00 97.03  ? 69  ARG A CB  1 
ATOM   497 C CG  . ARG A 1 69 ? 1.500   6.881   17.933  1.00 98.85  ? 69  ARG A CG  1 
ATOM   498 C CD  . ARG A 1 69 ? 2.299   7.079   16.647  1.00 96.88  ? 69  ARG A CD  1 
ATOM   499 N NE  . ARG A 1 69 ? 3.556   6.334   16.649  1.00 90.45  ? 69  ARG A NE  1 
ATOM   500 C CZ  . ARG A 1 69 ? 3.845   5.330   15.819  1.00 85.20  ? 69  ARG A CZ  1 
ATOM   501 N NH1 . ARG A 1 69 ? 2.971   4.937   14.898  1.00 76.26  ? 69  ARG A NH1 1 
ATOM   502 N NH2 . ARG A 1 69 ? 5.021   4.719   15.908  1.00 79.44  ? 69  ARG A NH2 1 
ATOM   503 N N   . ALA A 1 70 ? -1.922  4.186   18.546  1.00 98.49  ? 70  ALA A N   1 
ATOM   504 C CA  . ALA A 1 70 ? -3.359  4.135   18.330  1.00 101.12 ? 70  ALA A CA  1 
ATOM   505 C C   . ALA A 1 70 ? -4.141  4.132   19.631  1.00 104.97 ? 70  ALA A C   1 
ATOM   506 O O   . ALA A 1 70 ? -5.322  4.491   19.626  1.00 109.59 ? 70  ALA A O   1 
ATOM   507 C CB  . ALA A 1 70 ? -3.728  2.898   17.507  1.00 102.13 ? 70  ALA A CB  1 
ATOM   508 N N   . LYS A 1 71 ? -3.526  3.729   20.743  1.00 103.53 ? 71  LYS A N   1 
ATOM   509 C CA  . LYS A 1 71 ? -4.235  3.716   22.023  1.00 101.44 ? 71  LYS A CA  1 
ATOM   510 C C   . LYS A 1 71 ? -4.195  5.105   22.660  1.00 96.50  ? 71  LYS A C   1 
ATOM   511 O O   . LYS A 1 71 ? -3.576  5.363   23.694  1.00 93.72  ? 71  LYS A O   1 
ATOM   512 C CB  . LYS A 1 71 ? -3.682  2.631   22.936  1.00 97.07  ? 71  LYS A CB  1 
ATOM   513 C CG  . LYS A 1 71 ? -3.969  1.217   22.408  1.00 100.45 ? 71  LYS A CG  1 
ATOM   514 C CD  . LYS A 1 71 ? -3.387  0.118   23.323  1.00 104.93 ? 71  LYS A CD  1 
ATOM   515 C CE  . LYS A 1 71 ? -3.696  -1.303  22.805  1.00 107.88 ? 71  LYS A CE  1 
ATOM   516 N NZ  . LYS A 1 71 ? -3.122  -2.396  23.661  1.00 103.97 ? 71  LYS A NZ  1 
ATOM   517 N N   . ARG A 1 72 ? -4.899  6.007   21.978  1.00 96.92  ? 72  ARG A N   1 
ATOM   518 C CA  . ARG A 1 72 ? -5.083  7.394   22.376  1.00 97.31  ? 72  ARG A CA  1 
ATOM   519 C C   . ARG A 1 72 ? -6.356  7.570   23.186  1.00 100.12 ? 72  ARG A C   1 
ATOM   520 O O   . ARG A 1 72 ? -6.355  7.446   24.420  1.00 98.62  ? 72  ARG A O   1 
ATOM   521 C CB  . ARG A 1 72 ? -5.186  8.301   21.146  1.00 96.90  ? 72  ARG A CB  1 
ATOM   522 C CG  . ARG A 1 72 ? -3.913  8.475   20.327  1.00 89.43  ? 72  ARG A CG  1 
ATOM   523 C CD  . ARG A 1 72 ? -4.054  9.633   19.336  1.00 84.48  ? 72  ARG A CD  1 
ATOM   524 N NE  . ARG A 1 72 ? -5.110  9.381   18.353  1.00 100.67 ? 72  ARG A NE  1 
ATOM   525 C CZ  . ARG A 1 72 ? -4.944  8.705   17.214  1.00 108.68 ? 72  ARG A CZ  1 
ATOM   526 N NH1 . ARG A 1 72 ? -3.755  8.207   16.904  1.00 112.75 ? 72  ARG A NH1 1 
ATOM   527 N NH2 . ARG A 1 72 ? -5.966  8.525   16.380  1.00 107.20 ? 72  ARG A NH2 1 
HETATM 528 S S   . SO4 B 2 .  ? 23.282  -11.247 7.242   1.00 105.55 ? 101 SO4 A S   1 
HETATM 529 O O1  . SO4 B 2 .  ? 23.721  -10.543 8.472   1.00 103.08 ? 101 SO4 A O1  1 
HETATM 530 O O2  . SO4 B 2 .  ? 24.222  -12.355 6.943   1.00 106.65 ? 101 SO4 A O2  1 
HETATM 531 O O3  . SO4 B 2 .  ? 23.253  -10.331 6.070   1.00 87.10  ? 101 SO4 A O3  1 
HETATM 532 O O4  . SO4 B 2 .  ? 21.915  -11.774 7.480   1.00 113.48 ? 101 SO4 A O4  1 
HETATM 533 O O   . HOH C 3 .  ? -23.344 -3.613  -12.742 1.00 64.63  ? 201 HOH A O   1 
HETATM 534 O O   . HOH C 3 .  ? 4.766   1.845   14.077  1.00 48.07  ? 202 HOH A O   1 
HETATM 535 O O   . HOH C 3 .  ? -6.064  -0.342  -1.771  1.00 66.37  ? 203 HOH A O   1 
HETATM 536 O O   . HOH C 3 .  ? 5.779   -2.895  8.956   1.00 55.42  ? 204 HOH A O   1 
HETATM 537 O O   . HOH C 3 .  ? -17.077 11.111  -19.314 1.00 52.83  ? 205 HOH A O   1 
HETATM 538 O O   . HOH C 3 .  ? -2.885  -1.164  -9.840  1.00 54.38  ? 206 HOH A O   1 
HETATM 539 O O   . HOH C 3 .  ? 6.180   -3.771  2.401   1.00 53.83  ? 207 HOH A O   1 
HETATM 540 O O   . HOH C 3 .  ? 20.545  1.265   10.077  1.00 65.01  ? 208 HOH A O   1 
HETATM 541 O O   . HOH C 3 .  ? 4.658   -4.036  10.640  1.00 50.71  ? 209 HOH A O   1 
HETATM 542 O O   . HOH C 3 .  ? 12.594  -7.582  2.963   1.00 48.53  ? 210 HOH A O   1 
HETATM 543 O O   . HOH C 3 .  ? -5.531  1.250   -0.081  1.00 73.56  ? 211 HOH A O   1 
HETATM 544 O O   . HOH C 3 .  ? 11.775  -3.859  -3.867  0.50 69.57  ? 212 HOH A O   1 
HETATM 545 O O   . HOH C 3 .  ? -8.965  -0.123  -1.490  1.00 65.76  ? 213 HOH A O   1 
# 
loop_
_atom_site_anisotrop.id 
_atom_site_anisotrop.type_symbol 
_atom_site_anisotrop.pdbx_label_atom_id 
_atom_site_anisotrop.pdbx_label_alt_id 
_atom_site_anisotrop.pdbx_label_comp_id 
_atom_site_anisotrop.pdbx_label_asym_id 
_atom_site_anisotrop.pdbx_label_seq_id 
_atom_site_anisotrop.pdbx_PDB_ins_code 
_atom_site_anisotrop.U[1][1] 
_atom_site_anisotrop.U[2][2] 
_atom_site_anisotrop.U[3][3] 
_atom_site_anisotrop.U[1][2] 
_atom_site_anisotrop.U[1][3] 
_atom_site_anisotrop.U[2][3] 
_atom_site_anisotrop.pdbx_auth_seq_id 
_atom_site_anisotrop.pdbx_auth_comp_id 
_atom_site_anisotrop.pdbx_auth_asym_id 
_atom_site_anisotrop.pdbx_auth_atom_id 
1   N N   . HIS A 8  ? 1.1494 1.1241 1.2302 0.1697  -0.1373 -0.2140 8  HIS A N   
2   C CA  . HIS A 8  ? 1.1677 1.1051 1.2549 0.1603  -0.1356 -0.1903 8  HIS A CA  
3   C C   . HIS A 8  ? 1.1002 1.0408 1.1742 0.1455  -0.1163 -0.1633 8  HIS A C   
4   O O   . HIS A 8  ? 1.1214 1.0295 1.1979 0.1375  -0.1100 -0.1416 8  HIS A O   
5   C CB  . HIS A 8  ? 1.2007 1.0987 1.3034 0.1633  -0.1414 -0.1868 8  HIS A CB  
6   C CG  . HIS A 8  ? 1.1887 1.0900 1.2880 0.1639  -0.1334 -0.1889 8  HIS A CG  
7   N ND1 . HIS A 8  ? 1.1879 1.1236 1.2720 0.1625  -0.1227 -0.1938 8  HIS A ND1 
8   C CD2 . HIS A 8  ? 1.2045 1.0798 1.3149 0.1658  -0.1351 -0.1861 8  HIS A CD2 
9   C CE1 . HIS A 8  ? 1.1873 1.1163 1.2724 0.1630  -0.1183 -0.1940 8  HIS A CE1 
10  N NE2 . HIS A 8  ? 1.1366 1.0298 1.2374 0.1649  -0.1254 -0.1896 8  HIS A NE2 
11  N N   . THR A 9  ? 0.9771 0.9576 1.0380 0.1422  -0.1071 -0.1641 9  THR A N   
12  C CA  . THR A 9  ? 0.8771 0.8644 0.9275 0.1282  -0.0888 -0.1391 9  THR A CA  
13  C C   . THR A 9  ? 0.8628 0.8804 0.9077 0.1233  -0.0850 -0.1342 9  THR A C   
14  O O   . THR A 9  ? 0.8623 0.9022 0.8990 0.1139  -0.0697 -0.1192 9  THR A O   
15  C CB  . THR A 9  ? 0.8643 0.8722 0.9055 0.1263  -0.0767 -0.1386 9  THR A CB  
16  O OG1 . THR A 9  ? 0.9353 0.9844 0.9725 0.1366  -0.0815 -0.1613 9  THR A OG1 
17  C CG2 . THR A 9  ? 0.7987 0.7737 0.8449 0.1277  -0.0776 -0.1373 9  THR A CG2 
18  N N   . ASP A 10 ? 0.6822 0.7015 0.7327 0.1292  -0.0986 -0.1459 10 ASP A N   
19  C CA  . ASP A 10 ? 0.8832 0.9331 0.9287 0.1245  -0.0953 -0.1416 10 ASP A CA  
20  C C   . ASP A 10 ? 0.8534 0.8869 0.8981 0.1090  -0.0824 -0.1100 10 ASP A C   
21  O O   . ASP A 10 ? 0.8470 0.9099 0.8872 0.1021  -0.0744 -0.1009 10 ASP A O   
22  C CB  . ASP A 10 ? 0.9859 1.0380 1.0374 0.1343  -0.1141 -0.1615 10 ASP A CB  
23  C CG  . ASP A 10 ? 1.1139 1.1170 1.1791 0.1370  -0.1277 -0.1603 10 ASP A CG  
24  O OD1 . ASP A 10 ? 1.1888 1.1650 1.2599 0.1405  -0.1296 -0.1616 10 ASP A OD1 
25  O OD2 . ASP A 10 ? 1.1038 1.0962 1.1746 0.1359  -0.1370 -0.1574 10 ASP A OD2 
26  N N   . VAL A 11 ? 0.8099 0.7985 0.8594 0.1035  -0.0795 -0.0925 11 VAL A N   
27  C CA  . VAL A 11 ? 0.7388 0.7080 0.7873 0.0892  -0.0666 -0.0615 11 VAL A CA  
28  C C   . VAL A 11 ? 0.7174 0.7113 0.7568 0.0785  -0.0461 -0.0459 11 VAL A C   
29  O O   . VAL A 11 ? 0.6653 0.6572 0.7033 0.0663  -0.0337 -0.0217 11 VAL A O   
30  C CB  . VAL A 11 ? 0.7138 0.6292 0.7695 0.0882  -0.0693 -0.0481 11 VAL A CB  
31  C CG1 . VAL A 11 ? 0.7049 0.6103 0.7568 0.0886  -0.0616 -0.0479 11 VAL A CG1 
32  C CG2 . VAL A 11 ? 0.7122 0.6034 0.7683 0.0758  -0.0598 -0.0172 11 VAL A CG2 
33  N N   . LEU A 12 ? 0.6869 0.7038 0.7211 0.0829  -0.0425 -0.0582 12 LEU A N   
34  C CA  . LEU A 12 ? 0.5977 0.6389 0.6253 0.0735  -0.0244 -0.0440 12 LEU A CA  
35  C C   . LEU A 12 ? 0.5671 0.6616 0.5926 0.0725  -0.0202 -0.0472 12 LEU A C   
36  O O   . LEU A 12 ? 0.6295 0.7517 0.6550 0.0835  -0.0316 -0.0698 12 LEU A O   
37  C CB  . LEU A 12 ? 0.5064 0.5515 0.5299 0.0787  -0.0228 -0.0547 12 LEU A CB  
38  C CG  . LEU A 12 ? 0.5692 0.5687 0.5945 0.0806  -0.0262 -0.0537 12 LEU A CG  
39  C CD1 . LEU A 12 ? 0.5620 0.5747 0.5827 0.0852  -0.0242 -0.0651 12 LEU A CD1 
40  C CD2 . LEU A 12 ? 0.5966 0.5616 0.6211 0.0680  -0.0142 -0.0258 12 LEU A CD2 
41  N N   . ASN A 13 ? 0.5309 0.6415 0.5555 0.0597  -0.0037 -0.0245 13 ASN A N   
42  C CA  . ASN A 13 ? 0.6294 0.7961 0.6540 0.0589  0.0018  -0.0262 13 ASN A CA  
43  C C   . ASN A 13 ? 0.7114 0.9126 0.7323 0.0650  0.0050  -0.0375 13 ASN A C   
44  O O   . ASN A 13 ? 0.5905 0.7712 0.6085 0.0690  0.0029  -0.0441 13 ASN A O   
45  C CB  . ASN A 13 ? 0.6234 0.7987 0.6516 0.0431  0.0181  0.0026  13 ASN A CB  
46  C CG  . ASN A 13 ? 0.5953 0.7597 0.6232 0.0322  0.0350  0.0237  13 ASN A CG  
47  O OD1 . ASN A 13 ? 0.6051 0.7768 0.6296 0.0357  0.0370  0.0169  13 ASN A OD1 
48  N ND2 . ASN A 13 ? 0.5202 0.6678 0.5514 0.0184  0.0475  0.0503  13 ASN A ND2 
49  N N   . SER A 14 ? 0.6551 0.9107 0.6770 0.0654  0.0102  -0.0384 14 SER A N   
50  C CA  . SER A 14 ? 0.6226 0.9168 0.6420 0.0733  0.0113  -0.0499 14 SER A CA  
51  C C   . SER A 14 ? 0.5988 0.8814 0.6177 0.0651  0.0238  -0.0341 14 SER A C   
52  O O   . SER A 14 ? 0.5867 0.8741 0.6018 0.0723  0.0210  -0.0453 14 SER A O   
53  C CB  . SER A 14 ? 0.6970 1.0537 0.7196 0.0749  0.0153  -0.0502 14 SER A CB  
54  O OG  . SER A 14 ? 0.7107 1.0803 0.7403 0.0598  0.0312  -0.0230 14 SER A OG  
55  N N   . THR A 15 ? 0.5423 0.8089 0.5650 0.0501  0.0376  -0.0080 15 THR A N   
56  C CA  . THR A 15 ? 0.6261 0.8794 0.6482 0.0418  0.0491  0.0068  15 THR A CA  
57  C C   . THR A 15 ? 0.5599 0.7616 0.5757 0.0451  0.0425  -0.0004 15 THR A C   
58  O O   . THR A 15 ? 0.5185 0.7200 0.5309 0.0474  0.0436  -0.0046 15 THR A O   
59  C CB  . THR A 15 ? 0.6214 0.8660 0.6492 0.0252  0.0651  0.0358  15 THR A CB  
60  O OG1 . THR A 15 ? 0.5600 0.8548 0.5959 0.0220  0.0712  0.0432  15 THR A OG1 
61  C CG2 . THR A 15 ? 0.5646 0.7995 0.5923 0.0171  0.0768  0.0501  15 THR A CG2 
62  N N   . ALA A 16 ? 0.5447 0.7034 0.5599 0.0452  0.0358  -0.0008 16 ALA A N   
63  C CA  . ALA A 16 ? 0.5610 0.6722 0.5725 0.0490  0.0289  -0.0071 16 ALA A CA  
64  C C   . ALA A 16 ? 0.6614 0.7838 0.6707 0.0638  0.0154  -0.0341 16 ALA A C   
65  O O   . ALA A 16 ? 0.6310 0.7340 0.6373 0.0664  0.0139  -0.0389 16 ALA A O   
66  C CB  . ALA A 16 ? 0.5464 0.6145 0.5604 0.0474  0.0234  -0.0010 16 ALA A CB  
67  N N   . GLN A 17 ? 0.6107 0.7643 0.6215 0.0738  0.0055  -0.0519 17 GLN A N   
68  C CA  . GLN A 17 ? 0.6425 0.8125 0.6512 0.0883  -0.0063 -0.0777 17 GLN A CA  
69  C C   . GLN A 17 ? 0.6541 0.8527 0.6591 0.0888  0.0011  -0.0771 17 GLN A C   
70  O O   . GLN A 17 ? 0.5787 0.7687 0.5811 0.0959  -0.0044 -0.0893 17 GLN A O   
71  C CB  . GLN A 17 ? 0.7665 0.9704 0.7764 0.0983  -0.0163 -0.0953 17 GLN A CB  
72  C CG  . GLN A 17 ? 0.9091 1.0823 0.9230 0.1043  -0.0309 -0.1074 17 GLN A CG  
73  C CD  . GLN A 17 ? 1.0286 1.1797 1.0438 0.1161  -0.0437 -0.1282 17 GLN A CD  
74  O OE1 . GLN A 17 ? 1.1494 1.3155 1.1611 0.1216  -0.0427 -0.1369 17 GLN A OE1 
75  N NE2 . GLN A 17 ? 1.0786 1.1948 1.1003 0.1201  -0.0559 -0.1352 17 GLN A NE2 
76  N N   . GLY A 18 ? 0.5642 0.7981 0.5702 0.0812  0.0132  -0.0619 18 GLY A N   
77  C CA  . GLY A 18 ? 0.6287 0.8892 0.6330 0.0807  0.0203  -0.0580 18 GLY A CA  
78  C C   . GLY A 18 ? 0.6229 0.8441 0.6241 0.0737  0.0253  -0.0485 18 GLY A C   
79  O O   . GLY A 18 ? 0.7086 0.9341 0.7062 0.0788  0.0229  -0.0564 18 GLY A O   
80  N N   . GLN A 19 ? 0.5817 0.7642 0.5836 0.0620  0.0323  -0.0309 19 GLN A N   
81  C CA  . GLN A 19 ? 0.6585 0.8023 0.6566 0.0554  0.0370  -0.0218 19 GLN A CA  
82  C C   . GLN A 19 ? 0.6601 0.7749 0.6555 0.0652  0.0248  -0.0398 19 GLN A C   
83  O O   . GLN A 19 ? 0.6946 0.7991 0.6863 0.0653  0.0255  -0.0411 19 GLN A O   
84  C CB  . GLN A 19 ? 0.6658 0.7732 0.6651 0.0426  0.0464  -0.0001 19 GLN A CB  
85  C CG  . GLN A 19 ? 0.6706 0.8036 0.6740 0.0307  0.0611  0.0211  19 GLN A CG  
86  C CD  . GLN A 19 ? 0.7499 0.8499 0.7550 0.0189  0.0703  0.0422  19 GLN A CD  
87  O OE1 . GLN A 19 ? 0.7401 0.8019 0.7438 0.0206  0.0646  0.0412  19 GLN A OE1 
88  N NE2 . GLN A 19 ? 0.7101 0.8261 0.7197 0.0072  0.0846  0.0625  19 GLN A NE2 
89  N N   . LEU A 20 ? 0.5943 0.6968 0.5928 0.0735  0.0132  -0.0534 20 LEU A N   
90  C CA  . LEU A 20 ? 0.6212 0.6981 0.6206 0.0832  0.0011  -0.0705 20 LEU A CA  
91  C C   . LEU A 20 ? 0.6578 0.7661 0.6550 0.0940  -0.0047 -0.0889 20 LEU A C   
92  O O   . LEU A 20 ? 0.5493 0.6421 0.5453 0.0969  -0.0076 -0.0950 20 LEU A O   
93  C CB  . LEU A 20 ? 0.5624 0.6219 0.5678 0.0896  -0.0107 -0.0802 20 LEU A CB  
94  C CG  . LEU A 20 ? 0.6420 0.6773 0.6527 0.1008  -0.0249 -0.0986 20 LEU A CG  
95  C CD1 . LEU A 20 ? 0.6204 0.6144 0.6313 0.0953  -0.0213 -0.0878 20 LEU A CD1 
96  C CD2 . LEU A 20 ? 0.5947 0.6172 0.6131 0.1065  -0.0367 -0.1066 20 LEU A CD2 
97  N N   . LYS A 21 ? 0.5783 0.7322 0.5753 0.1001  -0.0064 -0.0977 21 LYS A N   
98  C CA  . LYS A 21 ? 0.5706 0.7593 0.5649 0.1106  -0.0103 -0.1127 21 LYS A CA  
99  C C   . LYS A 21 ? 0.5517 0.7457 0.5418 0.1040  -0.0009 -0.1006 21 LYS A C   
100 O O   . LYS A 21 ? 0.5631 0.7617 0.5510 0.1106  -0.0048 -0.1105 21 LYS A O   
101 C CB  . LYS A 21 ? 0.6867 0.9263 0.6809 0.1171  -0.0113 -0.1195 21 LYS A CB  
102 C CG  . LYS A 21 ? 0.9309 1.1775 0.9270 0.1307  -0.0253 -0.1430 21 LYS A CG  
103 C CD  . LYS A 21 ? 1.0458 1.3201 1.0435 0.1300  -0.0247 -0.1411 21 LYS A CD  
104 C CE  . LYS A 21 ? 1.1113 1.4173 1.1077 0.1460  -0.0366 -0.1659 21 LYS A CE  
105 N NZ  . LYS A 21 ? 1.1613 1.5111 1.1534 0.1551  -0.0349 -0.1732 21 LYS A NZ  
106 N N   . SER A 22 ? 0.5500 0.7448 0.5399 0.0909  0.0116  -0.0786 22 SER A N   
107 C CA  . SER A 22 ? 0.5571 0.7556 0.5439 0.0837  0.0201  -0.0661 22 SER A CA  
108 C C   . SER A 22 ? 0.6094 0.7631 0.5930 0.0813  0.0181  -0.0667 22 SER A C   
109 O O   . SER A 22 ? 0.6162 0.7750 0.5968 0.0836  0.0171  -0.0702 22 SER A O   
110 C CB  . SER A 22 ? 0.5553 0.7598 0.5446 0.0698  0.0335  -0.0425 22 SER A CB  
111 O OG  . SER A 22 ? 0.6714 0.8693 0.6582 0.0615  0.0410  -0.0296 22 SER A OG  
112 N N   . ILE A 23 ? 0.5567 0.6673 0.5415 0.0765  0.0176  -0.0620 23 ILE A N   
113 C CA  . ILE A 23 ? 0.6476 0.7162 0.6305 0.0751  0.0153  -0.0624 23 ILE A CA  
114 C C   . ILE A 23 ? 0.6723 0.7462 0.6567 0.0875  0.0041  -0.0832 23 ILE A C   
115 O O   . ILE A 23 ? 0.6002 0.6677 0.5816 0.0870  0.0045  -0.0839 23 ILE A O   
116 C CB  . ILE A 23 ? 0.6513 0.6770 0.6372 0.0714  0.0143  -0.0559 23 ILE A CB  
117 C CG1 . ILE A 23 ? 0.6762 0.6941 0.6600 0.0580  0.0272  -0.0332 23 ILE A CG1 
118 C CG2 . ILE A 23 ? 0.6598 0.6460 0.6458 0.0719  0.0108  -0.0577 23 ILE A CG2 
119 C CD1 . ILE A 23 ? 0.7196 0.7390 0.6978 0.0481  0.0379  -0.0195 23 ILE A CD1 
120 N N   . ILE A 24 ? 0.6373 0.7242 0.6266 0.0988  -0.0059 -0.1003 24 ILE A N   
121 C CA  . ILE A 24 ? 0.6352 0.7236 0.6277 0.1111  -0.0168 -0.1207 24 ILE A CA  
122 C C   . ILE A 24 ? 0.7406 0.8649 0.7282 0.1155  -0.0153 -0.1254 24 ILE A C   
123 O O   . ILE A 24 ? 0.6636 0.7803 0.6512 0.1187  -0.0181 -0.1314 24 ILE A O   
124 C CB  . ILE A 24 ? 0.6351 0.7292 0.6341 0.1222  -0.0283 -0.1381 24 ILE A CB  
125 C CG1 . ILE A 24 ? 0.6090 0.6582 0.6156 0.1206  -0.0337 -0.1363 24 ILE A CG1 
126 C CG2 . ILE A 24 ? 0.6387 0.7543 0.6397 0.1364  -0.0379 -0.1605 24 ILE A CG2 
127 C CD1 . ILE A 24 ? 0.7141 0.7655 0.7280 0.1290  -0.0446 -0.1497 24 ILE A CD1 
128 N N   . GLU A 25 ? 0.6010 0.7663 0.5853 0.1157  -0.0105 -0.1215 25 GLU A N   
129 C CA  . GLU A 25 ? 0.6943 0.8957 0.6747 0.1201  -0.0087 -0.1232 25 GLU A CA  
130 C C   . GLU A 25 ? 0.6667 0.8524 0.6431 0.1100  -0.0016 -0.1086 25 GLU A C   
131 O O   . GLU A 25 ? 0.6577 0.8520 0.6320 0.1145  -0.0038 -0.1136 25 GLU A O   
132 C CB  . GLU A 25 ? 0.6575 0.9060 0.6371 0.1214  -0.0042 -0.1181 25 GLU A CB  
133 C CG  . GLU A 25 ? 0.8617 1.1365 0.8432 0.1352  -0.0131 -0.1372 25 GLU A CG  
134 C CD  . GLU A 25 ? 0.9638 1.2813 0.9462 0.1350  -0.0082 -0.1305 25 GLU A CD  
135 O OE1 . GLU A 25 ? 0.9714 1.2957 0.9550 0.1231  0.0025  -0.1099 25 GLU A OE1 
136 O OE2 . GLU A 25 ? 1.0053 1.3505 0.9879 0.1468  -0.0150 -0.1460 25 GLU A OE2 
137 N N   . ARG A 26 ? 0.5740 0.7363 0.5494 0.0963  0.0071  -0.0903 26 ARG A N   
138 C CA  . ARG A 26 ? 0.5920 0.7399 0.5630 0.0865  0.0136  -0.0768 26 ARG A CA  
139 C C   . ARG A 26 ? 0.6706 0.7831 0.6411 0.0880  0.0083  -0.0843 26 ARG A C   
140 O O   . ARG A 26 ? 0.6774 0.7917 0.6445 0.0867  0.0089  -0.0826 26 ARG A O   
141 C CB  . ARG A 26 ? 0.4827 0.6126 0.4525 0.0720  0.0240  -0.0564 26 ARG A CB  
142 C CG  . ARG A 26 ? 0.5942 0.7634 0.5664 0.0680  0.0315  -0.0445 26 ARG A CG  
143 C CD  . ARG A 26 ? 0.7274 0.8768 0.7012 0.0555  0.0408  -0.0272 26 ARG A CD  
144 N NE  . ARG A 26 ? 0.9417 1.0588 0.9111 0.0437  0.0476  -0.0134 26 ARG A NE  
145 C CZ  . ARG A 26 ? 0.9632 1.0504 0.9318 0.0330  0.0554  0.0009  26 ARG A CZ  
146 N NH1 . ARG A 26 ? 0.8676 0.9526 0.8403 0.0317  0.0579  0.0048  26 ARG A NH1 
147 N NH2 . ARG A 26 ? 1.0239 1.0833 0.9875 0.0235  0.0608  0.0116  26 ARG A NH2 
148 N N   . VAL A 27 ? 0.5934 0.6746 0.5684 0.0907  0.0029  -0.0915 27 VAL A N   
149 C CA  . VAL A 27 ? 0.5785 0.6289 0.5564 0.0932  -0.0026 -0.0986 27 VAL A CA  
150 C C   . VAL A 27 ? 0.6681 0.7413 0.6483 0.1047  -0.0100 -0.1151 27 VAL A C   
151 O O   . VAL A 27 ? 0.6190 0.6830 0.5984 0.1037  -0.0104 -0.1154 27 VAL A O   
152 C CB  . VAL A 27 ? 0.6104 0.6273 0.5959 0.0954  -0.0081 -0.1027 27 VAL A CB  
153 C CG1 . VAL A 27 ? 0.6348 0.6283 0.6273 0.1008  -0.0155 -0.1127 27 VAL A CG1 
154 C CG2 . VAL A 27 ? 0.5508 0.5387 0.5328 0.0832  0.0004  -0.0837 27 VAL A CG2 
155 N N   . GLU A 28 ? 0.5514 0.6553 0.5341 0.1156  -0.0155 -0.1286 28 GLU A N   
156 C CA  . GLU A 28 ? 0.6302 0.7557 0.6150 0.1277  -0.0224 -0.1449 28 GLU A CA  
157 C C   . GLU A 28 ? 0.7163 0.8677 0.6938 0.1253  -0.0169 -0.1368 28 GLU A C   
158 O O   . GLU A 28 ? 0.7098 0.8641 0.6880 0.1300  -0.0198 -0.1430 28 GLU A O   
159 C CB  . GLU A 28 ? 0.6048 0.7575 0.5925 0.1403  -0.0293 -0.1611 28 GLU A CB  
160 C CG  . GLU A 28 ? 0.7283 0.8540 0.7250 0.1440  -0.0372 -0.1711 28 GLU A CG  
161 C CD  . GLU A 28 ? 0.7096 0.8608 0.7090 0.1569  -0.0456 -0.1893 28 GLU A CD  
162 O OE1 . GLU A 28 ? 0.6220 0.8116 0.6150 0.1599  -0.0426 -0.1888 28 GLU A OE1 
163 O OE2 . GLU A 28 ? 0.6141 0.7477 0.6230 0.1646  -0.0555 -0.2041 28 GLU A OE2 
164 N N   . ARG A 29 ? 0.6419 0.8126 0.6138 0.1178  -0.0090 -0.1216 29 ARG A N   
165 C CA  . ARG A 29 ? 0.6760 0.8699 0.6426 0.1147  -0.0041 -0.1112 29 ARG A CA  
166 C C   . ARG A 29 ? 0.6317 0.7940 0.5958 0.1048  -0.0013 -0.1021 29 ARG A C   
167 O O   . ARG A 29 ? 0.7195 0.8913 0.6813 0.1066  -0.0023 -0.1023 29 ARG A O   
168 C CB  . ARG A 29 ? 0.6887 0.9082 0.6533 0.1080  0.0037  -0.0955 29 ARG A CB  
169 C CG  . ARG A 29 ? 0.9101 1.1806 0.8742 0.1173  0.0028  -0.0974 29 ARG A CG  
170 C CD  . ARG A 29 ? 0.9541 1.2520 0.9208 0.1290  -0.0016 -0.1106 29 ARG A CD  
171 N NE  . ARG A 29 ? 1.0660 1.3956 1.0348 0.1251  0.0049  -0.0977 29 ARG A NE  
172 C CZ  . ARG A 29 ? 1.1053 1.4756 1.0760 0.1353  0.0028  -0.1046 29 ARG A CZ  
173 N NH1 . ARG A 29 ? 1.0822 1.4652 1.0517 0.1504  -0.0058 -0.1252 29 ARG A NH1 
174 N NH2 . ARG A 29 ? 1.1666 1.5660 1.1411 0.1307  0.0094  -0.0908 29 ARG A NH2 
175 N N   . LEU A 30 ? 0.5873 0.7120 0.5511 0.0944  0.0023  -0.0935 30 LEU A N   
176 C CA  . LEU A 30 ? 0.6907 0.7845 0.6515 0.0855  0.0046  -0.0858 30 LEU A CA  
177 C C   . LEU A 30 ? 0.6601 0.7400 0.6264 0.0931  -0.0028 -0.0999 30 LEU A C   
178 O O   . LEU A 30 ? 0.6398 0.7117 0.6039 0.0892  -0.0021 -0.0961 30 LEU A O   
179 C CB  . LEU A 30 ? 0.7120 0.7692 0.6711 0.0742  0.0101  -0.0740 30 LEU A CB  
180 C CG  . LEU A 30 ? 0.6790 0.7459 0.6332 0.0636  0.0192  -0.0565 30 LEU A CG  
181 C CD1 . LEU A 30 ? 0.5929 0.6248 0.5465 0.0550  0.0242  -0.0472 30 LEU A CD1 
182 C CD2 . LEU A 30 ? 0.7013 0.7722 0.6494 0.0556  0.0232  -0.0452 30 LEU A CD2 
183 N N   . GLU A 31 ? 0.4734 0.5508 0.4478 0.1036  -0.0101 -0.1155 31 GLU A N   
184 C CA  . GLU A 31 ? 0.4985 0.5680 0.4814 0.1121  -0.0175 -0.1298 31 GLU A CA  
185 C C   . GLU A 31 ? 0.6650 0.7666 0.6456 0.1187  -0.0188 -0.1350 31 GLU A C   
186 O O   . GLU A 31 ? 0.6075 0.7016 0.5918 0.1196  -0.0207 -0.1380 31 GLU A O   
187 C CB  . GLU A 31 ? 0.5671 0.6323 0.5606 0.1231  -0.0259 -0.1463 31 GLU A CB  
188 C CG  . GLU A 31 ? 0.7418 0.7730 0.7400 0.1182  -0.0263 -0.1416 31 GLU A CG  
189 C CD  . GLU A 31 ? 0.9313 0.9260 0.9364 0.1139  -0.0272 -0.1378 31 GLU A CD  
190 O OE1 . GLU A 31 ? 0.9420 0.9369 0.9477 0.1131  -0.0269 -0.1382 31 GLU A OE1 
191 O OE2 . GLU A 31 ? 0.9377 0.9040 0.9476 0.1115  -0.0281 -0.1336 31 GLU A OE2 
192 N N   . VAL A 32 ? 0.5608 0.6997 0.5363 0.1238  -0.0177 -0.1355 32 VAL A N   
193 C CA  . VAL A 32 ? 0.5880 0.7594 0.5605 0.1304  -0.0183 -0.1375 32 VAL A CA  
194 C C   . VAL A 32 ? 0.6282 0.7936 0.5946 0.1191  -0.0127 -0.1210 32 VAL A C   
195 O O   . VAL A 32 ? 0.5672 0.7354 0.5345 0.1214  -0.0143 -0.1230 32 VAL A O   
196 C CB  . VAL A 32 ? 0.5818 0.7961 0.5502 0.1379  -0.0177 -0.1386 32 VAL A CB  
197 C CG1 . VAL A 32 ? 0.5772 0.8252 0.5419 0.1442  -0.0175 -0.1368 32 VAL A CG1 
198 C CG2 . VAL A 32 ? 0.4758 0.6974 0.4497 0.1503  -0.0246 -0.1575 32 VAL A CG2 
199 N N   . GLU A 33 ? 0.6409 0.7980 0.6014 0.1065  -0.0061 -0.1042 33 GLU A N   
200 C CA  . GLU A 33 ? 0.5855 0.7341 0.5401 0.0951  -0.0014 -0.0887 33 GLU A CA  
201 C C   . GLU A 33 ? 0.6201 0.7348 0.5775 0.0913  -0.0033 -0.0917 33 GLU A C   
202 O O   . GLU A 33 ? 0.6511 0.7675 0.6065 0.0885  -0.0031 -0.0871 33 GLU A O   
203 C CB  . GLU A 33 ? 0.7291 0.8670 0.6785 0.0818  0.0056  -0.0718 33 GLU A CB  
204 C CG  . GLU A 33 ? 0.9205 1.0926 0.8691 0.0833  0.0087  -0.0652 33 GLU A CG  
205 C CD  . GLU A 33 ? 1.0408 1.2052 0.9856 0.0690  0.0161  -0.0458 33 GLU A CD  
206 O OE1 . GLU A 33 ? 1.0075 1.1478 0.9479 0.0590  0.0180  -0.0373 33 GLU A OE1 
207 O OE2 . GLU A 33 ? 1.1132 1.2958 1.0600 0.0675  0.0200  -0.0391 33 GLU A OE2 
208 N N   . LYS A 34 ? 0.6015 0.6856 0.5647 0.0910  -0.0051 -0.0981 34 LYS A N   
209 C CA  . LYS A 34 ? 0.6776 0.7309 0.6466 0.0887  -0.0072 -0.1010 34 LYS A CA  
210 C C   . LYS A 34 ? 0.7020 0.7699 0.6784 0.0983  -0.0124 -0.1128 34 LYS A C   
211 O O   . LYS A 34 ? 0.6284 0.6881 0.6054 0.0937  -0.0116 -0.1084 34 LYS A O   
212 C CB  . LYS A 34 ? 0.6490 0.6738 0.6257 0.0904  -0.0098 -0.1070 34 LYS A CB  
213 C CG  . LYS A 34 ? 0.6326 0.6232 0.6160 0.0865  -0.0109 -0.1060 34 LYS A CG  
214 C CD  . LYS A 34 ? 0.7104 0.6800 0.7056 0.0924  -0.0158 -0.1142 34 LYS A CD  
215 C CE  . LYS A 34 ? 0.8127 0.7507 0.8163 0.0891  -0.0169 -0.1116 34 LYS A CE  
216 N NZ  . LYS A 34 ? 0.7625 0.6793 0.7793 0.0950  -0.0224 -0.1173 34 LYS A NZ  
217 N N   . ALA A 35 ? 0.6326 0.7229 0.6147 0.1117  -0.0176 -0.1275 35 ALA A N   
218 C CA  . ALA A 35 ? 0.6831 0.7885 0.6726 0.1219  -0.0222 -0.1394 35 ALA A CA  
219 C C   . ALA A 35 ? 0.6737 0.8025 0.6550 0.1195  -0.0188 -0.1297 35 ALA A C   
220 O O   . ALA A 35 ? 0.5457 0.6762 0.5321 0.1217  -0.0200 -0.1322 35 ALA A O   
221 C CB  . ALA A 35 ? 0.7317 0.8585 0.7268 0.1370  -0.0283 -0.1570 35 ALA A CB  
222 N N   . GLU A 36 ? 0.5740 0.7228 0.5443 0.1153  -0.0145 -0.1178 36 GLU A N   
223 C CA  . GLU A 36 ? 0.5396 0.7116 0.5029 0.1134  -0.0120 -0.1066 36 GLU A CA  
224 C C   . GLU A 36 ? 0.6479 0.7956 0.6089 0.1000  -0.0089 -0.0941 36 GLU A C   
225 O O   . GLU A 36 ? 0.6364 0.7926 0.5977 0.1002  -0.0091 -0.0911 36 GLU A O   
226 C CB  . GLU A 36 ? 0.6160 0.8155 0.5712 0.1120  -0.0086 -0.0954 36 GLU A CB  
227 C CG  . GLU A 36 ? 0.7076 0.9437 0.6642 0.1275  -0.0118 -0.1068 36 GLU A CG  
228 C CD  . GLU A 36 ? 0.8501 1.1112 0.8021 0.1264  -0.0086 -0.0973 36 GLU A CD  
229 O OE1 . GLU A 36 ? 0.9614 1.2512 0.9147 0.1387  -0.0110 -0.1070 36 GLU A OE1 
230 O OE2 . GLU A 36 ? 0.9208 1.1737 0.8688 0.1135  -0.0037 -0.0805 36 GLU A OE2 
231 N N   . ILE A 37 ? 0.6517 0.7686 0.6101 0.0885  -0.0061 -0.0869 37 ILE A N   
232 C CA  . ILE A 37 ? 0.6415 0.7332 0.5974 0.0761  -0.0035 -0.0764 37 ILE A CA  
233 C C   . ILE A 37 ? 0.6760 0.7537 0.6430 0.0799  -0.0068 -0.0863 37 ILE A C   
234 O O   . ILE A 37 ? 0.5894 0.6648 0.5562 0.0746  -0.0059 -0.0800 37 ILE A O   
235 C CB  . ILE A 37 ? 0.6392 0.7007 0.5898 0.0645  0.0003  -0.0679 37 ILE A CB  
236 C CG1 . ILE A 37 ? 0.5580 0.6365 0.4998 0.0600  0.0041  -0.0566 37 ILE A CG1 
237 C CG2 . ILE A 37 ? 0.7061 0.7409 0.6533 0.0524  0.0025  -0.0585 37 ILE A CG2 
238 C CD1 . ILE A 37 ? 0.6444 0.6951 0.5795 0.0468  0.0090  -0.0448 37 ILE A CD1 
239 N N   . MET A 38 ? 0.5705 0.6395 0.5490 0.0890  -0.0110 -0.1013 38 MET A N   
240 C CA  . MET A 38 ? 0.6169 0.6756 0.6099 0.0936  -0.0145 -0.1108 38 MET A CA  
241 C C   . MET A 38 ? 0.6901 0.7763 0.6863 0.1009  -0.0159 -0.1148 38 MET A C   
242 O O   . MET A 38 ? 0.6060 0.6867 0.6100 0.0987  -0.0158 -0.1137 38 MET A O   
243 C CB  . MET A 38 ? 0.5605 0.6077 0.5670 0.1031  -0.0198 -0.1259 38 MET A CB  
244 C CG  . MET A 38 ? 0.6765 0.6950 0.6806 0.0962  -0.0182 -0.1206 38 MET A CG  
245 S SD  . MET A 38 ? 0.8247 0.8328 0.8448 0.1082  -0.0256 -0.1373 38 MET A SD  
246 C CE  . MET A 38 ? 0.8571 0.8365 0.8957 0.1066  -0.0282 -0.1380 38 MET A CE  
247 N N   . GLU A 39 ? 0.6537 0.7710 0.6446 0.1101  -0.0168 -0.1188 39 GLU A N   
248 C CA  . GLU A 39 ? 0.6294 0.7741 0.6215 0.1175  -0.0173 -0.1205 39 GLU A CA  
249 C C   . GLU A 39 ? 0.5675 0.7153 0.5505 0.1060  -0.0129 -0.1019 39 GLU A C   
250 O O   . GLU A 39 ? 0.5502 0.7044 0.5379 0.1066  -0.0126 -0.1003 39 GLU A O   
251 C CB  . GLU A 39 ? 0.7356 0.9142 0.7227 0.1302  -0.0191 -0.1275 39 GLU A CB  
252 C CG  . GLU A 39 ? 0.9673 1.1462 0.9650 0.1437  -0.0249 -0.1486 39 GLU A CG  
253 C CD  . GLU A 39 ? 1.1559 1.3616 1.1460 0.1529  -0.0262 -0.1538 39 GLU A CD  
254 O OE1 . GLU A 39 ? 1.1308 1.3624 1.1098 0.1520  -0.0228 -0.1420 39 GLU A OE1 
255 O OE2 . GLU A 39 ? 1.2873 1.4894 1.2837 0.1612  -0.0308 -0.1691 39 GLU A OE2 
256 N N   . GLN A 40 ? 0.5099 0.6531 0.4804 0.0949  -0.0094 -0.0872 40 GLN A N   
257 C CA  . GLN A 40 ? 0.6068 0.7490 0.5692 0.0828  -0.0062 -0.0693 40 GLN A CA  
258 C C   . GLN A 40 ? 0.5897 0.7041 0.5584 0.0741  -0.0055 -0.0677 40 GLN A C   
259 O O   . GLN A 40 ? 0.5881 0.7073 0.5563 0.0692  -0.0042 -0.0591 40 GLN A O   
260 C CB  . GLN A 40 ? 0.6260 0.7650 0.5760 0.0722  -0.0033 -0.0547 40 GLN A CB  
261 C CG  . GLN A 40 ? 0.7491 0.9200 0.6948 0.0803  -0.0035 -0.0539 40 GLN A CG  
262 C CD  . GLN A 40 ? 0.8463 1.0183 0.7827 0.0696  -0.0005 -0.0373 40 GLN A CD  
263 O OE1 . GLN A 40 ? 0.8555 1.0158 0.7860 0.0571  0.0014  -0.0231 40 GLN A OE1 
264 N NE2 . GLN A 40 ? 0.8023 0.9894 0.7380 0.0742  0.0002  -0.0389 40 GLN A NE2 
265 N N   . ILE A 41 ? 0.5608 0.6467 0.5361 0.0722  -0.0062 -0.0749 41 ILE A N   
266 C CA  . ILE A 41 ? 0.6227 0.6849 0.6070 0.0658  -0.0059 -0.0743 41 ILE A CA  
267 C C   . ILE A 41 ? 0.6652 0.7410 0.6646 0.0746  -0.0080 -0.0832 41 ILE A C   
268 O O   . ILE A 41 ? 0.5450 0.6171 0.5487 0.0682  -0.0064 -0.0765 41 ILE A O   
269 C CB  . ILE A 41 ? 0.6384 0.6707 0.6290 0.0649  -0.0069 -0.0805 41 ILE A CB  
270 C CG1 . ILE A 41 ? 0.6468 0.6631 0.6222 0.0543  -0.0034 -0.0694 41 ILE A CG1 
271 C CG2 . ILE A 41 ? 0.5293 0.5422 0.5336 0.0614  -0.0072 -0.0813 41 ILE A CG2 
272 C CD1 . ILE A 41 ? 0.6795 0.6659 0.6592 0.0530  -0.0036 -0.0728 41 ILE A CD1 
273 N N   . LYS A 42 ? 0.5617 0.6530 0.5701 0.0892  -0.0116 -0.0985 42 LYS A N   
274 C CA  . LYS A 42 ? 0.5439 0.6496 0.5672 0.0986  -0.0136 -0.1077 42 LYS A CA  
275 C C   . LYS A 42 ? 0.5295 0.6577 0.5453 0.0960  -0.0105 -0.0961 42 LYS A C   
276 O O   . LYS A 42 ? 0.4513 0.5834 0.4784 0.0963  -0.0096 -0.0957 42 LYS A O   
277 C CB  . LYS A 42 ? 0.4928 0.6140 0.5236 0.1152  -0.0183 -0.1262 42 LYS A CB  
278 C CG  . LYS A 42 ? 0.6372 0.7370 0.6803 0.1196  -0.0227 -0.1392 42 LYS A CG  
279 C CD  . LYS A 42 ? 0.7545 0.8699 0.8095 0.1366  -0.0284 -0.1591 42 LYS A CD  
280 C CE  . LYS A 42 ? 0.9102 1.0496 0.9503 0.1444  -0.0292 -0.1629 42 LYS A CE  
281 N NZ  . LYS A 42 ? 0.8647 1.0132 0.9151 0.1603  -0.0357 -0.1839 42 LYS A NZ  
282 N N   . GLU A 43 ? 0.4338 0.5787 0.4323 0.0939  -0.0088 -0.0856 43 GLU A N   
283 C CA  . GLU A 43 ? 0.4389 0.6065 0.4302 0.0921  -0.0064 -0.0724 43 GLU A CA  
284 C C   . GLU A 43 ? 0.4374 0.5884 0.4258 0.0758  -0.0034 -0.0564 43 GLU A C   
285 O O   . GLU A 43 ? 0.4899 0.6516 0.4816 0.0742  -0.0017 -0.0492 43 GLU A O   
286 C CB  . GLU A 43 ? 0.4271 0.6175 0.4031 0.0943  -0.0062 -0.0642 43 GLU A CB  
287 C CG  . GLU A 43 ? 0.5672 0.7864 0.5454 0.1126  -0.0088 -0.0776 43 GLU A CG  
288 C CD  . GLU A 43 ? 0.7313 0.9686 0.6977 0.1153  -0.0090 -0.0731 43 GLU A CD  
289 O OE1 . GLU A 43 ? 0.8488 1.0942 0.8176 0.1264  -0.0115 -0.0876 43 GLU A OE1 
290 O OE2 . GLU A 43 ? 0.7267 0.9714 0.6828 0.1065  -0.0068 -0.0547 43 GLU A OE2 
291 N N   . VAL A 44 ? 0.4863 0.6116 0.4683 0.0638  -0.0024 -0.0504 44 VAL A N   
292 C CA  . VAL A 44 ? 0.5914 0.6987 0.5702 0.0486  0.0000  -0.0370 44 VAL A CA  
293 C C   . VAL A 44 ? 0.6278 0.7262 0.6247 0.0493  0.0002  -0.0434 44 VAL A C   
294 O O   . VAL A 44 ? 0.5060 0.6071 0.5047 0.0418  0.0023  -0.0332 44 VAL A O   
295 C CB  . VAL A 44 ? 0.5984 0.6783 0.5674 0.0372  0.0008  -0.0316 44 VAL A CB  
296 C CG1 . VAL A 44 ? 0.5283 0.5897 0.4940 0.0220  0.0029  -0.0192 44 VAL A CG1 
297 C CG2 . VAL A 44 ? 0.5244 0.6152 0.4782 0.0354  0.0011  -0.0234 44 VAL A CG2 
298 N N   . TYR A 45 ? 0.5007 0.5894 0.5128 0.0581  -0.0021 -0.0597 45 TYR A N   
299 C CA  . TYR A 45 ? 0.5224 0.6052 0.5557 0.0595  -0.0022 -0.0653 45 TYR A CA  
300 C C   . TYR A 45 ? 0.5834 0.6925 0.6257 0.0671  -0.0015 -0.0670 45 TYR A C   
301 O O   . TYR A 45 ? 0.5703 0.6799 0.6251 0.0628  0.0007  -0.0624 45 TYR A O   
302 C CB  . TYR A 45 ? 0.5190 0.5868 0.5687 0.0683  -0.0059 -0.0816 45 TYR A CB  
303 C CG  . TYR A 45 ? 0.5957 0.6334 0.6432 0.0594  -0.0056 -0.0779 45 TYR A CG  
304 C CD1 . TYR A 45 ? 0.5898 0.6133 0.6368 0.0466  -0.0026 -0.0660 45 TYR A CD1 
305 C CD2 . TYR A 45 ? 0.5283 0.5521 0.5745 0.0643  -0.0083 -0.0860 45 TYR A CD2 
306 C CE1 . TYR A 45 ? 0.5936 0.5897 0.6379 0.0395  -0.0022 -0.0625 45 TYR A CE1 
307 C CE2 . TYR A 45 ? 0.4893 0.4854 0.5332 0.0570  -0.0076 -0.0815 45 TYR A CE2 
308 C CZ  . TYR A 45 ? 0.6707 0.6530 0.7135 0.0451  -0.0045 -0.0702 45 TYR A CZ  
309 O OH  . TYR A 45 ? 0.6655 0.6205 0.7051 0.0390  -0.0037 -0.0660 45 TYR A OH  
310 N N   . ALA A 46 ? 0.5061 0.6381 0.5430 0.0789  -0.0030 -0.0730 46 ALA A N   
311 C CA  . ALA A 46 ? 0.4590 0.6173 0.5014 0.0867  -0.0018 -0.0730 46 ALA A CA  
312 C C   . ALA A 46 ? 0.5252 0.6911 0.5578 0.0747  0.0024  -0.0519 46 ALA A C   
313 O O   . ALA A 46 ? 0.4598 0.6355 0.5031 0.0745  0.0049  -0.0479 46 ALA A O   
314 C CB  . ALA A 46 ? 0.4693 0.6518 0.5035 0.1011  -0.0039 -0.0810 46 ALA A CB  
315 N N   . GLU A 47 ? 0.5630 0.7254 0.5756 0.0648  0.0029  -0.0379 47 GLU A N   
316 C CA  . GLU A 47 ? 0.5278 0.6952 0.5308 0.0524  0.0057  -0.0172 47 GLU A CA  
317 C C   . GLU A 47 ? 0.5543 0.7021 0.5669 0.0399  0.0080  -0.0119 47 GLU A C   
318 O O   . GLU A 47 ? 0.5331 0.6901 0.5492 0.0342  0.0108  -0.0005 47 GLU A O   
319 C CB  . GLU A 47 ? 0.5736 0.7386 0.5557 0.0439  0.0050  -0.0040 47 GLU A CB  
320 C CG  . GLU A 47 ? 0.6493 0.8166 0.6213 0.0299  0.0067  0.0181  47 GLU A CG  
321 C CD  . GLU A 47 ? 0.6725 0.8386 0.6264 0.0220  0.0052  0.0312  47 GLU A CD  
322 O OE1 . GLU A 47 ? 0.5685 0.7377 0.5179 0.0287  0.0035  0.0243  47 GLU A OE1 
323 O OE2 . GLU A 47 ? 0.6275 0.7897 0.5728 0.0087  0.0054  0.0489  47 GLU A OE2 
324 N N   . ALA A 48 ? 0.4762 0.5981 0.4934 0.0355  0.0070  -0.0192 48 ALA A N   
325 C CA  . ALA A 48 ? 0.5659 0.6710 0.5948 0.0253  0.0090  -0.0154 48 ALA A CA  
326 C C   . ALA A 48 ? 0.5981 0.7165 0.6506 0.0319  0.0106  -0.0209 48 ALA A C   
327 O O   . ALA A 48 ? 0.5332 0.6522 0.5931 0.0225  0.0138  -0.0105 48 ALA A O   
328 C CB  . ALA A 48 ? 0.3912 0.4692 0.4245 0.0239  0.0073  -0.0244 48 ALA A CB  
329 N N   . LYS A 49 ? 0.5193 0.6484 0.5853 0.0478  0.0084  -0.0375 49 LYS A N   
330 C CA  . LYS A 49 ? 0.4430 0.5862 0.5329 0.0554  0.0099  -0.0440 49 LYS A CA  
331 C C   . LYS A 49 ? 0.4789 0.6454 0.5633 0.0535  0.0138  -0.0303 49 LYS A C   
332 O O   . LYS A 49 ? 0.4822 0.6554 0.5826 0.0501  0.0174  -0.0249 49 LYS A O   
333 C CB  . LYS A 49 ? 0.4183 0.5686 0.5204 0.0736  0.0059  -0.0651 49 LYS A CB  
334 C CG  . LYS A 49 ? 0.4968 0.6601 0.6262 0.0822  0.0070  -0.0735 49 LYS A CG  
335 C CD  . LYS A 49 ? 0.5189 0.6969 0.6548 0.1011  0.0034  -0.0923 49 LYS A CD  
336 C CE  . LYS A 49 ? 0.7113 0.8732 0.8548 0.1089  -0.0029 -0.1100 49 LYS A CE  
337 N NZ  . LYS A 49 ? 0.8297 1.0056 0.9828 0.1272  -0.0069 -0.1295 49 LYS A NZ  
338 N N   . GLY A 50 ? 0.5086 0.6888 0.5717 0.0563  0.0132  -0.0240 50 GLY A N   
339 C CA  . GLY A 50 ? 0.3859 0.5874 0.4420 0.0537  0.0167  -0.0077 50 GLY A CA  
340 C C   . GLY A 50 ? 0.4194 0.6115 0.4719 0.0349  0.0198  0.0120  50 GLY A C   
341 O O   . GLY A 50 ? 0.3896 0.5951 0.4487 0.0312  0.0237  0.0235  50 GLY A O   
342 N N   . ASN A 51 ? 0.4051 0.6138 0.3648 -0.0270 0.0601  -0.0150 51 ASN A N   
343 C CA  . ASN A 51 ? 0.5003 0.7194 0.4662 -0.0233 0.0558  -0.0029 51 ASN A CA  
344 C C   . ASN A 51 ? 0.4816 0.7115 0.4820 -0.0202 0.0513  0.0075  51 ASN A C   
345 O O   . ASN A 51 ? 0.5411 0.7772 0.5499 -0.0188 0.0473  0.0176  51 ASN A O   
346 C CB  . ASN A 51 ? 0.4995 0.7183 0.4351 -0.0201 0.0478  0.0042  51 ASN A CB  
347 C CG  . ASN A 51 ? 0.4967 0.7020 0.3955 -0.0229 0.0495  -0.0028 51 ASN A CG  
348 O OD1 . ASN A 51 ? 0.6446 0.8421 0.5392 -0.0289 0.0577  -0.0118 51 ASN A OD1 
349 N ND2 . ASN A 51 ? 0.5419 0.7436 0.4134 -0.0190 0.0424  0.0014  51 ASN A ND2 
350 N N   . GLY A 52 ? 0.5323 0.7623 0.5494 -0.0202 0.0507  0.0061  52 GLY A N   
351 C CA  . GLY A 52 ? 0.3924 0.6286 0.4376 -0.0186 0.0453  0.0163  52 GLY A CA  
352 C C   . GLY A 52 ? 0.5061 0.7479 0.5437 -0.0183 0.0380  0.0259  52 GLY A C   
353 O O   . GLY A 52 ? 0.4455 0.6904 0.5003 -0.0189 0.0329  0.0363  52 GLY A O   
354 N N   . PHE A 53 ? 0.4603 0.7029 0.4738 -0.0179 0.0372  0.0226  53 PHE A N   
355 C CA  . PHE A 53 ? 0.5123 0.7639 0.5225 -0.0177 0.0323  0.0300  53 PHE A CA  
356 C C   . PHE A 53 ? 0.4966 0.7491 0.5170 -0.0208 0.0316  0.0250  53 PHE A C   
357 O O   . PHE A 53 ? 0.4538 0.6973 0.4751 -0.0229 0.0344  0.0147  53 PHE A O   
358 C CB  . PHE A 53 ? 0.5040 0.7584 0.4867 -0.0139 0.0306  0.0300  53 PHE A CB  
359 C CG  . PHE A 53 ? 0.4589 0.7098 0.4267 -0.0121 0.0311  0.0346  53 PHE A CG  
360 C CD1 . PHE A 53 ? 0.5312 0.7851 0.5053 -0.0133 0.0290  0.0463  53 PHE A CD1 
361 C CD2 . PHE A 53 ? 0.5126 0.7546 0.4573 -0.0109 0.0327  0.0274  53 PHE A CD2 
362 C CE1 . PHE A 53 ? 0.5354 0.7847 0.4942 -0.0130 0.0283  0.0508  53 PHE A CE1 
363 C CE2 . PHE A 53 ? 0.6259 0.8639 0.5555 -0.0105 0.0329  0.0316  53 PHE A CE2 
364 C CZ  . PHE A 53 ? 0.5228 0.7652 0.4605 -0.0115 0.0306  0.0432  53 PHE A CZ  
365 N N   . ASP A 54 ? 0.4726 0.7348 0.4995 -0.0225 0.0283  0.0325  54 ASP A N   
366 C CA  . ASP A 54 ? 0.5230 0.7883 0.5612 -0.0271 0.0267  0.0296  54 ASP A CA  
367 C C   . ASP A 54 ? 0.4961 0.7694 0.5207 -0.0253 0.0239  0.0242  54 ASP A C   
368 O O   . ASP A 54 ? 0.5043 0.7904 0.5248 -0.0227 0.0228  0.0291  54 ASP A O   
369 C CB  . ASP A 54 ? 0.5596 0.8310 0.6127 -0.0321 0.0250  0.0403  54 ASP A CB  
370 C CG  . ASP A 54 ? 0.7084 0.9819 0.7737 -0.0388 0.0234  0.0374  54 ASP A CG  
371 O OD1 . ASP A 54 ? 0.7730 1.0571 0.8340 -0.0393 0.0219  0.0331  54 ASP A OD1 
372 O OD2 . ASP A 54 ? 0.8089 1.0728 0.8887 -0.0435 0.0228  0.0394  54 ASP A OD2 
373 N N   . VAL A 55 ? 0.5011 0.7656 0.5185 -0.0269 0.0225  0.0138  55 VAL A N   
374 C CA  . VAL A 55 ? 0.4403 0.7092 0.4443 -0.0249 0.0165  0.0088  55 VAL A CA  
375 C C   . VAL A 55 ? 0.5507 0.8395 0.5704 -0.0262 0.0127  0.0135  55 VAL A C   
376 O O   . VAL A 55 ? 0.6905 0.9916 0.7062 -0.0207 0.0093  0.0141  55 VAL A O   
377 C CB  . VAL A 55 ? 0.4737 0.7256 0.4661 -0.0299 0.0144  -0.0022 55 VAL A CB  
378 C CG1 . VAL A 55 ? 0.4122 0.6673 0.3929 -0.0294 0.0038  -0.0064 55 VAL A CG1 
379 C CG2 . VAL A 55 ? 0.4956 0.7297 0.4698 -0.0292 0.0204  -0.0082 55 VAL A CG2 
380 N N   . LYS A 56 ? 0.4691 0.7617 0.5081 -0.0335 0.0140  0.0166  56 LYS A N   
381 C CA  . LYS A 56 ? 0.4739 0.7865 0.5293 -0.0372 0.0119  0.0204  56 LYS A CA  
382 C C   . LYS A 56 ? 0.5207 0.8486 0.5771 -0.0329 0.0163  0.0279  56 LYS A C   
383 O O   . LYS A 56 ? 0.5227 0.8685 0.5839 -0.0296 0.0150  0.0268  56 LYS A O   
384 C CB  . LYS A 56 ? 0.6253 0.9346 0.6971 -0.0476 0.0131  0.0233  56 LYS A CB  
385 C CG  . LYS A 56 ? 0.8176 1.1474 0.9066 -0.0547 0.0124  0.0271  56 LYS A CG  
386 C CD  . LYS A 56 ? 0.9248 1.2461 1.0254 -0.0664 0.0115  0.0283  56 LYS A CD  
387 C CE  . LYS A 56 ? 0.9822 1.3199 1.0973 -0.0759 0.0143  0.0357  56 LYS A CE  
388 N NZ  . LYS A 56 ? 0.9931 1.3188 1.1162 -0.0883 0.0126  0.0373  56 LYS A NZ  
389 N N   . VAL A 57 ? 0.4587 0.7786 0.5108 -0.0330 0.0213  0.0351  57 VAL A N   
390 C CA  . VAL A 57 ? 0.4903 0.8191 0.5370 -0.0307 0.0261  0.0423  57 VAL A CA  
391 C C   . VAL A 57 ? 0.5442 0.8753 0.5744 -0.0202 0.0254  0.0380  57 VAL A C   
392 O O   . VAL A 57 ? 0.5793 0.9233 0.6083 -0.0169 0.0290  0.0395  57 VAL A O   
393 C CB  . VAL A 57 ? 0.5040 0.8193 0.5465 -0.0340 0.0283  0.0514  57 VAL A CB  
394 C CG1 . VAL A 57 ? 0.5417 0.8624 0.5743 -0.0349 0.0332  0.0594  57 VAL A CG1 
395 C CG2 . VAL A 57 ? 0.5674 0.8758 0.6257 -0.0433 0.0267  0.0551  57 VAL A CG2 
396 N N   . LEU A 58 ? 0.5090 0.8260 0.5248 -0.0153 0.0217  0.0323  58 LEU A N   
397 C CA  . LEU A 58 ? 0.4497 0.7645 0.4461 -0.0060 0.0196  0.0286  58 LEU A CA  
398 C C   . LEU A 58 ? 0.5915 0.9210 0.5954 -0.0014 0.0143  0.0232  58 LEU A C   
399 O O   . LEU A 58 ? 0.6079 0.9455 0.6072 0.0062  0.0151  0.0231  58 LEU A O   
400 C CB  . LEU A 58 ? 0.3863 0.6809 0.3636 -0.0046 0.0168  0.0230  58 LEU A CB  
401 C CG  . LEU A 58 ? 0.4583 0.7413 0.4286 -0.0063 0.0218  0.0277  58 LEU A CG  
402 C CD1 . LEU A 58 ? 0.5140 0.7798 0.4643 -0.0053 0.0212  0.0208  58 LEU A CD1 
403 C CD2 . LEU A 58 ? 0.5013 0.7890 0.4631 -0.0032 0.0248  0.0356  58 LEU A CD2 
404 N N   . LYS A 59 ? 0.5946 0.9267 0.6104 -0.0059 0.0081  0.0183  59 LYS A N   
405 C CA  . LYS A 59 ? 0.5823 0.9314 0.6120 -0.0027 0.0009  0.0141  59 LYS A CA  
406 C C   . LYS A 59 ? 0.6352 1.0098 0.6865 -0.0025 0.0082  0.0179  59 LYS A C   
407 O O   . LYS A 59 ? 0.6690 1.0587 0.7283 0.0058  0.0063  0.0149  59 LYS A O   
408 C CB  . LYS A 59 ? 0.5692 0.9165 0.6092 -0.0111 -0.0067 0.0097  59 LYS A CB  
409 C CG  . LYS A 59 ? 0.5519 0.8723 0.5675 -0.0129 -0.0124 0.0039  59 LYS A CG  
410 C CD  . LYS A 59 ? 0.6246 0.9404 0.6480 -0.0232 -0.0181 -0.0002 59 LYS A CD  
411 C CE  . LYS A 59 ? 0.6190 0.9076 0.6149 -0.0262 -0.0246 -0.0078 59 LYS A CE  
412 N NZ  . LYS A 59 ? 0.5727 0.8551 0.5741 -0.0374 -0.0301 -0.0120 59 LYS A NZ  
413 N N   . LYS A 60 ? 0.7243 1.1029 0.7854 -0.0119 0.0170  0.0243  60 LYS A N   
414 C CA  . LYS A 60 ? 0.7231 1.1230 0.7998 -0.0144 0.0263  0.0278  60 LYS A CA  
415 C C   . LYS A 60 ? 0.6654 1.0642 0.7264 -0.0055 0.0332  0.0292  60 LYS A C   
416 O O   . LYS A 60 ? 0.7584 1.1764 0.8313 -0.0014 0.0390  0.0266  60 LYS A O   
417 C CB  . LYS A 60 ? 0.6416 1.0388 0.7239 -0.0280 0.0331  0.0354  60 LYS A CB  
418 C CG  . LYS A 60 ? 0.7184 1.1352 0.8130 -0.0344 0.0441  0.0386  60 LYS A CG  
419 C CD  . LYS A 60 ? 0.8147 1.2221 0.9071 -0.0490 0.0494  0.0477  60 LYS A CD  
420 C CE  . LYS A 60 ? 0.9065 1.3308 1.0054 -0.0577 0.0622  0.0502  60 LYS A CE  
421 N NZ  . LYS A 60 ? 0.9852 1.3934 1.0722 -0.0725 0.0665  0.0608  60 LYS A NZ  
422 N N   . VAL A 61 ? 0.7002 1.0770 0.7355 -0.0028 0.0332  0.0325  61 VAL A N   
423 C CA  . VAL A 61 ? 0.6592 1.0306 0.6746 0.0046  0.0388  0.0341  61 VAL A CA  
424 C C   . VAL A 61 ? 0.7028 1.0797 0.7168 0.0179  0.0335  0.0261  61 VAL A C   
425 O O   . VAL A 61 ? 0.6225 1.0089 0.6374 0.0244  0.0402  0.0243  61 VAL A O   
426 C CB  . VAL A 61 ? 0.6783 1.0249 0.6677 0.0037  0.0375  0.0390  61 VAL A CB  
427 C CG1 . VAL A 61 ? 0.7146 1.0509 0.6787 0.0133  0.0382  0.0377  61 VAL A CG1 
428 C CG2 . VAL A 61 ? 0.5949 0.9363 0.5838 -0.0073 0.0433  0.0489  61 VAL A CG2 
429 N N   . VAL A 62 ? 0.7190 1.0882 0.7304 0.0220  0.0211  0.0207  62 VAL A N   
430 C CA  . VAL A 62 ? 0.6577 1.0269 0.6649 0.0346  0.0122  0.0139  62 VAL A CA  
431 C C   . VAL A 62 ? 0.6495 1.0479 0.6903 0.0388  0.0121  0.0096  62 VAL A C   
432 O O   . VAL A 62 ? 0.6022 1.0075 0.6465 0.0509  0.0114  0.0053  62 VAL A O   
433 C CB  . VAL A 62 ? 0.6364 0.9864 0.6285 0.0343  -0.0019 0.0099  62 VAL A CB  
434 C CG1 . VAL A 62 ? 0.6151 0.9635 0.6039 0.0460  -0.0150 0.0038  62 VAL A CG1 
435 C CG2 . VAL A 62 ? 0.5620 0.8853 0.5224 0.0310  0.0005  0.0126  62 VAL A CG2 
436 N N   . ARG A 63 ? 0.6423 1.0586 0.7103 0.0287  0.0132  0.0102  63 ARG A N   
437 C CA  . ARG A 63 ? 0.6341 1.0823 0.7388 0.0305  0.0146  0.0060  63 ARG A CA  
438 C C   . ARG A 63 ? 0.6671 1.1304 0.7791 0.0323  0.0323  0.0065  63 ARG A C   
439 O O   . ARG A 63 ? 0.6098 1.0934 0.7431 0.0422  0.0345  0.0003  63 ARG A O   
440 C CB  . ARG A 63 ? 0.5586 1.0201 0.6868 0.0166  0.0127  0.0071  63 ARG A CB  
441 C CG  . ARG A 63 ? 0.6249 1.1207 0.7898 0.0113  0.0228  0.0056  63 ARG A CG  
442 C CD  . ARG A 63 ? 0.6902 1.1942 0.8722 -0.0053 0.0217  0.0082  63 ARG A CD  
443 N NE  . ARG A 63 ? 0.7156 1.1951 0.8801 -0.0097 0.0088  0.0094  63 ARG A NE  
444 C CZ  . ARG A 63 ? 0.7879 1.2473 0.9362 -0.0202 0.0124  0.0150  63 ARG A CZ  
445 N NH1 . ARG A 63 ? 0.8365 1.2962 0.9823 -0.0282 0.0261  0.0213  63 ARG A NH1 
446 N NH2 . ARG A 63 ? 0.6812 1.1188 0.8152 -0.0232 0.0023  0.0138  63 ARG A NH2 
447 N N   . ILE A 64 ? 0.6403 1.0926 0.7342 0.0226  0.0449  0.0136  64 ILE A N   
448 C CA  . ILE A 64 ? 0.6602 1.1210 0.7530 0.0215  0.0626  0.0144  64 ILE A CA  
449 C C   . ILE A 64 ? 0.6416 1.0942 0.7183 0.0374  0.0638  0.0098  64 ILE A C   
450 O O   . ILE A 64 ? 0.6977 1.1670 0.7883 0.0432  0.0752  0.0042  64 ILE A O   
451 C CB  . ILE A 64 ? 0.7243 1.1677 0.7939 0.0072  0.0717  0.0245  64 ILE A CB  
452 C CG1 . ILE A 64 ? 0.7913 1.2419 0.8778 -0.0085 0.0710  0.0288  64 ILE A CG1 
453 C CG2 . ILE A 64 ? 0.7434 1.1890 0.8025 0.0045  0.0895  0.0254  64 ILE A CG2 
454 C CD1 . ILE A 64 ? 0.8453 1.3284 0.9692 -0.0125 0.0754  0.0229  64 ILE A CD1 
455 N N   . ARG A 65 ? 0.6171 1.0427 0.6636 0.0441  0.0531  0.0114  65 ARG A N   
456 C CA  . ARG A 65 ? 0.6006 1.0136 0.6273 0.0584  0.0530  0.0076  65 ARG A CA  
457 C C   . ARG A 65 ? 0.6739 1.1042 0.7270 0.0736  0.0447  -0.0020 65 ARG A C   
458 O O   . ARG A 65 ? 0.7479 1.1808 0.8013 0.0853  0.0513  -0.0074 65 ARG A O   
459 C CB  . ARG A 65 ? 0.5887 0.9690 0.5772 0.0599  0.0427  0.0113  65 ARG A CB  
460 C CG  . ARG A 65 ? 0.6347 1.0014 0.6074 0.0455  0.0457  0.0204  65 ARG A CG  
461 C CD  . ARG A 65 ? 0.5717 0.9110 0.5060 0.0458  0.0465  0.0249  65 ARG A CD  
462 N NE  . ARG A 65 ? 0.5884 0.9108 0.5029 0.0567  0.0353  0.0201  65 ARG A NE  
463 C CZ  . ARG A 65 ? 0.6911 0.9903 0.5713 0.0596  0.0357  0.0220  65 ARG A CZ  
464 N NH1 . ARG A 65 ? 0.7769 1.0690 0.6412 0.0525  0.0460  0.0287  65 ARG A NH1 
465 N NH2 . ARG A 65 ? 0.6783 0.9597 0.5381 0.0681  0.0250  0.0177  65 ARG A NH2 
466 N N   . LYS A 66 ? 0.7456 1.1863 0.8210 0.0737  0.0296  -0.0045 66 LYS A N   
467 C CA  . LYS A 66 ? 0.8233 1.2843 0.9311 0.0869  0.0196  -0.0128 66 LYS A CA  
468 C C   . LYS A 66 ? 0.8100 1.3062 0.9566 0.0878  0.0366  -0.0180 66 LYS A C   
469 O O   . LYS A 66 ? 0.8388 1.3462 1.0021 0.1028  0.0388  -0.0256 66 LYS A O   
470 C CB  . LYS A 66 ? 0.9008 1.3674 1.0256 0.0827  0.0004  -0.0133 66 LYS A CB  
471 C CG  . LYS A 66 ? 1.0449 1.4783 1.1359 0.0857  -0.0194 -0.0123 66 LYS A CG  
472 C CD  . LYS A 66 ? 1.0768 1.5122 1.1790 0.0764  -0.0351 -0.0123 66 LYS A CD  
473 C CE  . LYS A 66 ? 1.0048 1.4029 1.0641 0.0699  -0.0448 -0.0096 66 LYS A CE  
474 N NZ  . LYS A 66 ? 0.9099 1.3075 0.9748 0.0551  -0.0502 -0.0085 66 LYS A NZ  
475 N N   . GLN A 67 ? 0.7950 1.3078 0.9559 0.0713  0.0495  -0.0144 67 GLN A N   
476 C CA  . GLN A 67 ? 0.8244 1.3713 1.0215 0.0682  0.0678  -0.0197 67 GLN A CA  
477 C C   . GLN A 67 ? 0.8979 1.4380 1.0775 0.0735  0.0879  -0.0225 67 GLN A C   
478 O O   . GLN A 67 ? 0.9384 1.5002 1.1459 0.0845  0.0971  -0.0321 67 GLN A O   
479 C CB  . GLN A 67 ? 0.8147 1.3724 1.0203 0.0465  0.0768  -0.0139 67 GLN A CB  
480 C CG  . GLN A 67 ? 0.8156 1.3803 1.0396 0.0399  0.0588  -0.0122 67 GLN A CG  
481 C CD  . GLN A 67 ? 0.8567 1.4206 1.0776 0.0184  0.0658  -0.0048 67 GLN A CD  
482 O OE1 . GLN A 67 ? 0.7957 1.3488 0.9956 0.0082  0.0814  0.0006  67 GLN A OE1 
483 N NE2 . GLN A 67 ? 0.8811 1.4536 1.1209 0.0106  0.0532  -0.0043 67 GLN A NE2 
484 N N   . ASP A 68 ? 0.9604 1.4706 1.0953 0.0654  0.0949  -0.0145 68 ASP A N   
485 C CA  . ASP A 68 ? 1.0458 1.5442 1.1573 0.0686  0.1129  -0.0164 68 ASP A CA  
486 C C   . ASP A 68 ? 1.1367 1.6267 1.2445 0.0909  0.1062  -0.0244 68 ASP A C   
487 O O   . ASP A 68 ? 1.2108 1.7031 1.3179 0.0981  0.1224  -0.0313 68 ASP A O   
488 C CB  . ASP A 68 ? 0.9976 1.4623 1.0598 0.0560  0.1160  -0.0051 68 ASP A CB  
489 C CG  . ASP A 68 ? 0.9808 1.4507 1.0439 0.0341  0.1262  0.0026  68 ASP A CG  
490 O OD1 . ASP A 68 ? 0.9686 1.4680 1.0679 0.0274  0.1326  -0.0014 68 ASP A OD1 
491 O OD2 . ASP A 68 ? 1.0042 1.4481 1.0320 0.0230  0.1268  0.0126  68 ASP A OD2 
492 N N   . ARG A 69 ? 1.0924 1.5697 1.1952 0.1013  0.0827  -0.0237 69 ARG A N   
493 C CA  . ARG A 69 ? 1.0344 1.5038 1.1375 0.1228  0.0725  -0.0313 69 ARG A CA  
494 C C   . ARG A 69 ? 1.0012 1.5081 1.1613 0.1347  0.0713  -0.0421 69 ARG A C   
495 O O   . ARG A 69 ? 0.9900 1.5014 1.1627 0.1516  0.0761  -0.0512 69 ARG A O   
496 C CB  . ARG A 69 ? 1.0564 1.4975 1.1328 0.1273  0.0471  -0.0269 69 ARG A CB  
497 C CG  . ARG A 69 ? 1.1035 1.5110 1.1413 0.1405  0.0412  -0.0282 69 ARG A CG  
498 C CD  . ARG A 69 ? 1.0981 1.4769 1.1062 0.1406  0.0178  -0.0236 69 ARG A CD  
499 N NE  . ARG A 69 ? 1.0322 1.3942 1.0102 0.1230  0.0203  -0.0144 69 ARG A NE  
500 C CZ  . ARG A 69 ? 0.9630 1.3277 0.9467 0.1121  0.0107  -0.0106 69 ARG A CZ  
501 N NH1 . ARG A 69 ? 0.8337 1.2153 0.8484 0.1152  -0.0032 -0.0144 69 ARG A NH1 
502 N NH2 . ARG A 69 ? 0.9033 1.2527 0.8622 0.0980  0.0146  -0.0033 69 ARG A NH2 
503 N N   . ALA A 70 ? 1.0037 1.5382 1.2004 0.1260  0.0648  -0.0414 70 ALA A N   
504 C CA  . ALA A 70 ? 1.0035 1.5784 1.2601 0.1347  0.0630  -0.0510 70 ALA A CA  
505 C C   . ALA A 70 ? 1.0335 1.6372 1.3178 0.1326  0.0926  -0.0592 70 ALA A C   
506 O O   . ALA A 70 ? 1.0645 1.7006 1.3989 0.1452  0.0949  -0.0700 70 ALA A O   
507 C CB  . ALA A 70 ? 1.0004 1.5955 1.2845 0.1222  0.0495  -0.0474 70 ALA A CB  
508 N N   . LYS A 71 ? 1.0291 1.6216 1.2829 0.1166  0.1151  -0.0544 71 LYS A N   
509 C CA  . LYS A 71 ? 0.9886 1.6040 1.2616 0.1113  0.1455  -0.0625 71 LYS A CA  
510 C C   . LYS A 71 ? 0.9378 1.5362 1.1925 0.1278  0.1575  -0.0704 71 LYS A C   
511 O O   . LYS A 71 ? 0.9241 1.4991 1.1378 0.1198  0.1763  -0.0681 71 LYS A O   
512 C CB  . LYS A 71 ? 0.9441 1.5527 1.1912 0.0848  0.1630  -0.0536 71 LYS A CB  
513 C CG  . LYS A 71 ? 0.9586 1.6072 1.2510 0.0693  0.1727  -0.0563 71 LYS A CG  
514 C CD  . LYS A 71 ? 0.9854 1.6674 1.3342 0.0809  0.1528  -0.0624 71 LYS A CD  
515 C CE  . LYS A 71 ? 0.9880 1.7146 1.3963 0.0906  0.1687  -0.0781 71 LYS A CE  
516 N NZ  . LYS A 71 ? 0.9113 1.6658 1.3732 0.1076  0.1447  -0.0843 71 LYS A NZ  
517 N N   . ARG A 72 ? 0.9289 1.5381 1.2155 0.1515  0.1442  -0.0797 72 ARG A N   
518 C CA  . ARG A 72 ? 0.9404 1.5364 1.2203 0.1720  0.1517  -0.0896 72 ARG A CA  
519 C C   . ARG A 72 ? 0.9455 1.5808 1.2775 0.1779  0.1778  -0.1054 72 ARG A C   
520 O O   . ARG A 72 ? 0.9311 1.5670 1.2491 0.1653  0.2087  -0.1089 72 ARG A O   
521 C CB  . ARG A 72 ? 0.9368 1.5207 1.2242 0.1956  0.1206  -0.0912 72 ARG A CB  
522 C CG  . ARG A 72 ? 0.8443 1.4236 1.1303 0.1908  0.0892  -0.0812 72 ARG A CG  
523 C CD  . ARG A 72 ? 0.7641 1.3552 1.0903 0.2125  0.0619  -0.0874 72 ARG A CD  
524 N NE  . ARG A 72 ? 0.9276 1.5714 1.3259 0.2131  0.0645  -0.0952 72 ARG A NE  
525 C CZ  . ARG A 72 ? 1.0059 1.6704 1.4530 0.2297  0.0411  -0.1008 72 ARG A CZ  
526 N NH1 . ARG A 72 ? 1.0741 1.7080 1.5019 0.2470  0.0127  -0.0991 72 ARG A NH1 
527 N NH2 . ARG A 72 ? 0.9477 1.6630 1.4623 0.2280  0.0449  -0.1078 72 ARG A NH2 
# 
